data_3LE0
# 
_entry.id   3LE0 
# 
_audit_conform.dict_name       mmcif_pdbx.dic 
_audit_conform.dict_version    5.378 
_audit_conform.dict_location   http://mmcif.pdb.org/dictionaries/ascii/mmcif_pdbx.dic 
# 
loop_
_database_2.database_id 
_database_2.database_code 
_database_2.pdbx_database_accession 
_database_2.pdbx_DOI 
PDB   3LE0         pdb_00003le0 10.2210/pdb3le0/pdb 
RCSB  RCSB057160   ?            ?                   
WWPDB D_1000057160 ?            ?                   
# 
loop_
_pdbx_database_related.db_name 
_pdbx_database_related.db_id 
_pdbx_database_related.details 
_pdbx_database_related.content_type 
PDB 3LEG 'The same protein complexed with Lewis Y antigen' unspecified 
PDB 3LEI 'The same protein complexed with fucose'          unspecified 
PDB 3LEK 'The same protein complexed with Lewis B Antigen' unspecified 
# 
_pdbx_database_status.entry_id                        3LE0 
_pdbx_database_status.status_code                     REL 
_pdbx_database_status.deposit_site                    RCSB 
_pdbx_database_status.process_site                    RCSB 
_pdbx_database_status.recvd_initial_deposition_date   2010-01-13 
_pdbx_database_status.status_code_sf                  REL 
_pdbx_database_status.status_code_mr                  ? 
_pdbx_database_status.SG_entry                        ? 
_pdbx_database_status.status_code_cs                  ? 
_pdbx_database_status.pdb_format_compatible           Y 
_pdbx_database_status.methods_development_category    ? 
_pdbx_database_status.status_code_nmr_data            ? 
# 
_audit_author.name           'Feil, S.C.' 
_audit_author.pdbx_ordinal   1 
# 
_citation.id                        primary 
_citation.title                     
;Structure of the lectin regulatory domain of the cholesterol-dependent cytolysin lectinolysin reveals the basis for its lewis antigen specificity.
;
_citation.journal_abbrev            Structure 
_citation.journal_volume            20 
_citation.page_first                248 
_citation.page_last                 258 
_citation.year                      2012 
_citation.journal_id_ASTM           STRUE6 
_citation.country                   UK 
_citation.journal_id_ISSN           0969-2126 
_citation.journal_id_CSD            2005 
_citation.book_publisher            ? 
_citation.pdbx_database_id_PubMed   22325774 
_citation.pdbx_database_id_DOI      10.1016/j.str.2011.11.017 
# 
loop_
_citation_author.citation_id 
_citation_author.name 
_citation_author.ordinal 
_citation_author.identifier_ORCID 
primary 'Feil, S.C.'    1 ? 
primary 'Lawrence, S.'  2 ? 
primary 'Mulhern, T.D.' 3 ? 
primary 'Holien, J.K.'  4 ? 
primary 'Hotze, E.M.'   5 ? 
primary 'Farrand, S.'   6 ? 
primary 'Tweten, R.K.'  7 ? 
primary 'Parker, M.W.'  8 ? 
# 
_cell.entry_id           3LE0 
_cell.length_a           67.189 
_cell.length_b           67.189 
_cell.length_c           98.322 
_cell.angle_alpha        90.00 
_cell.angle_beta         90.00 
_cell.angle_gamma        90.00 
_cell.Z_PDB              8 
_cell.pdbx_unique_axis   ? 
_cell.length_a_esd       ? 
_cell.length_b_esd       ? 
_cell.length_c_esd       ? 
_cell.angle_alpha_esd    ? 
_cell.angle_beta_esd     ? 
_cell.angle_gamma_esd    ? 
# 
_symmetry.entry_id                         3LE0 
_symmetry.space_group_name_H-M             'P 43 21 2' 
_symmetry.pdbx_full_space_group_name_H-M   ? 
_symmetry.cell_setting                     ? 
_symmetry.Int_Tables_number                96 
_symmetry.space_group_name_Hall            ? 
# 
loop_
_entity.id 
_entity.type 
_entity.src_method 
_entity.pdbx_description 
_entity.formula_weight 
_entity.pdbx_number_of_molecules 
_entity.pdbx_ec 
_entity.pdbx_mutation 
_entity.pdbx_fragment 
_entity.details 
1 polymer     man 'Platelet aggregation factor Sm-hPAF' 16867.479 1   ? Q190C 
'Mutant of the lectin domain of lectinolysin, residues 44 to 185' ? 
2 non-polymer syn 'CALCIUM ION'                         40.078    1   ? ?     ? ? 
3 non-polymer syn 'NICKEL (II) ION'                     58.693    1   ? ?     ? ? 
4 non-polymer syn GLYCEROL                              92.094    1   ? ?     ? ? 
5 water       nat water                                 18.015    164 ? ?     ? ? 
# 
_entity_poly.entity_id                      1 
_entity_poly.type                           'polypeptide(L)' 
_entity_poly.nstd_linkage                   no 
_entity_poly.nstd_monomer                   no 
_entity_poly.pdbx_seq_one_letter_code       
;EQGNRPVETENIARGKQASQSSTAYGGAATRAVDGNVDSDYGHHSVTHTNFEDNAWWQVDLGKTENVGKVKLYNRGDGNV
ANRLSNFDVVLLNEAKQEVARQHFDSLNGKAELEVFFTAKDARYVKVELKTKNTPLSLAEVEVFRSATTQVGC
;
_entity_poly.pdbx_seq_one_letter_code_can   
;EQGNRPVETENIARGKQASQSSTAYGGAATRAVDGNVDSDYGHHSVTHTNFEDNAWWQVDLGKTENVGKVKLYNRGDGNV
ANRLSNFDVVLLNEAKQEVARQHFDSLNGKAELEVFFTAKDARYVKVELKTKNTPLSLAEVEVFRSATTQVGC
;
_entity_poly.pdbx_strand_id                 A 
_entity_poly.pdbx_target_identifier         ? 
# 
loop_
_entity_poly_seq.entity_id 
_entity_poly_seq.num 
_entity_poly_seq.mon_id 
_entity_poly_seq.hetero 
1 1   GLU n 
1 2   GLN n 
1 3   GLY n 
1 4   ASN n 
1 5   ARG n 
1 6   PRO n 
1 7   VAL n 
1 8   GLU n 
1 9   THR n 
1 10  GLU n 
1 11  ASN n 
1 12  ILE n 
1 13  ALA n 
1 14  ARG n 
1 15  GLY n 
1 16  LYS n 
1 17  GLN n 
1 18  ALA n 
1 19  SER n 
1 20  GLN n 
1 21  SER n 
1 22  SER n 
1 23  THR n 
1 24  ALA n 
1 25  TYR n 
1 26  GLY n 
1 27  GLY n 
1 28  ALA n 
1 29  ALA n 
1 30  THR n 
1 31  ARG n 
1 32  ALA n 
1 33  VAL n 
1 34  ASP n 
1 35  GLY n 
1 36  ASN n 
1 37  VAL n 
1 38  ASP n 
1 39  SER n 
1 40  ASP n 
1 41  TYR n 
1 42  GLY n 
1 43  HIS n 
1 44  HIS n 
1 45  SER n 
1 46  VAL n 
1 47  THR n 
1 48  HIS n 
1 49  THR n 
1 50  ASN n 
1 51  PHE n 
1 52  GLU n 
1 53  ASP n 
1 54  ASN n 
1 55  ALA n 
1 56  TRP n 
1 57  TRP n 
1 58  GLN n 
1 59  VAL n 
1 60  ASP n 
1 61  LEU n 
1 62  GLY n 
1 63  LYS n 
1 64  THR n 
1 65  GLU n 
1 66  ASN n 
1 67  VAL n 
1 68  GLY n 
1 69  LYS n 
1 70  VAL n 
1 71  LYS n 
1 72  LEU n 
1 73  TYR n 
1 74  ASN n 
1 75  ARG n 
1 76  GLY n 
1 77  ASP n 
1 78  GLY n 
1 79  ASN n 
1 80  VAL n 
1 81  ALA n 
1 82  ASN n 
1 83  ARG n 
1 84  LEU n 
1 85  SER n 
1 86  ASN n 
1 87  PHE n 
1 88  ASP n 
1 89  VAL n 
1 90  VAL n 
1 91  LEU n 
1 92  LEU n 
1 93  ASN n 
1 94  GLU n 
1 95  ALA n 
1 96  LYS n 
1 97  GLN n 
1 98  GLU n 
1 99  VAL n 
1 100 ALA n 
1 101 ARG n 
1 102 GLN n 
1 103 HIS n 
1 104 PHE n 
1 105 ASP n 
1 106 SER n 
1 107 LEU n 
1 108 ASN n 
1 109 GLY n 
1 110 LYS n 
1 111 ALA n 
1 112 GLU n 
1 113 LEU n 
1 114 GLU n 
1 115 VAL n 
1 116 PHE n 
1 117 PHE n 
1 118 THR n 
1 119 ALA n 
1 120 LYS n 
1 121 ASP n 
1 122 ALA n 
1 123 ARG n 
1 124 TYR n 
1 125 VAL n 
1 126 LYS n 
1 127 VAL n 
1 128 GLU n 
1 129 LEU n 
1 130 LYS n 
1 131 THR n 
1 132 LYS n 
1 133 ASN n 
1 134 THR n 
1 135 PRO n 
1 136 LEU n 
1 137 SER n 
1 138 LEU n 
1 139 ALA n 
1 140 GLU n 
1 141 VAL n 
1 142 GLU n 
1 143 VAL n 
1 144 PHE n 
1 145 ARG n 
1 146 SER n 
1 147 ALA n 
1 148 THR n 
1 149 THR n 
1 150 GLN n 
1 151 VAL n 
1 152 GLY n 
1 153 CYS n 
# 
_entity_src_gen.entity_id                          1 
_entity_src_gen.pdbx_src_id                        1 
_entity_src_gen.pdbx_alt_source_flag               sample 
_entity_src_gen.pdbx_seq_type                      ? 
_entity_src_gen.pdbx_beg_seq_num                   ? 
_entity_src_gen.pdbx_end_seq_num                   ? 
_entity_src_gen.gene_src_common_name               ? 
_entity_src_gen.gene_src_genus                     ? 
_entity_src_gen.pdbx_gene_src_gene                 samhpaf 
_entity_src_gen.gene_src_species                   ? 
_entity_src_gen.gene_src_strain                    Nm-65 
_entity_src_gen.gene_src_tissue                    ? 
_entity_src_gen.gene_src_tissue_fraction           ? 
_entity_src_gen.gene_src_details                   ? 
_entity_src_gen.pdbx_gene_src_fragment             ? 
_entity_src_gen.pdbx_gene_src_scientific_name      'Streptococcus mitis' 
_entity_src_gen.pdbx_gene_src_ncbi_taxonomy_id     28037 
_entity_src_gen.pdbx_gene_src_variant              ? 
_entity_src_gen.pdbx_gene_src_cell_line            ? 
_entity_src_gen.pdbx_gene_src_atcc                 ? 
_entity_src_gen.pdbx_gene_src_organ                ? 
_entity_src_gen.pdbx_gene_src_organelle            ? 
_entity_src_gen.pdbx_gene_src_cell                 ? 
_entity_src_gen.pdbx_gene_src_cellular_location    ? 
_entity_src_gen.host_org_common_name               ? 
_entity_src_gen.pdbx_host_org_scientific_name      'Escherichia coli' 
_entity_src_gen.pdbx_host_org_ncbi_taxonomy_id     562 
_entity_src_gen.host_org_genus                     ? 
_entity_src_gen.pdbx_host_org_gene                 ? 
_entity_src_gen.pdbx_host_org_organ                ? 
_entity_src_gen.host_org_species                   ? 
_entity_src_gen.pdbx_host_org_tissue               ? 
_entity_src_gen.pdbx_host_org_tissue_fraction      ? 
_entity_src_gen.pdbx_host_org_strain               'BL21(DE3)' 
_entity_src_gen.pdbx_host_org_variant              ? 
_entity_src_gen.pdbx_host_org_cell_line            ? 
_entity_src_gen.pdbx_host_org_atcc                 ? 
_entity_src_gen.pdbx_host_org_culture_collection   ? 
_entity_src_gen.pdbx_host_org_cell                 ? 
_entity_src_gen.pdbx_host_org_organelle            ? 
_entity_src_gen.pdbx_host_org_cellular_location    ? 
_entity_src_gen.pdbx_host_org_vector_type          plasmid 
_entity_src_gen.pdbx_host_org_vector               ? 
_entity_src_gen.host_org_details                   ? 
_entity_src_gen.expression_system_id               ? 
_entity_src_gen.plasmid_name                       pMCSg7 
_entity_src_gen.plasmid_details                    ? 
_entity_src_gen.pdbx_description                   ? 
# 
_struct_ref.id                         1 
_struct_ref.db_name                    UNP 
_struct_ref.db_code                    Q2PHL4_STRMT 
_struct_ref.pdbx_db_accession          Q2PHL4 
_struct_ref.entity_id                  1 
_struct_ref.pdbx_seq_one_letter_code   
;EQGNRPVETENIARGKQASQSSTAYGGAAARAVDGNVDSDYGHHSVTHTNFEDNAWWQVDLGKTENVGKVKLYNRGDGNV
ANRLSNFDVVLLNEAKQEVARQHFDSLNGKAELEVFFTAKAARYVKVELKTKNTPLSLAEVEVFRSATTQVGQ
;
_struct_ref.pdbx_align_begin           38 
_struct_ref.pdbx_db_isoform            ? 
# 
_struct_ref_seq.align_id                      1 
_struct_ref_seq.ref_id                        1 
_struct_ref_seq.pdbx_PDB_id_code              3LE0 
_struct_ref_seq.pdbx_strand_id                A 
_struct_ref_seq.seq_align_beg                 1 
_struct_ref_seq.pdbx_seq_align_beg_ins_code   ? 
_struct_ref_seq.seq_align_end                 153 
_struct_ref_seq.pdbx_seq_align_end_ins_code   ? 
_struct_ref_seq.pdbx_db_accession             Q2PHL4 
_struct_ref_seq.db_align_beg                  38 
_struct_ref_seq.pdbx_db_align_beg_ins_code    ? 
_struct_ref_seq.db_align_end                  190 
_struct_ref_seq.pdbx_db_align_end_ins_code    ? 
_struct_ref_seq.pdbx_auth_seq_align_beg       38 
_struct_ref_seq.pdbx_auth_seq_align_end       190 
# 
loop_
_struct_ref_seq_dif.align_id 
_struct_ref_seq_dif.pdbx_pdb_id_code 
_struct_ref_seq_dif.mon_id 
_struct_ref_seq_dif.pdbx_pdb_strand_id 
_struct_ref_seq_dif.seq_num 
_struct_ref_seq_dif.pdbx_pdb_ins_code 
_struct_ref_seq_dif.pdbx_seq_db_name 
_struct_ref_seq_dif.pdbx_seq_db_accession_code 
_struct_ref_seq_dif.db_mon_id 
_struct_ref_seq_dif.pdbx_seq_db_seq_num 
_struct_ref_seq_dif.details 
_struct_ref_seq_dif.pdbx_auth_seq_num 
_struct_ref_seq_dif.pdbx_ordinal 
1 3LE0 THR A 30  ? UNP Q2PHL4 ALA 67  'SEE REMARK 999'      67  1 
1 3LE0 ASP A 121 ? UNP Q2PHL4 ALA 158 'SEE REMARK 999'      158 2 
1 3LE0 CYS A 153 ? UNP Q2PHL4 GLN 190 'engineered mutation' 190 3 
# 
loop_
_chem_comp.id 
_chem_comp.type 
_chem_comp.mon_nstd_flag 
_chem_comp.name 
_chem_comp.pdbx_synonyms 
_chem_comp.formula 
_chem_comp.formula_weight 
ALA 'L-peptide linking' y ALANINE           ?                               'C3 H7 N O2'     89.093  
ARG 'L-peptide linking' y ARGININE          ?                               'C6 H15 N4 O2 1' 175.209 
ASN 'L-peptide linking' y ASPARAGINE        ?                               'C4 H8 N2 O3'    132.118 
ASP 'L-peptide linking' y 'ASPARTIC ACID'   ?                               'C4 H7 N O4'     133.103 
CA  non-polymer         . 'CALCIUM ION'     ?                               'Ca 2'           40.078  
CYS 'L-peptide linking' y CYSTEINE          ?                               'C3 H7 N O2 S'   121.158 
GLN 'L-peptide linking' y GLUTAMINE         ?                               'C5 H10 N2 O3'   146.144 
GLU 'L-peptide linking' y 'GLUTAMIC ACID'   ?                               'C5 H9 N O4'     147.129 
GLY 'peptide linking'   y GLYCINE           ?                               'C2 H5 N O2'     75.067  
GOL non-polymer         . GLYCEROL          'GLYCERIN; PROPANE-1,2,3-TRIOL' 'C3 H8 O3'       92.094  
HIS 'L-peptide linking' y HISTIDINE         ?                               'C6 H10 N3 O2 1' 156.162 
HOH non-polymer         . WATER             ?                               'H2 O'           18.015  
ILE 'L-peptide linking' y ISOLEUCINE        ?                               'C6 H13 N O2'    131.173 
LEU 'L-peptide linking' y LEUCINE           ?                               'C6 H13 N O2'    131.173 
LYS 'L-peptide linking' y LYSINE            ?                               'C6 H15 N2 O2 1' 147.195 
NI  non-polymer         . 'NICKEL (II) ION' ?                               'Ni 2'           58.693  
PHE 'L-peptide linking' y PHENYLALANINE     ?                               'C9 H11 N O2'    165.189 
PRO 'L-peptide linking' y PROLINE           ?                               'C5 H9 N O2'     115.130 
SER 'L-peptide linking' y SERINE            ?                               'C3 H7 N O3'     105.093 
THR 'L-peptide linking' y THREONINE         ?                               'C4 H9 N O3'     119.119 
TRP 'L-peptide linking' y TRYPTOPHAN        ?                               'C11 H12 N2 O2'  204.225 
TYR 'L-peptide linking' y TYROSINE          ?                               'C9 H11 N O3'    181.189 
VAL 'L-peptide linking' y VALINE            ?                               'C5 H11 N O2'    117.146 
# 
_exptl.entry_id          3LE0 
_exptl.method            'X-RAY DIFFRACTION' 
_exptl.crystals_number   1 
# 
_exptl_crystal.id                    1 
_exptl_crystal.density_meas          ? 
_exptl_crystal.density_Matthews      3.29 
_exptl_crystal.density_percent_sol   62.61 
_exptl_crystal.description           ? 
_exptl_crystal.F_000                 ? 
_exptl_crystal.preparation           ? 
# 
_exptl_crystal_grow.crystal_id      1 
_exptl_crystal_grow.method          'VAPOR DIFFUSION, HANGING DROP' 
_exptl_crystal_grow.temp            294 
_exptl_crystal_grow.temp_details    ? 
_exptl_crystal_grow.pH              8.5 
_exptl_crystal_grow.pdbx_pH_range   ? 
_exptl_crystal_grow.pdbx_details    '2M MgSO4, 100mM Tris, pH 8.5, vapor diffusion, hanging drop, temperature 294K' 
# 
_diffrn.id                     1 
_diffrn.ambient_temp           100 
_diffrn.ambient_temp_details   ? 
_diffrn.crystal_id             1 
# 
_diffrn_detector.diffrn_id              1 
_diffrn_detector.detector               CCD 
_diffrn_detector.type                   'ADSC QUANTUM 315' 
_diffrn_detector.pdbx_collection_date   2008-03-27 
_diffrn_detector.details                mirrors 
# 
_diffrn_radiation.diffrn_id                        1 
_diffrn_radiation.wavelength_id                    1 
_diffrn_radiation.pdbx_monochromatic_or_laue_m_l   M 
_diffrn_radiation.monochromator                    'bent conical Si mirrors' 
_diffrn_radiation.pdbx_diffrn_protocol             'SINGLE WAVELENGTH' 
_diffrn_radiation.pdbx_scattering_type             x-ray 
# 
_diffrn_radiation_wavelength.id           1 
_diffrn_radiation_wavelength.wavelength   1.00 
_diffrn_radiation_wavelength.wt           1.0 
# 
_diffrn_source.diffrn_id                   1 
_diffrn_source.source                      SYNCHROTRON 
_diffrn_source.type                        'APS BEAMLINE 14-BM-C' 
_diffrn_source.pdbx_synchrotron_site       APS 
_diffrn_source.pdbx_synchrotron_beamline   14-BM-C 
_diffrn_source.pdbx_wavelength             ? 
_diffrn_source.pdbx_wavelength_list        1.00 
# 
_reflns.entry_id                     3LE0 
_reflns.observed_criterion_sigma_I   ? 
_reflns.observed_criterion_sigma_F   ? 
_reflns.d_resolution_low             29.46 
_reflns.d_resolution_high            1.900 
_reflns.number_obs                   16856 
_reflns.number_all                   ? 
_reflns.percent_possible_obs         91.500 
_reflns.pdbx_Rmerge_I_obs            0.091 
_reflns.pdbx_Rsym_value              ? 
_reflns.pdbx_netI_over_sigmaI        10.500 
_reflns.B_iso_Wilson_estimate        ? 
_reflns.pdbx_redundancy              15.900 
_reflns.R_free_details               ? 
_reflns.limit_h_max                  ? 
_reflns.limit_h_min                  ? 
_reflns.limit_k_max                  ? 
_reflns.limit_k_min                  ? 
_reflns.limit_l_max                  ? 
_reflns.limit_l_min                  ? 
_reflns.observed_criterion_F_max     ? 
_reflns.observed_criterion_F_min     ? 
_reflns.pdbx_chi_squared             ? 
_reflns.pdbx_scaling_rejects         ? 
_reflns.pdbx_ordinal                 1 
_reflns.pdbx_diffrn_id               1 
# 
loop_
_reflns_shell.d_res_high 
_reflns_shell.d_res_low 
_reflns_shell.percent_possible_all 
_reflns_shell.Rmerge_I_obs 
_reflns_shell.pdbx_Rsym_value 
_reflns_shell.meanI_over_sigI_obs 
_reflns_shell.pdbx_redundancy 
_reflns_shell.percent_possible_obs 
_reflns_shell.number_unique_all 
_reflns_shell.number_measured_all 
_reflns_shell.number_measured_obs 
_reflns_shell.number_unique_obs 
_reflns_shell.pdbx_chi_squared 
_reflns_shell.pdbx_ordinal 
_reflns_shell.pdbx_diffrn_id 
1.90 1.97  72.30  0.556 ? ? 13.80 ? ? ? ? ? ? 1  1 
1.97 2.05  99.90  0.269 ? ? 16.60 ? ? ? ? ? ? 2  1 
2.05 2.14  100.00 0.233 ? ? 16.50 ? ? ? ? ? ? 3  1 
2.14 2.25  69.80  0.217 ? ? 15.90 ? ? ? ? ? ? 4  1 
2.25 2.39  91.10  0.158 ? ? 16.10 ? ? ? ? ? ? 5  1 
2.39 2.58  100.00 0.128 ? ? 16.80 ? ? ? ? ? ? 6  1 
2.58 2.84  100.00 0.103 ? ? 16.70 ? ? ? ? ? ? 7  1 
2.84 3.25  99.80  0.079 ? ? 16.50 ? ? ? ? ? ? 8  1 
3.25 4.09  83.40  0.072 ? ? 15.10 ? ? ? ? ? ? 9  1 
4.09 50.00 97.70  0.063 ? ? 14.70 ? ? ? ? ? ? 10 1 
# 
_refine.pdbx_refine_id                           'X-RAY DIFFRACTION' 
_refine.entry_id                                 3LE0 
_refine.ls_number_reflns_obs                     15702 
_refine.ls_number_reflns_all                     ? 
_refine.pdbx_ls_sigma_I                          ? 
_refine.pdbx_ls_sigma_F                          . 
_refine.pdbx_data_cutoff_high_absF               ? 
_refine.pdbx_data_cutoff_low_absF                ? 
_refine.pdbx_data_cutoff_high_rms_absF           ? 
_refine.ls_d_res_low                             29.46 
_refine.ls_d_res_high                            1.91 
_refine.ls_percent_reflns_obs                    90.92 
_refine.ls_R_factor_obs                          0.17612 
_refine.ls_R_factor_all                          ? 
_refine.ls_R_factor_R_work                       0.17457 
_refine.ls_R_factor_R_free                       0.20570 
_refine.ls_R_factor_R_free_error                 ? 
_refine.ls_R_factor_R_free_error_details         ? 
_refine.ls_percent_reflns_R_free                 5.1 
_refine.ls_number_reflns_R_free                  844 
_refine.ls_number_parameters                     ? 
_refine.ls_number_restraints                     ? 
_refine.occupancy_min                            0.40 
_refine.occupancy_max                            1.00 
_refine.correlation_coeff_Fo_to_Fc               0.957 
_refine.correlation_coeff_Fo_to_Fc_free          0.944 
_refine.B_iso_mean                               25.947 
_refine.aniso_B[1][1]                            -0.57 
_refine.aniso_B[2][2]                            -0.57 
_refine.aniso_B[3][3]                            1.15 
_refine.aniso_B[1][2]                            0.00 
_refine.aniso_B[1][3]                            0.00 
_refine.aniso_B[2][3]                            0.00 
_refine.solvent_model_details                    MASK 
_refine.solvent_model_param_ksol                 ? 
_refine.solvent_model_param_bsol                 ? 
_refine.pdbx_solvent_vdw_probe_radii             1.40 
_refine.pdbx_solvent_ion_probe_radii             0.80 
_refine.pdbx_solvent_shrinkage_radii             0.80 
_refine.pdbx_ls_cross_valid_method               THROUGHOUT 
_refine.details                                  'HYDROGENS HAVE BEEN ADDED IN THE RIDING POSITIONS' 
_refine.pdbx_starting_model                      'PDB entry 2J1R' 
_refine.pdbx_method_to_determine_struct          'MOLECULAR REPLACEMENT' 
_refine.pdbx_isotropic_thermal_model             ? 
_refine.pdbx_stereochemistry_target_values       'MAXIMUM LIKELIHOOD' 
_refine.pdbx_stereochem_target_val_spec_case     ? 
_refine.pdbx_R_Free_selection_details            RANDOM 
_refine.pdbx_overall_ESU_R                       0.122 
_refine.pdbx_overall_ESU_R_Free                  0.118 
_refine.overall_SU_ML                            0.071 
_refine.pdbx_overall_phase_error                 ? 
_refine.overall_SU_B                             2.454 
_refine.overall_SU_R_Cruickshank_DPI             0.123 
_refine.pdbx_overall_SU_R_free_Cruickshank_DPI   ? 
_refine.pdbx_overall_SU_R_Blow_DPI               ? 
_refine.pdbx_overall_SU_R_free_Blow_DPI          ? 
_refine.ls_redundancy_reflns_obs                 ? 
_refine.B_iso_min                                ? 
_refine.B_iso_max                                ? 
_refine.overall_SU_R_free                        ? 
_refine.ls_wR_factor_R_free                      ? 
_refine.ls_wR_factor_R_work                      ? 
_refine.overall_FOM_free_R_set                   ? 
_refine.overall_FOM_work_R_set                   ? 
_refine.pdbx_diffrn_id                           1 
_refine.pdbx_TLS_residual_ADP_flag               ? 
# 
_refine_hist.pdbx_refine_id                   'X-RAY DIFFRACTION' 
_refine_hist.cycle_id                         LAST 
_refine_hist.pdbx_number_atoms_protein        1107 
_refine_hist.pdbx_number_atoms_nucleic_acid   0 
_refine_hist.pdbx_number_atoms_ligand         8 
_refine_hist.number_atoms_solvent             164 
_refine_hist.number_atoms_total               1279 
_refine_hist.d_res_high                       1.91 
_refine_hist.d_res_low                        29.46 
# 
loop_
_refine_ls_restr.type 
_refine_ls_restr.dev_ideal 
_refine_ls_restr.dev_ideal_target 
_refine_ls_restr.weight 
_refine_ls_restr.number 
_refine_ls_restr.pdbx_refine_id 
_refine_ls_restr.pdbx_restraint_function 
r_bond_refined_d             0.015  0.021  ? 1136 'X-RAY DIFFRACTION' ? 
r_bond_other_d               ?      ?      ? ?    'X-RAY DIFFRACTION' ? 
r_angle_refined_deg          1.466  1.919  ? 1537 'X-RAY DIFFRACTION' ? 
r_angle_other_deg            ?      ?      ? ?    'X-RAY DIFFRACTION' ? 
r_dihedral_angle_1_deg       6.424  5.000  ? 143  'X-RAY DIFFRACTION' ? 
r_dihedral_angle_2_deg       35.145 25.082 ? 61   'X-RAY DIFFRACTION' ? 
r_dihedral_angle_3_deg       13.891 15.000 ? 188  'X-RAY DIFFRACTION' ? 
r_dihedral_angle_4_deg       8.840  15.000 ? 7    'X-RAY DIFFRACTION' ? 
r_chiral_restr               0.133  0.200  ? 170  'X-RAY DIFFRACTION' ? 
r_gen_planes_refined         0.006  0.020  ? 877  'X-RAY DIFFRACTION' ? 
r_gen_planes_other           ?      ?      ? ?    'X-RAY DIFFRACTION' ? 
r_nbd_refined                ?      ?      ? ?    'X-RAY DIFFRACTION' ? 
r_nbd_other                  ?      ?      ? ?    'X-RAY DIFFRACTION' ? 
r_nbtor_refined              ?      ?      ? ?    'X-RAY DIFFRACTION' ? 
r_nbtor_other                ?      ?      ? ?    'X-RAY DIFFRACTION' ? 
r_xyhbond_nbd_refined        ?      ?      ? ?    'X-RAY DIFFRACTION' ? 
r_xyhbond_nbd_other          ?      ?      ? ?    'X-RAY DIFFRACTION' ? 
r_metal_ion_refined          ?      ?      ? ?    'X-RAY DIFFRACTION' ? 
r_metal_ion_other            ?      ?      ? ?    'X-RAY DIFFRACTION' ? 
r_symmetry_vdw_refined       ?      ?      ? ?    'X-RAY DIFFRACTION' ? 
r_symmetry_vdw_other         ?      ?      ? ?    'X-RAY DIFFRACTION' ? 
r_symmetry_hbond_refined     ?      ?      ? ?    'X-RAY DIFFRACTION' ? 
r_symmetry_hbond_other       ?      ?      ? ?    'X-RAY DIFFRACTION' ? 
r_symmetry_metal_ion_refined ?      ?      ? ?    'X-RAY DIFFRACTION' ? 
r_symmetry_metal_ion_other   ?      ?      ? ?    'X-RAY DIFFRACTION' ? 
r_mcbond_it                  0.909  1.500  ? 703  'X-RAY DIFFRACTION' ? 
r_mcbond_other               ?      ?      ? ?    'X-RAY DIFFRACTION' ? 
r_mcangle_it                 1.677  2.000  ? 1124 'X-RAY DIFFRACTION' ? 
r_scbond_it                  2.519  3.000  ? 433  'X-RAY DIFFRACTION' ? 
r_scangle_it                 4.246  4.500  ? 412  'X-RAY DIFFRACTION' ? 
r_rigid_bond_restr           ?      ?      ? ?    'X-RAY DIFFRACTION' ? 
r_sphericity_free            ?      ?      ? ?    'X-RAY DIFFRACTION' ? 
r_sphericity_bonded          ?      ?      ? ?    'X-RAY DIFFRACTION' ? 
# 
_refine_ls_shell.pdbx_refine_id                   'X-RAY DIFFRACTION' 
_refine_ls_shell.pdbx_total_number_of_bins_used   20 
_refine_ls_shell.d_res_high                       1.907 
_refine_ls_shell.d_res_low                        1.956 
_refine_ls_shell.number_reflns_R_work             760 
_refine_ls_shell.R_factor_R_work                  0.381 
_refine_ls_shell.percent_reflns_obs               62.03 
_refine_ls_shell.R_factor_R_free                  0.405 
_refine_ls_shell.R_factor_R_free_error            ? 
_refine_ls_shell.percent_reflns_R_free            ? 
_refine_ls_shell.number_reflns_R_free             47 
_refine_ls_shell.number_reflns_all                ? 
_refine_ls_shell.R_factor_all                     ? 
_refine_ls_shell.redundancy_reflns_obs            ? 
_refine_ls_shell.number_reflns_obs                ? 
# 
_struct.entry_id                  3LE0 
_struct.title                     'Lectin Domain of Lectinolysin complexed with Glycerol' 
_struct.pdbx_model_details        ? 
_struct.pdbx_CASP_flag            ? 
_struct.pdbx_model_type_details   ? 
# 
_struct_keywords.entry_id        3LE0 
_struct_keywords.text            'lectin domain of lectinolysin, BLOOD CLOTTING, glycerol, nickel' 
_struct_keywords.pdbx_keywords   'BLOOD CLOTTING' 
# 
loop_
_struct_asym.id 
_struct_asym.pdbx_blank_PDB_chainid_flag 
_struct_asym.pdbx_modified 
_struct_asym.entity_id 
_struct_asym.details 
A N N 1 ? 
B N N 2 ? 
C N N 3 ? 
D N N 4 ? 
E N N 5 ? 
# 
_struct_biol.id        1 
_struct_biol.details   ? 
# 
loop_
_struct_conf.conf_type_id 
_struct_conf.id 
_struct_conf.pdbx_PDB_helix_id 
_struct_conf.beg_label_comp_id 
_struct_conf.beg_label_asym_id 
_struct_conf.beg_label_seq_id 
_struct_conf.pdbx_beg_PDB_ins_code 
_struct_conf.end_label_comp_id 
_struct_conf.end_label_asym_id 
_struct_conf.end_label_seq_id 
_struct_conf.pdbx_end_PDB_ins_code 
_struct_conf.beg_auth_comp_id 
_struct_conf.beg_auth_asym_id 
_struct_conf.beg_auth_seq_id 
_struct_conf.end_auth_comp_id 
_struct_conf.end_auth_asym_id 
_struct_conf.end_auth_seq_id 
_struct_conf.pdbx_PDB_helix_class 
_struct_conf.details 
_struct_conf.pdbx_PDB_helix_length 
HELX_P HELX_P1 1 ALA A 28 ? ASP A 34 ? ALA A 65  ASP A 71  5 ? 7 
HELX_P HELX_P2 2 ASP A 40 ? HIS A 44 ? ASP A 77  HIS A 81  5 ? 5 
HELX_P HELX_P3 3 VAL A 80 ? LEU A 84 ? VAL A 117 LEU A 121 5 ? 5 
# 
_struct_conf_type.id          HELX_P 
_struct_conf_type.criteria    ? 
_struct_conf_type.reference   ? 
# 
loop_
_struct_conn.id 
_struct_conn.conn_type_id 
_struct_conn.pdbx_leaving_atom_flag 
_struct_conn.pdbx_PDB_id 
_struct_conn.ptnr1_label_asym_id 
_struct_conn.ptnr1_label_comp_id 
_struct_conn.ptnr1_label_seq_id 
_struct_conn.ptnr1_label_atom_id 
_struct_conn.pdbx_ptnr1_label_alt_id 
_struct_conn.pdbx_ptnr1_PDB_ins_code 
_struct_conn.pdbx_ptnr1_standard_comp_id 
_struct_conn.ptnr1_symmetry 
_struct_conn.ptnr2_label_asym_id 
_struct_conn.ptnr2_label_comp_id 
_struct_conn.ptnr2_label_seq_id 
_struct_conn.ptnr2_label_atom_id 
_struct_conn.pdbx_ptnr2_label_alt_id 
_struct_conn.pdbx_ptnr2_PDB_ins_code 
_struct_conn.ptnr1_auth_asym_id 
_struct_conn.ptnr1_auth_comp_id 
_struct_conn.ptnr1_auth_seq_id 
_struct_conn.ptnr2_auth_asym_id 
_struct_conn.ptnr2_auth_comp_id 
_struct_conn.ptnr2_auth_seq_id 
_struct_conn.ptnr2_symmetry 
_struct_conn.pdbx_ptnr3_label_atom_id 
_struct_conn.pdbx_ptnr3_label_seq_id 
_struct_conn.pdbx_ptnr3_label_comp_id 
_struct_conn.pdbx_ptnr3_label_asym_id 
_struct_conn.pdbx_ptnr3_label_alt_id 
_struct_conn.pdbx_ptnr3_PDB_ins_code 
_struct_conn.details 
_struct_conn.pdbx_dist_value 
_struct_conn.pdbx_value_order 
_struct_conn.pdbx_role 
metalc1  metalc ? ? B CA  .  CA  ? ? ? 1_555 A ARG 31  O   ? ? A CA  1   A ARG 68  1_555 ? ? ? ? ? ? ? 2.276 ? ? 
metalc2  metalc ? ? B CA  .  CA  ? ? ? 1_555 A ASP 34  OD1 ? ? A CA  1   A ASP 71  1_555 ? ? ? ? ? ? ? 2.424 ? ? 
metalc3  metalc ? ? B CA  .  CA  ? ? ? 1_555 A ASN 36  O   ? ? A CA  1   A ASN 73  1_555 ? ? ? ? ? ? ? 2.358 ? ? 
metalc4  metalc ? ? B CA  .  CA  ? ? ? 1_555 A SER 45  OG  ? ? A CA  1   A SER 82  1_555 ? ? ? ? ? ? ? 2.389 ? ? 
metalc5  metalc ? ? B CA  .  CA  ? ? ? 1_555 A SER 45  O   ? ? A CA  1   A SER 82  1_555 ? ? ? ? ? ? ? 2.561 ? ? 
metalc6  metalc ? ? B CA  .  CA  ? ? ? 1_555 A ALA 139 O   ? ? A CA  1   A ALA 176 1_555 ? ? ? ? ? ? ? 2.337 ? ? 
metalc7  metalc ? ? B CA  .  CA  ? ? ? 1_555 A GLU 140 OE1 ? ? A CA  1   A GLU 177 1_555 ? ? ? ? ? ? ? 2.489 ? ? 
metalc8  metalc ? ? A HIS 43 NE2 ? ? ? 1_555 C NI  .   NI  ? ? A HIS 80  A NI  191 1_555 ? ? ? ? ? ? ? 2.226 ? ? 
metalc9  metalc ? ? C NI  .  NI  ? ? ? 1_555 E HOH .   O   ? ? A NI  191 A HOH 297 1_555 ? ? ? ? ? ? ? 2.021 ? ? 
metalc10 metalc ? ? C NI  .  NI  ? ? ? 1_555 E HOH .   O   ? ? A NI  191 A HOH 298 1_555 ? ? ? ? ? ? ? 2.082 ? ? 
metalc11 metalc ? ? C NI  .  NI  ? ? ? 1_555 E HOH .   O   ? ? A NI  191 A HOH 299 1_555 ? ? ? ? ? ? ? 2.121 ? ? 
metalc12 metalc ? ? C NI  .  NI  ? ? ? 1_555 E HOH .   O   ? ? A NI  191 A HOH 300 1_555 ? ? ? ? ? ? ? 2.141 ? ? 
metalc13 metalc ? ? C NI  .  NI  ? ? ? 1_555 E HOH .   O   ? ? A NI  191 A HOH 301 1_555 ? ? ? ? ? ? ? 2.118 ? ? 
# 
_struct_conn_type.id          metalc 
_struct_conn_type.criteria    ? 
_struct_conn_type.reference   ? 
# 
loop_
_struct_sheet.id 
_struct_sheet.type 
_struct_sheet.number_strands 
_struct_sheet.details 
A ? 5 ? 
B ? 3 ? 
# 
loop_
_struct_sheet_order.sheet_id 
_struct_sheet_order.range_id_1 
_struct_sheet_order.range_id_2 
_struct_sheet_order.offset 
_struct_sheet_order.sense 
A 1 2 ? anti-parallel 
A 2 3 ? anti-parallel 
A 3 4 ? anti-parallel 
A 4 5 ? anti-parallel 
B 1 2 ? anti-parallel 
B 2 3 ? anti-parallel 
# 
loop_
_struct_sheet_range.sheet_id 
_struct_sheet_range.id 
_struct_sheet_range.beg_label_comp_id 
_struct_sheet_range.beg_label_asym_id 
_struct_sheet_range.beg_label_seq_id 
_struct_sheet_range.pdbx_beg_PDB_ins_code 
_struct_sheet_range.end_label_comp_id 
_struct_sheet_range.end_label_asym_id 
_struct_sheet_range.end_label_seq_id 
_struct_sheet_range.pdbx_end_PDB_ins_code 
_struct_sheet_range.beg_auth_comp_id 
_struct_sheet_range.beg_auth_asym_id 
_struct_sheet_range.beg_auth_seq_id 
_struct_sheet_range.end_auth_comp_id 
_struct_sheet_range.end_auth_asym_id 
_struct_sheet_range.end_auth_seq_id 
A 1 GLN A 17  ? GLN A 20  ? GLN A 54  GLN A 57  
A 2 TRP A 56  ? ASN A 74  ? TRP A 93  ASN A 111 
A 3 GLU A 112 ? LEU A 129 ? GLU A 149 LEU A 166 
A 4 PHE A 87  ? LEU A 92  ? PHE A 124 LEU A 129 
A 5 GLU A 98  ? PHE A 104 ? GLU A 135 PHE A 141 
B 1 GLN A 17  ? GLN A 20  ? GLN A 54  GLN A 57  
B 2 TRP A 56  ? ASN A 74  ? TRP A 93  ASN A 111 
B 3 LEU A 138 ? ARG A 145 ? LEU A 175 ARG A 182 
# 
loop_
_pdbx_struct_sheet_hbond.sheet_id 
_pdbx_struct_sheet_hbond.range_id_1 
_pdbx_struct_sheet_hbond.range_id_2 
_pdbx_struct_sheet_hbond.range_1_label_atom_id 
_pdbx_struct_sheet_hbond.range_1_label_comp_id 
_pdbx_struct_sheet_hbond.range_1_label_asym_id 
_pdbx_struct_sheet_hbond.range_1_label_seq_id 
_pdbx_struct_sheet_hbond.range_1_PDB_ins_code 
_pdbx_struct_sheet_hbond.range_1_auth_atom_id 
_pdbx_struct_sheet_hbond.range_1_auth_comp_id 
_pdbx_struct_sheet_hbond.range_1_auth_asym_id 
_pdbx_struct_sheet_hbond.range_1_auth_seq_id 
_pdbx_struct_sheet_hbond.range_2_label_atom_id 
_pdbx_struct_sheet_hbond.range_2_label_comp_id 
_pdbx_struct_sheet_hbond.range_2_label_asym_id 
_pdbx_struct_sheet_hbond.range_2_label_seq_id 
_pdbx_struct_sheet_hbond.range_2_PDB_ins_code 
_pdbx_struct_sheet_hbond.range_2_auth_atom_id 
_pdbx_struct_sheet_hbond.range_2_auth_comp_id 
_pdbx_struct_sheet_hbond.range_2_auth_asym_id 
_pdbx_struct_sheet_hbond.range_2_auth_seq_id 
A 1 2 N SER A 19  ? N SER A 56  O GLN A 58  ? O GLN A 95  
A 2 3 N VAL A 70  ? N VAL A 107 O VAL A 115 ? O VAL A 152 
A 3 4 O LYS A 126 ? O LYS A 163 N VAL A 90  ? N VAL A 127 
A 4 5 N LEU A 91  ? N LEU A 128 O VAL A 99  ? O VAL A 136 
B 1 2 N SER A 19  ? N SER A 56  O GLN A 58  ? O GLN A 95  
B 2 3 N LYS A 71  ? N LYS A 108 O GLU A 142 ? O GLU A 179 
# 
loop_
_struct_site.id 
_struct_site.pdbx_evidence_code 
_struct_site.pdbx_auth_asym_id 
_struct_site.pdbx_auth_comp_id 
_struct_site.pdbx_auth_seq_id 
_struct_site.pdbx_auth_ins_code 
_struct_site.pdbx_num_residues 
_struct_site.details 
AC1 Software A CA  1   ? 6 'BINDING SITE FOR RESIDUE CA A 1'    
AC2 Software A NI  191 ? 6 'BINDING SITE FOR RESIDUE NI A 191'  
AC3 Software A GOL 192 ? 4 'BINDING SITE FOR RESIDUE GOL A 192' 
# 
loop_
_struct_site_gen.id 
_struct_site_gen.site_id 
_struct_site_gen.pdbx_num_res 
_struct_site_gen.label_comp_id 
_struct_site_gen.label_asym_id 
_struct_site_gen.label_seq_id 
_struct_site_gen.pdbx_auth_ins_code 
_struct_site_gen.auth_comp_id 
_struct_site_gen.auth_asym_id 
_struct_site_gen.auth_seq_id 
_struct_site_gen.label_atom_id 
_struct_site_gen.label_alt_id 
_struct_site_gen.symmetry 
_struct_site_gen.details 
1  AC1 6 ARG A 31  ? ARG A 68  . ? 1_555 ? 
2  AC1 6 ASP A 34  ? ASP A 71  . ? 1_555 ? 
3  AC1 6 ASN A 36  ? ASN A 73  . ? 1_555 ? 
4  AC1 6 SER A 45  ? SER A 82  . ? 1_555 ? 
5  AC1 6 ALA A 139 ? ALA A 176 . ? 1_555 ? 
6  AC1 6 GLU A 140 ? GLU A 177 . ? 1_555 ? 
7  AC2 6 HIS A 43  ? HIS A 80  . ? 1_555 ? 
8  AC2 6 HOH E .   ? HOH A 297 . ? 1_555 ? 
9  AC2 6 HOH E .   ? HOH A 298 . ? 1_555 ? 
10 AC2 6 HOH E .   ? HOH A 299 . ? 1_555 ? 
11 AC2 6 HOH E .   ? HOH A 300 . ? 1_555 ? 
12 AC2 6 HOH E .   ? HOH A 301 . ? 1_555 ? 
13 AC3 4 TYR A 25  ? TYR A 62  . ? 1_555 ? 
14 AC3 4 HIS A 48  ? HIS A 85  . ? 1_555 ? 
15 AC3 4 ARG A 75  ? ARG A 112 . ? 1_555 ? 
16 AC3 4 ARG A 83  ? ARG A 120 . ? 1_555 ? 
# 
_atom_sites.entry_id                    3LE0 
_atom_sites.fract_transf_matrix[1][1]   -0.00232170 
_atom_sites.fract_transf_matrix[1][2]   0.00205444 
_atom_sites.fract_transf_matrix[1][3]   -0.01455653 
_atom_sites.fract_transf_matrix[2][1]   -0.01453938 
_atom_sites.fract_transf_matrix[2][2]   -0.00249873 
_atom_sites.fract_transf_matrix[2][3]   0.00196630 
_atom_sites.fract_transf_matrix[3][1]   -0.00148467 
_atom_sites.fract_transf_matrix[3][2]   0.00992784 
_atom_sites.fract_transf_matrix[3][3]   0.00163797 
_atom_sites.fract_transf_vector[1]      0.152871 
_atom_sites.fract_transf_vector[2]      -0.268031 
_atom_sites.fract_transf_vector[3]      -0.117545 
# 
loop_
_atom_type.symbol 
C  
CA 
N  
NI 
O  
# 
loop_
_atom_site.group_PDB 
_atom_site.id 
_atom_site.type_symbol 
_atom_site.label_atom_id 
_atom_site.label_alt_id 
_atom_site.label_comp_id 
_atom_site.label_asym_id 
_atom_site.label_entity_id 
_atom_site.label_seq_id 
_atom_site.pdbx_PDB_ins_code 
_atom_site.Cartn_x 
_atom_site.Cartn_y 
_atom_site.Cartn_z 
_atom_site.occupancy 
_atom_site.B_iso_or_equiv 
_atom_site.pdbx_formal_charge 
_atom_site.auth_seq_id 
_atom_site.auth_comp_id 
_atom_site.auth_asym_id 
_atom_site.auth_atom_id 
_atom_site.pdbx_PDB_model_num 
ATOM   1    N  N   . VAL A 1 7   ? -3.518  14.143  -12.029 1.00 41.98 ? 44  VAL A N   1 
ATOM   2    C  CA  . VAL A 1 7   ? -3.284  12.660  -12.209 1.00 40.92 ? 44  VAL A CA  1 
ATOM   3    C  C   . VAL A 1 7   ? -4.452  11.996  -12.967 1.00 40.31 ? 44  VAL A C   1 
ATOM   4    O  O   . VAL A 1 7   ? -5.589  12.503  -12.929 1.00 39.87 ? 44  VAL A O   1 
ATOM   5    C  CB  . VAL A 1 7   ? -2.946  11.895  -10.838 1.00 41.48 ? 44  VAL A CB  1 
ATOM   6    C  CG1 . VAL A 1 7   ? -1.781  12.591  -10.077 1.00 40.57 ? 44  VAL A CG1 1 
ATOM   7    C  CG2 . VAL A 1 7   ? -4.210  11.705  -9.938  1.00 40.54 ? 44  VAL A CG2 1 
ATOM   8    N  N   . GLU A 1 8   ? -4.172  10.883  -13.654 1.00 38.48 ? 45  GLU A N   1 
ATOM   9    C  CA  . GLU A 1 8   ? -5.200  10.143  -14.398 1.00 37.94 ? 45  GLU A CA  1 
ATOM   10   C  C   . GLU A 1 8   ? -6.194  9.488   -13.448 1.00 36.40 ? 45  GLU A C   1 
ATOM   11   O  O   . GLU A 1 8   ? -5.941  9.384   -12.249 1.00 35.37 ? 45  GLU A O   1 
ATOM   12   C  CB  . GLU A 1 8   ? -4.598  9.043   -15.256 1.00 38.90 ? 45  GLU A CB  1 
ATOM   13   C  CG  . GLU A 1 8   ? -3.747  9.473   -16.423 1.00 41.38 ? 45  GLU A CG  1 
ATOM   14   C  CD  . GLU A 1 8   ? -3.284  8.258   -17.227 1.00 45.23 ? 45  GLU A CD  1 
ATOM   15   O  OE1 . GLU A 1 8   ? -3.560  7.083   -16.804 1.00 43.56 ? 45  GLU A OE1 1 
ATOM   16   O  OE2 . GLU A 1 8   ? -2.646  8.481   -18.282 1.00 45.89 ? 45  GLU A OE2 1 
ATOM   17   N  N   . THR A 1 9   ? -7.327  9.038   -13.980 1.00 34.29 ? 46  THR A N   1 
ATOM   18   C  CA  . THR A 1 9   ? -8.330  8.490   -13.092 1.00 32.98 ? 46  THR A CA  1 
ATOM   19   C  C   . THR A 1 9   ? -8.211  6.973   -13.041 1.00 31.09 ? 46  THR A C   1 
ATOM   20   O  O   . THR A 1 9   ? -8.776  6.367   -12.145 1.00 30.41 ? 46  THR A O   1 
ATOM   21   C  CB  . THR A 1 9   ? -9.767  8.903   -13.482 1.00 33.54 ? 46  THR A CB  1 
ATOM   22   O  OG1 . THR A 1 9   ? -9.974  8.577   -14.860 1.00 34.91 ? 46  THR A OG1 1 
ATOM   23   C  CG2 . THR A 1 9   ? -9.994  10.396  -13.254 1.00 35.20 ? 46  THR A CG2 1 
ATOM   24   N  N   . GLU A 1 10  ? -7.467  6.373   -13.976 1.00 28.78 ? 47  GLU A N   1 
ATOM   25   C  CA  . GLU A 1 10  ? -7.346  4.909   -14.025 1.00 28.28 ? 47  GLU A CA  1 
ATOM   26   C  C   . GLU A 1 10  ? -6.450  4.406   -12.883 1.00 27.05 ? 47  GLU A C   1 
ATOM   27   O  O   . GLU A 1 10  ? -5.290  4.821   -12.759 1.00 25.01 ? 47  GLU A O   1 
ATOM   28   C  CB  . GLU A 1 10  ? -6.775  4.422   -15.354 1.00 28.97 ? 47  GLU A CB  1 
ATOM   29   C  CG  . GLU A 1 10  ? -6.811  2.894   -15.480 1.00 33.05 ? 47  GLU A CG  1 
ATOM   30   C  CD  . GLU A 1 10  ? -5.903  2.308   -16.589 1.00 40.04 ? 47  GLU A CD  1 
ATOM   31   O  OE1 . GLU A 1 10  ? -5.458  3.043   -17.507 1.00 41.03 ? 47  GLU A OE1 1 
ATOM   32   O  OE2 . GLU A 1 10  ? -5.635  1.079   -16.547 1.00 41.60 ? 47  GLU A OE2 1 
ATOM   33   N  N   . ASN A 1 11  ? -6.987  3.503   -12.061 1.00 25.42 ? 48  ASN A N   1 
ATOM   34   C  CA  . ASN A 1 11  ? -6.192  2.908   -11.019 1.00 22.94 ? 48  ASN A CA  1 
ATOM   35   C  C   . ASN A 1 11  ? -5.387  1.778   -11.630 1.00 22.10 ? 48  ASN A C   1 
ATOM   36   O  O   . ASN A 1 11  ? -5.905  0.664   -11.876 1.00 20.75 ? 48  ASN A O   1 
ATOM   37   C  CB  . ASN A 1 11  ? -7.074  2.419   -9.866  1.00 23.21 ? 48  ASN A CB  1 
ATOM   38   C  CG  . ASN A 1 11  ? -6.319  1.491   -8.905  1.00 22.77 ? 48  ASN A CG  1 
ATOM   39   O  OD1 . ASN A 1 11  ? -5.085  1.540   -8.804  1.00 21.08 ? 48  ASN A OD1 1 
ATOM   40   N  ND2 . ASN A 1 11  ? -7.054  0.649   -8.206  1.00 19.09 ? 48  ASN A ND2 1 
ATOM   41   N  N   . ILE A 1 12  ? -4.107  2.052   -11.866 1.00 21.43 ? 49  ILE A N   1 
ATOM   42   C  CA  . ILE A 1 12  ? -3.250  1.077   -12.534 1.00 21.32 ? 49  ILE A CA  1 
ATOM   43   C  C   . ILE A 1 12  ? -2.757  -0.059  -11.649 1.00 20.92 ? 49  ILE A C   1 
ATOM   44   O  O   . ILE A 1 12  ? -2.141  -0.993  -12.166 1.00 21.64 ? 49  ILE A O   1 
ATOM   45   C  CB  . ILE A 1 12  ? -2.049  1.734   -13.274 1.00 22.13 ? 49  ILE A CB  1 
ATOM   46   C  CG1 . ILE A 1 12  ? -1.169  2.523   -12.323 1.00 22.50 ? 49  ILE A CG1 1 
ATOM   47   C  CG2 . ILE A 1 12  ? -2.562  2.642   -14.401 1.00 22.03 ? 49  ILE A CG2 1 
ATOM   48   C  CD1 . ILE A 1 12  ? 0.188   2.953   -12.974 1.00 25.45 ? 49  ILE A CD1 1 
ATOM   49   N  N   . ALA A 1 13  ? -3.016  -0.001  -10.341 1.00 19.49 ? 50  ALA A N   1 
ATOM   50   C  CA  . ALA A 1 13  ? -2.600  -1.100  -9.431  1.00 20.10 ? 50  ALA A CA  1 
ATOM   51   C  C   . ALA A 1 13  ? -3.573  -2.298  -9.505  1.00 19.98 ? 50  ALA A C   1 
ATOM   52   O  O   . ALA A 1 13  ? -3.226  -3.438  -9.168  1.00 20.22 ? 50  ALA A O   1 
ATOM   53   C  CB  . ALA A 1 13  ? -2.529  -0.590  -7.999  1.00 19.35 ? 50  ALA A CB  1 
ATOM   54   N  N   . ARG A 1 14  ? -4.795  -1.994  -9.928  1.00 21.34 ? 51  ARG A N   1 
ATOM   55   C  CA  . ARG A 1 14  ? -5.903  -2.930  -9.924  1.00 22.74 ? 51  ARG A CA  1 
ATOM   56   C  C   . ARG A 1 14  ? -5.519  -4.175  -10.673 1.00 21.98 ? 51  ARG A C   1 
ATOM   57   O  O   . ARG A 1 14  ? -5.139  -4.097  -11.836 1.00 22.72 ? 51  ARG A O   1 
ATOM   58   C  CB  . ARG A 1 14  ? -7.149  -2.230  -10.526 1.00 23.60 ? 51  ARG A CB  1 
ATOM   59   C  CG  . ARG A 1 14  ? -8.326  -3.141  -10.776 1.00 29.77 ? 51  ARG A CG  1 
ATOM   60   C  CD  . ARG A 1 14  ? -8.988  -3.563  -9.483  1.00 33.44 ? 51  ARG A CD  1 
ATOM   61   N  NE  . ARG A 1 14  ? -10.147 -4.406  -9.796  1.00 38.25 ? 51  ARG A NE  1 
ATOM   62   C  CZ  . ARG A 1 14  ? -10.138 -5.742  -9.806  1.00 40.10 ? 51  ARG A CZ  1 
ATOM   63   N  NH1 . ARG A 1 14  ? -11.255 -6.394  -10.125 1.00 41.62 ? 51  ARG A NH1 1 
ATOM   64   N  NH2 . ARG A 1 14  ? -9.030  -6.431  -9.497  1.00 40.66 ? 51  ARG A NH2 1 
ATOM   65   N  N   . GLY A 1 15  ? -5.561  -5.325  -9.996  1.00 21.75 ? 52  GLY A N   1 
ATOM   66   C  CA  . GLY A 1 15  ? -5.367  -6.631  -10.678 1.00 22.51 ? 52  GLY A CA  1 
ATOM   67   C  C   . GLY A 1 15  ? -3.894  -6.947  -10.962 1.00 23.21 ? 52  GLY A C   1 
ATOM   68   O  O   . GLY A 1 15  ? -3.577  -7.948  -11.589 1.00 24.25 ? 52  GLY A O   1 
ATOM   69   N  N   . LYS A 1 16  ? -2.978  -6.106  -10.487 1.00 21.97 ? 53  LYS A N   1 
ATOM   70   C  CA  . LYS A 1 16  ? -1.541  -6.341  -10.710 1.00 21.43 ? 53  LYS A CA  1 
ATOM   71   C  C   . LYS A 1 16  ? -0.974  -7.360  -9.709  1.00 20.95 ? 53  LYS A C   1 
ATOM   72   O  O   . LYS A 1 16  ? -1.611  -7.671  -8.732  1.00 21.04 ? 53  LYS A O   1 
ATOM   73   C  CB  . LYS A 1 16  ? -0.782  -5.010  -10.580 1.00 20.45 ? 53  LYS A CB  1 
ATOM   74   C  CG  . LYS A 1 16  ? -1.101  -4.009  -11.716 1.00 20.40 ? 53  LYS A CG  1 
ATOM   75   C  CD  . LYS A 1 16  ? -0.693  -4.569  -13.093 1.00 21.26 ? 53  LYS A CD  1 
ATOM   76   C  CE  . LYS A 1 16  ? -0.785  -3.460  -14.168 1.00 25.60 ? 53  LYS A CE  1 
ATOM   77   N  NZ  . LYS A 1 16  ? -2.165  -2.871  -14.244 1.00 25.43 ? 53  LYS A NZ  1 
ATOM   78   N  N   . GLN A 1 17  ? 0.234   -7.863  -9.938  1.00 20.93 ? 54  GLN A N   1 
ATOM   79   C  CA  . GLN A 1 17  ? 0.829   -8.821  -8.988  1.00 21.78 ? 54  GLN A CA  1 
ATOM   80   C  C   . GLN A 1 17  ? 1.245   -8.137  -7.696  1.00 21.29 ? 54  GLN A C   1 
ATOM   81   O  O   . GLN A 1 17  ? 2.000   -7.168  -7.718  1.00 22.64 ? 54  GLN A O   1 
ATOM   82   C  CB  . GLN A 1 17  ? 2.034   -9.536  -9.602  1.00 22.37 ? 54  GLN A CB  1 
ATOM   83   C  CG  . GLN A 1 17  ? 2.469   -10.734 -8.741  1.00 25.76 ? 54  GLN A CG  1 
ATOM   84   C  CD  . GLN A 1 17  ? 3.529   -11.586 -9.426  1.00 29.87 ? 54  GLN A CD  1 
ATOM   85   O  OE1 . GLN A 1 17  ? 3.868   -12.677 -8.946  1.00 35.21 ? 54  GLN A OE1 1 
ATOM   86   N  NE2 . GLN A 1 17  ? 4.047   -11.102 -10.549 1.00 29.01 ? 54  GLN A NE2 1 
ATOM   87   N  N   . ALA A 1 18  ? 0.721   -8.617  -6.572  1.00 20.74 ? 55  ALA A N   1 
ATOM   88   C  CA  . ALA A 1 18  ? 1.021   -8.021  -5.274  1.00 20.89 ? 55  ALA A CA  1 
ATOM   89   C  C   . ALA A 1 18  ? 1.708   -9.071  -4.424  1.00 20.89 ? 55  ALA A C   1 
ATOM   90   O  O   . ALA A 1 18  ? 1.538   -10.289 -4.655  1.00 20.23 ? 55  ALA A O   1 
ATOM   91   C  CB  . ALA A 1 18  ? -0.275  -7.489  -4.586  1.00 21.10 ? 55  ALA A CB  1 
ATOM   92   N  N   . SER A 1 19  ? 2.516   -8.621  -3.462  1.00 20.40 ? 56  SER A N   1 
ATOM   93   C  CA  . SER A 1 19  ? 3.260   -9.554  -2.589  1.00 19.69 ? 56  SER A CA  1 
ATOM   94   C  C   . SER A 1 19  ? 3.489   -8.838  -1.292  1.00 19.12 ? 56  SER A C   1 
ATOM   95   O  O   . SER A 1 19  ? 3.321   -7.614  -1.219  1.00 18.20 ? 56  SER A O   1 
ATOM   96   C  CB  . SER A 1 19  ? 4.617   -9.970  -3.206  1.00 20.92 ? 56  SER A CB  1 
ATOM   97   O  OG  . SER A 1 19  ? 5.480   -8.831  -3.371  1.00 20.69 ? 56  SER A OG  1 
ATOM   98   N  N   . GLN A 1 20  ? 3.830   -9.585  -0.245  1.00 18.64 ? 57  GLN A N   1 
ATOM   99   C  CA  . GLN A 1 20  ? 4.045   -8.959  1.060   1.00 18.08 ? 57  GLN A CA  1 
ATOM   100  C  C   . GLN A 1 20  ? 5.010   -9.820  1.876   1.00 18.96 ? 57  GLN A C   1 
ATOM   101  O  O   . GLN A 1 20  ? 5.337   -10.959 1.473   1.00 18.37 ? 57  GLN A O   1 
ATOM   102  C  CB  . GLN A 1 20  ? 2.696   -8.701  1.781   1.00 18.49 ? 57  GLN A CB  1 
ATOM   103  C  CG  . GLN A 1 20  ? 1.886   -10.005 2.054   1.00 17.50 ? 57  GLN A CG  1 
ATOM   104  C  CD  . GLN A 1 20  ? 0.447   -9.722  2.447   1.00 18.49 ? 57  GLN A CD  1 
ATOM   105  O  OE1 . GLN A 1 20  ? 0.000   -8.557  2.477   1.00 18.46 ? 57  GLN A OE1 1 
ATOM   106  N  NE2 . GLN A 1 20  ? -0.296  -10.791 2.757   1.00 18.47 ? 57  GLN A NE2 1 
ATOM   107  N  N   . SER A 1 21  ? 5.491   -9.261  2.979   1.00 19.41 ? 58  SER A N   1 
ATOM   108  C  CA  . SER A 1 21  ? 6.549   -9.896  3.787   1.00 20.05 ? 58  SER A CA  1 
ATOM   109  C  C   . SER A 1 21  ? 6.151   -11.273 4.321   1.00 20.53 ? 58  SER A C   1 
ATOM   110  O  O   . SER A 1 21  ? 6.983   -12.181 4.387   1.00 20.68 ? 58  SER A O   1 
ATOM   111  C  CB  . SER A 1 21  ? 7.005   -8.950  4.910   1.00 19.54 ? 58  SER A CB  1 
ATOM   112  O  OG  . SER A 1 21  ? 5.891   -8.462  5.597   1.00 20.88 ? 58  SER A OG  1 
ATOM   113  N  N   . SER A 1 22  ? 4.886   -11.441 4.686   1.00 19.74 ? 59  SER A N   1 
ATOM   114  C  CA  . SER A 1 22  ? 4.362   -12.753 5.083   1.00 20.07 ? 59  SER A CA  1 
ATOM   115  C  C   . SER A 1 22  ? 2.853   -12.613 5.056   1.00 20.11 ? 59  SER A C   1 
ATOM   116  O  O   . SER A 1 22  ? 2.346   -11.489 4.926   1.00 18.49 ? 59  SER A O   1 
ATOM   117  C  CB  . SER A 1 22  ? 4.765   -13.078 6.537   1.00 19.55 ? 59  SER A CB  1 
ATOM   118  O  OG  . SER A 1 22  ? 4.419   -11.985 7.374   1.00 19.13 ? 59  SER A OG  1 
ATOM   119  N  N   . THR A 1 23  ? 2.144   -13.727 5.215   1.00 19.29 ? 60  THR A N   1 
ATOM   120  C  CA  . THR A 1 23  ? 0.670   -13.683 5.168   1.00 20.30 ? 60  THR A CA  1 
ATOM   121  C  C   . THR A 1 23  ? 0.064   -14.363 6.400   1.00 20.02 ? 60  THR A C   1 
ATOM   122  O  O   . THR A 1 23  ? 0.463   -15.494 6.717   1.00 19.87 ? 60  THR A O   1 
ATOM   123  C  CB  . THR A 1 23  ? 0.172   -14.349 3.833   1.00 19.65 ? 60  THR A CB  1 
ATOM   124  O  OG1 . THR A 1 23  ? 0.758   -13.640 2.720   1.00 19.68 ? 60  THR A OG1 1 
ATOM   125  C  CG2 . THR A 1 23  ? -1.356  -14.295 3.739   1.00 19.75 ? 60  THR A CG2 1 
ATOM   126  N  N   . ALA A 1 24  ? -0.863  -13.698 7.099   1.00 19.33 ? 61  ALA A N   1 
ATOM   127  C  CA  . ALA A 1 24  ? -1.533  -14.308 8.269   1.00 19.24 ? 61  ALA A CA  1 
ATOM   128  C  C   . ALA A 1 24  ? -3.014  -14.095 8.164   1.00 19.77 ? 61  ALA A C   1 
ATOM   129  O  O   . ALA A 1 24  ? -3.462  -13.165 7.461   1.00 19.41 ? 61  ALA A O   1 
ATOM   130  C  CB  . ALA A 1 24  ? -1.024  -13.697 9.592   1.00 18.89 ? 61  ALA A CB  1 
ATOM   131  N  N   . TYR A 1 25  ? -3.777  -14.927 8.860   1.00 19.55 ? 62  TYR A N   1 
ATOM   132  C  CA  . TYR A 1 25  ? -5.244  -14.835 8.895   1.00 20.29 ? 62  TYR A CA  1 
ATOM   133  C  C   . TYR A 1 25  ? -5.840  -14.813 7.489   1.00 21.11 ? 62  TYR A C   1 
ATOM   134  O  O   . TYR A 1 25  ? -6.896  -14.188 7.250   1.00 21.35 ? 62  TYR A O   1 
ATOM   135  C  CB  . TYR A 1 25  ? -5.696  -13.568 9.634   1.00 21.36 ? 62  TYR A CB  1 
ATOM   136  C  CG  . TYR A 1 25  ? -5.257  -13.525 11.074  1.00 21.49 ? 62  TYR A CG  1 
ATOM   137  C  CD1 . TYR A 1 25  ? -4.257  -12.658 11.482  1.00 23.81 ? 62  TYR A CD1 1 
ATOM   138  C  CD2 . TYR A 1 25  ? -5.822  -14.398 12.020  1.00 23.73 ? 62  TYR A CD2 1 
ATOM   139  C  CE1 . TYR A 1 25  ? -3.846  -12.617 12.799  1.00 25.22 ? 62  TYR A CE1 1 
ATOM   140  C  CE2 . TYR A 1 25  ? -5.416  -14.376 13.357  1.00 24.65 ? 62  TYR A CE2 1 
ATOM   141  C  CZ  . TYR A 1 25  ? -4.432  -13.476 13.729  1.00 25.62 ? 62  TYR A CZ  1 
ATOM   142  O  OH  . TYR A 1 25  ? -4.007  -13.434 15.018  1.00 27.18 ? 62  TYR A OH  1 
ATOM   143  N  N   . GLY A 1 26  ? -5.157  -15.475 6.557   1.00 20.37 ? 63  GLY A N   1 
ATOM   144  C  CA  . GLY A 1 26  ? -5.635  -15.526 5.178   1.00 20.50 ? 63  GLY A CA  1 
ATOM   145  C  C   . GLY A 1 26  ? -5.639  -14.183 4.457   1.00 19.89 ? 63  GLY A C   1 
ATOM   146  O  O   . GLY A 1 26  ? -6.284  -14.060 3.401   1.00 19.51 ? 63  GLY A O   1 
ATOM   147  N  N   . GLY A 1 27  ? -4.879  -13.204 4.978   1.00 19.27 ? 64  GLY A N   1 
ATOM   148  C  CA  . GLY A 1 27  ? -4.923  -11.800 4.459   1.00 18.25 ? 64  GLY A CA  1 
ATOM   149  C  C   . GLY A 1 27  ? -4.093  -11.622 3.196   1.00 18.25 ? 64  GLY A C   1 
ATOM   150  O  O   . GLY A 1 27  ? -3.117  -10.876 3.186   1.00 18.07 ? 64  GLY A O   1 
ATOM   151  N  N   . ALA A 1 28  ? -4.469  -12.323 2.116   1.00 18.58 ? 65  ALA A N   1 
ATOM   152  C  CA  . ALA A 1 28  ? -3.675  -12.328 0.869   1.00 17.65 ? 65  ALA A CA  1 
ATOM   153  C  C   . ALA A 1 28  ? -3.325  -10.920 0.357   1.00 17.99 ? 65  ALA A C   1 
ATOM   154  O  O   . ALA A 1 28  ? -4.176  -10.022 0.348   1.00 16.96 ? 65  ALA A O   1 
ATOM   155  C  CB  . ALA A 1 28  ? -4.403  -13.107 -0.213  1.00 17.85 ? 65  ALA A CB  1 
ATOM   156  N  N   . ALA A 1 29  ? -2.069  -10.741 -0.047  1.00 17.23 ? 66  ALA A N   1 
ATOM   157  C  CA  . ALA A 1 29  ? -1.589  -9.461  -0.603  1.00 17.31 ? 66  ALA A CA  1 
ATOM   158  C  C   . ALA A 1 29  ? -2.477  -8.908  -1.725  1.00 17.38 ? 66  ALA A C   1 
ATOM   159  O  O   . ALA A 1 29  ? -2.644  -7.687  -1.829  1.00 16.90 ? 66  ALA A O   1 
ATOM   160  C  CB  . ALA A 1 29  ? -0.144  -9.640  -1.129  1.00 16.41 ? 66  ALA A CB  1 
ATOM   161  N  N   . THR A 1 30  ? -3.009  -9.788  -2.579  1.00 17.08 ? 67  THR A N   1 
ATOM   162  C  CA  . THR A 1 30  ? -3.849  -9.347  -3.702  1.00 18.48 ? 67  THR A CA  1 
ATOM   163  C  C   . THR A 1 30  ? -5.140  -8.659  -3.244  1.00 18.73 ? 67  THR A C   1 
ATOM   164  O  O   . THR A 1 30  ? -5.801  -7.988  -4.043  1.00 18.15 ? 67  THR A O   1 
ATOM   165  C  CB  . THR A 1 30  ? -4.214  -10.520 -4.627  1.00 19.53 ? 67  THR A CB  1 
ATOM   166  O  OG1 . THR A 1 30  ? -4.742  -11.575 -3.831  1.00 22.01 ? 67  THR A OG1 1 
ATOM   167  C  CG2 . THR A 1 30  ? -3.010  -11.035 -5.304  1.00 20.26 ? 67  THR A CG2 1 
ATOM   168  N  N   . ARG A 1 31  ? -5.471  -8.764  -1.958  1.00 18.10 ? 68  ARG A N   1 
ATOM   169  C  CA  . ARG A 1 31  ? -6.672  -8.085  -1.451  1.00 17.63 ? 68  ARG A CA  1 
ATOM   170  C  C   . ARG A 1 31  ? -6.571  -6.568  -1.485  1.00 18.06 ? 68  ARG A C   1 
ATOM   171  O  O   . ARG A 1 31  ? -7.585  -5.895  -1.501  1.00 17.53 ? 68  ARG A O   1 
ATOM   172  C  CB  . ARG A 1 31  ? -7.026  -8.521  -0.052  1.00 16.82 ? 68  ARG A CB  1 
ATOM   173  C  CG  . ARG A 1 31  ? -7.561  -9.976  -0.012  1.00 18.13 ? 68  ARG A CG  1 
ATOM   174  C  CD  . ARG A 1 31  ? -7.731  -10.407 1.433   1.00 18.37 ? 68  ARG A CD  1 
ATOM   175  N  NE  . ARG A 1 31  ? -8.238  -11.784 1.502   1.00 16.89 ? 68  ARG A NE  1 
ATOM   176  C  CZ  . ARG A 1 31  ? -8.677  -12.362 2.617   1.00 18.58 ? 68  ARG A CZ  1 
ATOM   177  N  NH1 . ARG A 1 31  ? -9.166  -13.607 2.551   1.00 16.22 ? 68  ARG A NH1 1 
ATOM   178  N  NH2 . ARG A 1 31  ? -8.660  -11.697 3.781   1.00 14.31 ? 68  ARG A NH2 1 
ATOM   179  N  N   . ALA A 1 32  ? -5.352  -6.037  -1.492  1.00 17.41 ? 69  ALA A N   1 
ATOM   180  C  CA  . ALA A 1 32  ? -5.192  -4.582  -1.580  1.00 17.35 ? 69  ALA A CA  1 
ATOM   181  C  C   . ALA A 1 32  ? -5.302  -4.081  -3.037  1.00 17.51 ? 69  ALA A C   1 
ATOM   182  O  O   . ALA A 1 32  ? -5.284  -2.873  -3.268  1.00 17.70 ? 69  ALA A O   1 
ATOM   183  C  CB  . ALA A 1 32  ? -3.835  -4.122  -0.935  1.00 16.93 ? 69  ALA A CB  1 
ATOM   184  N  N   . VAL A 1 33  ? -5.405  -4.990  -4.013  1.00 17.28 ? 70  VAL A N   1 
ATOM   185  C  CA  . VAL A 1 33  ? -5.525  -4.566  -5.437  1.00 18.46 ? 70  VAL A CA  1 
ATOM   186  C  C   . VAL A 1 33  ? -6.726  -5.234  -6.122  1.00 18.86 ? 70  VAL A C   1 
ATOM   187  O  O   . VAL A 1 33  ? -6.768  -5.361  -7.336  1.00 18.34 ? 70  VAL A O   1 
ATOM   188  C  CB  . VAL A 1 33  ? -4.199  -4.728  -6.257  1.00 18.51 ? 70  VAL A CB  1 
ATOM   189  C  CG1 . VAL A 1 33  ? -3.121  -3.753  -5.721  1.00 17.40 ? 70  VAL A CG1 1 
ATOM   190  C  CG2 . VAL A 1 33  ? -3.715  -6.206  -6.310  1.00 20.00 ? 70  VAL A CG2 1 
ATOM   191  N  N   . ASP A 1 34  ? -7.718  -5.617  -5.316  1.00 19.33 ? 71  ASP A N   1 
ATOM   192  C  CA  . ASP A 1 34  ? -8.893  -6.306  -5.824  1.00 20.16 ? 71  ASP A CA  1 
ATOM   193  C  C   . ASP A 1 34  ? -10.054 -5.401  -6.229  1.00 20.67 ? 71  ASP A C   1 
ATOM   194  O  O   . ASP A 1 34  ? -11.131 -5.899  -6.572  1.00 19.27 ? 71  ASP A O   1 
ATOM   195  C  CB  . ASP A 1 34  ? -9.366  -7.389  -4.825  1.00 20.37 ? 71  ASP A CB  1 
ATOM   196  C  CG  . ASP A 1 34  ? -9.910  -6.825  -3.529  1.00 21.02 ? 71  ASP A CG  1 
ATOM   197  O  OD1 . ASP A 1 34  ? -9.880  -5.591  -3.253  1.00 20.22 ? 71  ASP A OD1 1 
ATOM   198  O  OD2 . ASP A 1 34  ? -10.353 -7.663  -2.714  1.00 20.52 ? 71  ASP A OD2 1 
ATOM   199  N  N   . GLY A 1 35  ? -9.850  -4.086  -6.169  1.00 19.88 ? 72  GLY A N   1 
ATOM   200  C  CA  . GLY A 1 35  ? -10.884 -3.150  -6.583  1.00 20.72 ? 72  GLY A CA  1 
ATOM   201  C  C   . GLY A 1 35  ? -11.984 -2.994  -5.554  1.00 21.43 ? 72  GLY A C   1 
ATOM   202  O  O   . GLY A 1 35  ? -13.103 -2.611  -5.877  1.00 20.88 ? 72  GLY A O   1 
ATOM   203  N  N   . ASN A 1 36  ? -11.680 -3.316  -4.307  1.00 20.61 ? 73  ASN A N   1 
ATOM   204  C  CA  . ASN A 1 36  ? -12.675 -3.229  -3.246  1.00 20.45 ? 73  ASN A CA  1 
ATOM   205  C  C   . ASN A 1 36  ? -12.062 -2.522  -2.037  1.00 20.07 ? 73  ASN A C   1 
ATOM   206  O  O   . ASN A 1 36  ? -11.210 -3.074  -1.370  1.00 19.26 ? 73  ASN A O   1 
ATOM   207  C  CB  . ASN A 1 36  ? -13.186 -4.662  -2.915  1.00 20.82 ? 73  ASN A CB  1 
ATOM   208  C  CG  . ASN A 1 36  ? -14.323 -4.660  -1.895  1.00 21.67 ? 73  ASN A CG  1 
ATOM   209  O  OD1 . ASN A 1 36  ? -14.647 -3.618  -1.324  1.00 20.81 ? 73  ASN A OD1 1 
ATOM   210  N  ND2 . ASN A 1 36  ? -14.928 -5.837  -1.657  1.00 20.61 ? 73  ASN A ND2 1 
ATOM   211  N  N   . VAL A 1 37  ? -12.480 -1.286  -1.751  1.00 19.29 ? 74  VAL A N   1 
ATOM   212  C  CA  . VAL A 1 37  ? -11.917 -0.566  -0.629  1.00 19.09 ? 74  VAL A CA  1 
ATOM   213  C  C   . VAL A 1 37  ? -12.546 -0.905  0.714   1.00 19.46 ? 74  VAL A C   1 
ATOM   214  O  O   . VAL A 1 37  ? -12.151 -0.321  1.732   1.00 19.04 ? 74  VAL A O   1 
ATOM   215  C  CB  . VAL A 1 37  ? -11.960 0.985   -0.841  1.00 19.69 ? 74  VAL A CB  1 
ATOM   216  C  CG1 . VAL A 1 37  ? -11.228 1.360   -2.144  1.00 20.44 ? 74  VAL A CG1 1 
ATOM   217  C  CG2 . VAL A 1 37  ? -13.408 1.501   -0.870  1.00 19.81 ? 74  VAL A CG2 1 
ATOM   218  N  N   . ASP A 1 38  ? -13.523 -1.817  0.731   1.00 19.64 ? 75  ASP A N   1 
ATOM   219  C  CA  . ASP A 1 38  ? -14.175 -2.210  2.015   1.00 20.50 ? 75  ASP A CA  1 
ATOM   220  C  C   . ASP A 1 38  ? -13.132 -2.534  3.128   1.00 20.46 ? 75  ASP A C   1 
ATOM   221  O  O   . ASP A 1 38  ? -12.351 -3.467  2.999   1.00 19.95 ? 75  ASP A O   1 
ATOM   222  C  CB  . ASP A 1 38  ? -15.081 -3.429  1.796   1.00 21.13 ? 75  ASP A CB  1 
ATOM   223  C  CG  . ASP A 1 38  ? -15.991 -3.715  2.988   1.00 21.28 ? 75  ASP A CG  1 
ATOM   224  O  OD1 . ASP A 1 38  ? -17.106 -4.222  2.741   1.00 23.12 ? 75  ASP A OD1 1 
ATOM   225  O  OD2 . ASP A 1 38  ? -15.608 -3.477  4.150   1.00 22.33 ? 75  ASP A OD2 1 
ATOM   226  N  N   . SER A 1 39  ? -13.153 -1.769  4.217   1.00 19.62 ? 76  SER A N   1 
ATOM   227  C  CA  . SER A 1 39  ? -12.089 -1.804  5.198   1.00 20.23 ? 76  SER A CA  1 
ATOM   228  C  C   . SER A 1 39  ? -12.308 -2.796  6.362   1.00 20.29 ? 76  SER A C   1 
ATOM   229  O  O   . SER A 1 39  ? -11.479 -2.903  7.273   1.00 20.99 ? 76  SER A O   1 
ATOM   230  C  CB  . SER A 1 39  ? -11.820 -0.378  5.695   1.00 20.33 ? 76  SER A CB  1 
ATOM   231  O  OG  . SER A 1 39  ? -12.861 0.042   6.557   1.00 21.69 ? 76  SER A OG  1 
ATOM   232  N  N   . ASP A 1 40  ? -13.402 -3.546  6.313   1.00 20.63 ? 77  ASP A N   1 
ATOM   233  C  CA  . ASP A 1 40  ? -13.739 -4.467  7.382   1.00 20.76 ? 77  ASP A CA  1 
ATOM   234  C  C   . ASP A 1 40  ? -13.061 -5.813  7.073   1.00 19.48 ? 77  ASP A C   1 
ATOM   235  O  O   . ASP A 1 40  ? -13.353 -6.460  6.063   1.00 19.19 ? 77  ASP A O   1 
ATOM   236  C  CB  . ASP A 1 40  ? -15.257 -4.620  7.467   1.00 21.11 ? 77  ASP A CB  1 
ATOM   237  C  CG  . ASP A 1 40  ? -15.711 -5.529  8.635   1.00 24.42 ? 77  ASP A CG  1 
ATOM   238  O  OD1 . ASP A 1 40  ? -16.789 -5.247  9.205   1.00 23.57 ? 77  ASP A OD1 1 
ATOM   239  O  OD2 . ASP A 1 40  ? -15.017 -6.529  8.952   1.00 24.44 ? 77  ASP A OD2 1 
ATOM   240  N  N   . TYR A 1 41  ? -12.141 -6.202  7.933   1.00 19.54 ? 78  TYR A N   1 
ATOM   241  C  CA  . TYR A 1 41  ? -11.346 -7.423  7.692   1.00 19.70 ? 78  TYR A CA  1 
ATOM   242  C  C   . TYR A 1 41  ? -12.249 -8.612  7.418   1.00 20.64 ? 78  TYR A C   1 
ATOM   243  O  O   . TYR A 1 41  ? -11.904 -9.483  6.598   1.00 20.74 ? 78  TYR A O   1 
ATOM   244  C  CB  . TYR A 1 41  ? -10.417 -7.732  8.883   1.00 19.75 ? 78  TYR A CB  1 
ATOM   245  C  CG  . TYR A 1 41  ? -9.361  -8.724  8.461   1.00 19.87 ? 78  TYR A CG  1 
ATOM   246  C  CD1 . TYR A 1 41  ? -9.529  -10.089 8.689   1.00 20.96 ? 78  TYR A CD1 1 
ATOM   247  C  CD2 . TYR A 1 41  ? -8.234  -8.301  7.741   1.00 18.55 ? 78  TYR A CD2 1 
ATOM   248  C  CE1 . TYR A 1 41  ? -8.571  -11.019 8.228   1.00 22.11 ? 78  TYR A CE1 1 
ATOM   249  C  CE2 . TYR A 1 41  ? -7.286  -9.216  7.288   1.00 18.87 ? 78  TYR A CE2 1 
ATOM   250  C  CZ  . TYR A 1 41  ? -7.455  -10.562 7.527   1.00 21.59 ? 78  TYR A CZ  1 
ATOM   251  O  OH  . TYR A 1 41  ? -6.508  -11.475 7.078   1.00 20.54 ? 78  TYR A OH  1 
ATOM   252  N  N   . GLY A 1 42  ? -13.394 -8.663  8.121   1.00 20.41 ? 79  GLY A N   1 
ATOM   253  C  CA  . GLY A 1 42  ? -14.350 -9.778  7.980   1.00 20.70 ? 79  GLY A CA  1 
ATOM   254  C  C   . GLY A 1 42  ? -14.975 -9.869  6.594   1.00 20.18 ? 79  GLY A C   1 
ATOM   255  O  O   . GLY A 1 42  ? -15.553 -10.901 6.242   1.00 21.11 ? 79  GLY A O   1 
ATOM   256  N  N   . HIS A 1 43  ? -14.853 -8.808  5.798   1.00 19.31 ? 80  HIS A N   1 
ATOM   257  C  CA  . HIS A 1 43  ? -15.345 -8.825  4.413   1.00 19.08 ? 80  HIS A CA  1 
ATOM   258  C  C   . HIS A 1 43  ? -14.310 -9.272  3.375   1.00 19.19 ? 80  HIS A C   1 
ATOM   259  O  O   . HIS A 1 43  ? -14.598 -9.239  2.140   1.00 17.92 ? 80  HIS A O   1 
ATOM   260  C  CB  . HIS A 1 43  ? -15.984 -7.477  4.007   1.00 18.98 ? 80  HIS A CB  1 
ATOM   261  C  CG  . HIS A 1 43  ? -17.081 -7.049  4.934   1.00 19.45 ? 80  HIS A CG  1 
ATOM   262  N  ND1 . HIS A 1 43  ? -17.629 -5.781  4.913   1.00 18.90 ? 80  HIS A ND1 1 
ATOM   263  C  CD2 . HIS A 1 43  ? -17.731 -7.729  5.920   1.00 19.30 ? 80  HIS A CD2 1 
ATOM   264  C  CE1 . HIS A 1 43  ? -18.568 -5.693  5.843   1.00 18.77 ? 80  HIS A CE1 1 
ATOM   265  N  NE2 . HIS A 1 43  ? -18.661 -6.867  6.455   1.00 20.97 ? 80  HIS A NE2 1 
ATOM   266  N  N   . HIS A 1 44  ? -13.147 -9.715  3.883   1.00 18.89 ? 81  HIS A N   1 
ATOM   267  C  CA  . HIS A 1 44  ? -12.136 -10.430 3.080   1.00 20.26 ? 81  HIS A CA  1 
ATOM   268  C  C   . HIS A 1 44  ? -11.457 -9.583  1.992   1.00 20.01 ? 81  HIS A C   1 
ATOM   269  O  O   . HIS A 1 44  ? -10.910 -10.129 1.023   1.00 19.83 ? 81  HIS A O   1 
ATOM   270  C  CB  . HIS A 1 44  ? -12.759 -11.680 2.416   1.00 20.53 ? 81  HIS A CB  1 
ATOM   271  C  CG  . HIS A 1 44  ? -13.469 -12.594 3.362   1.00 21.48 ? 81  HIS A CG  1 
ATOM   272  N  ND1 . HIS A 1 44  ? -12.885 -13.084 4.504   1.00 25.43 ? 81  HIS A ND1 1 
ATOM   273  C  CD2 . HIS A 1 44  ? -14.694 -13.172 3.286   1.00 23.56 ? 81  HIS A CD2 1 
ATOM   274  C  CE1 . HIS A 1 44  ? -13.734 -13.893 5.123   1.00 26.93 ? 81  HIS A CE1 1 
ATOM   275  N  NE2 . HIS A 1 44  ? -14.836 -13.973 4.396   1.00 24.31 ? 81  HIS A NE2 1 
ATOM   276  N  N   . SER A 1 45  ? -11.484 -8.262  2.133   1.00 19.91 ? 82  SER A N   1 
ATOM   277  C  CA  . SER A 1 45  ? -10.786 -7.421  1.155   1.00 19.90 ? 82  SER A CA  1 
ATOM   278  C  C   . SER A 1 45  ? -9.596  -6.626  1.752   1.00 18.91 ? 82  SER A C   1 
ATOM   279  O  O   . SER A 1 45  ? -9.127  -5.620  1.165   1.00 19.15 ? 82  SER A O   1 
ATOM   280  C  CB  . SER A 1 45  ? -11.763 -6.481  0.417   1.00 20.50 ? 82  SER A CB  1 
ATOM   281  O  OG  . SER A 1 45  ? -11.173 -6.056  -0.821  1.00 20.41 ? 82  SER A OG  1 
ATOM   282  N  N   . VAL A 1 46  ? -9.109  -7.078  2.901   1.00 18.38 ? 83  VAL A N   1 
ATOM   283  C  CA  . VAL A 1 46  ? -8.009  -6.406  3.590   1.00 18.44 ? 83  VAL A CA  1 
ATOM   284  C  C   . VAL A 1 46  ? -6.864  -7.425  3.765   1.00 19.04 ? 83  VAL A C   1 
ATOM   285  O  O   . VAL A 1 46  ? -7.095  -8.596  4.138   1.00 18.90 ? 83  VAL A O   1 
ATOM   286  C  CB  . VAL A 1 46  ? -8.481  -5.857  4.974   1.00 19.30 ? 83  VAL A CB  1 
ATOM   287  C  CG1 . VAL A 1 46  ? -7.383  -5.113  5.682   1.00 17.96 ? 83  VAL A CG1 1 
ATOM   288  C  CG2 . VAL A 1 46  ? -9.761  -4.977  4.828   1.00 18.94 ? 83  VAL A CG2 1 
ATOM   289  N  N   . THR A 1 47  ? -5.637  -6.972  3.525   1.00 18.52 ? 84  THR A N   1 
ATOM   290  C  CA  . THR A 1 47  ? -4.448  -7.824  3.662   1.00 18.72 ? 84  THR A CA  1 
ATOM   291  C  C   . THR A 1 47  ? -4.053  -7.950  5.134   1.00 18.84 ? 84  THR A C   1 
ATOM   292  O  O   . THR A 1 47  ? -4.571  -7.222  6.012   1.00 17.78 ? 84  THR A O   1 
ATOM   293  C  CB  . THR A 1 47  ? -3.244  -7.200  2.920   1.00 18.01 ? 84  THR A CB  1 
ATOM   294  O  OG1 . THR A 1 47  ? -2.849  -6.007  3.612   1.00 18.95 ? 84  THR A OG1 1 
ATOM   295  C  CG2 . THR A 1 47  ? -3.616  -6.849  1.475   1.00 18.06 ? 84  THR A CG2 1 
ATOM   296  N  N   . HIS A 1 48  ? -3.126  -8.866  5.402   1.00 18.98 ? 85  HIS A N   1 
ATOM   297  C  CA  . HIS A 1 48  ? -2.627  -9.047  6.776   1.00 18.89 ? 85  HIS A CA  1 
ATOM   298  C  C   . HIS A 1 48  ? -1.317  -9.820  6.700   1.00 19.27 ? 85  HIS A C   1 
ATOM   299  O  O   . HIS A 1 48  ? -1.283  -10.932 6.145   1.00 18.88 ? 85  HIS A O   1 
ATOM   300  C  CB  . HIS A 1 48  ? -3.664  -9.845  7.598   1.00 19.19 ? 85  HIS A CB  1 
ATOM   301  C  CG  . HIS A 1 48  ? -3.612  -9.573  9.070   1.00 20.80 ? 85  HIS A CG  1 
ATOM   302  N  ND1 . HIS A 1 48  ? -2.465  -9.735  9.823   1.00 19.95 ? 85  HIS A ND1 1 
ATOM   303  C  CD2 . HIS A 1 48  ? -4.581  -9.164  9.932   1.00 20.61 ? 85  HIS A CD2 1 
ATOM   304  C  CE1 . HIS A 1 48  ? -2.721  -9.398  11.079  1.00 20.51 ? 85  HIS A CE1 1 
ATOM   305  N  NE2 . HIS A 1 48  ? -4.000  -9.049  11.170  1.00 20.87 ? 85  HIS A NE2 1 
ATOM   306  N  N   . THR A 1 49  ? -0.238  -9.249  7.241   1.00 18.02 ? 86  THR A N   1 
ATOM   307  C  CA  . THR A 1 49  ? 1.012   -10.008 7.383   1.00 18.49 ? 86  THR A CA  1 
ATOM   308  C  C   . THR A 1 49  ? 1.091   -10.596 8.802   1.00 19.10 ? 86  THR A C   1 
ATOM   309  O  O   . THR A 1 49  ? 0.205   -10.362 9.624   1.00 19.70 ? 86  THR A O   1 
ATOM   310  C  CB  . THR A 1 49  ? 2.277   -9.097  7.185   1.00 17.97 ? 86  THR A CB  1 
ATOM   311  O  OG1 . THR A 1 49  ? 2.332   -8.144  8.251   1.00 18.61 ? 86  THR A OG1 1 
ATOM   312  C  CG2 . THR A 1 49  ? 2.214   -8.333  5.853   1.00 18.90 ? 86  THR A CG2 1 
ATOM   313  N  N   . ASN A 1 50  ? 2.134   -11.372 9.078   1.00 19.42 ? 87  ASN A N   1 
ATOM   314  C  CA  . ASN A 1 50  ? 2.456   -11.777 10.452  1.00 19.59 ? 87  ASN A CA  1 
ATOM   315  C  C   . ASN A 1 50  ? 2.687   -10.529 11.294  1.00 19.31 ? 87  ASN A C   1 
ATOM   316  O  O   . ASN A 1 50  ? 3.000   -9.469  10.762  1.00 19.98 ? 87  ASN A O   1 
ATOM   317  C  CB  . ASN A 1 50  ? 3.748   -12.581 10.462  1.00 19.20 ? 87  ASN A CB  1 
ATOM   318  C  CG  . ASN A 1 50  ? 3.601   -13.942 9.786   1.00 20.74 ? 87  ASN A CG  1 
ATOM   319  O  OD1 . ASN A 1 50  ? 2.488   -14.400 9.504   1.00 21.78 ? 87  ASN A OD1 1 
ATOM   320  N  ND2 . ASN A 1 50  ? 4.738   -14.586 9.513   1.00 21.09 ? 87  ASN A ND2 1 
ATOM   321  N  N   . PHE A 1 51  ? 2.508   -10.646 12.601  1.00 20.29 ? 88  PHE A N   1 
ATOM   322  C  CA  . PHE A 1 51  ? 3.091   -9.669  13.539  1.00 22.19 ? 88  PHE A CA  1 
ATOM   323  C  C   . PHE A 1 51  ? 4.601   -9.839  13.477  1.00 21.95 ? 88  PHE A C   1 
ATOM   324  O  O   . PHE A 1 51  ? 5.144   -10.858 13.944  1.00 23.35 ? 88  PHE A O   1 
ATOM   325  C  CB  . PHE A 1 51  ? 2.622   -9.913  14.985  1.00 22.15 ? 88  PHE A CB  1 
ATOM   326  C  CG  . PHE A 1 51  ? 1.195   -9.521  15.250  1.00 24.24 ? 88  PHE A CG  1 
ATOM   327  C  CD1 . PHE A 1 51  ? 0.900   -8.411  16.059  1.00 25.46 ? 88  PHE A CD1 1 
ATOM   328  C  CD2 . PHE A 1 51  ? 0.147   -10.286 14.743  1.00 24.58 ? 88  PHE A CD2 1 
ATOM   329  C  CE1 . PHE A 1 51  ? -0.412  -8.049  16.312  1.00 27.39 ? 88  PHE A CE1 1 
ATOM   330  C  CE2 . PHE A 1 51  ? -1.179  -9.941  14.991  1.00 28.21 ? 88  PHE A CE2 1 
ATOM   331  C  CZ  . PHE A 1 51  ? -1.468  -8.814  15.778  1.00 28.44 ? 88  PHE A CZ  1 
ATOM   332  N  N   . GLU A 1 52  ? 5.289   -8.882  12.858  1.00 22.02 ? 89  GLU A N   1 
ATOM   333  C  CA  . GLU A 1 52  ? 6.716   -9.019  12.602  1.00 22.42 ? 89  GLU A CA  1 
ATOM   334  C  C   . GLU A 1 52  ? 7.348   -7.644  12.518  1.00 23.20 ? 89  GLU A C   1 
ATOM   335  O  O   . GLU A 1 52  ? 6.640   -6.643  12.569  1.00 23.08 ? 89  GLU A O   1 
ATOM   336  C  CB  . GLU A 1 52  ? 6.971   -9.819  11.315  1.00 22.40 ? 89  GLU A CB  1 
ATOM   337  C  CG  . GLU A 1 52  ? 6.571   -9.084  10.029  1.00 23.59 ? 89  GLU A CG  1 
ATOM   338  C  CD  . GLU A 1 52  ? 6.600   -9.968  8.809   1.00 27.73 ? 89  GLU A CD  1 
ATOM   339  O  OE1 . GLU A 1 52  ? 7.474   -10.869 8.717   1.00 26.71 ? 89  GLU A OE1 1 
ATOM   340  O  OE2 . GLU A 1 52  ? 5.750   -9.765  7.932   1.00 29.15 ? 89  GLU A OE2 1 
ATOM   341  N  N   . ASP A 1 53  ? 8.674   -7.586  12.423  1.00 23.87 ? 90  ASP A N   1 
ATOM   342  C  CA  . ASP A 1 53  ? 9.357   -6.296  12.307  1.00 25.11 ? 90  ASP A CA  1 
ATOM   343  C  C   . ASP A 1 53  ? 9.417   -5.872  10.860  1.00 24.85 ? 90  ASP A C   1 
ATOM   344  O  O   . ASP A 1 53  ? 9.667   -6.697  9.989   1.00 24.69 ? 90  ASP A O   1 
ATOM   345  C  CB  . ASP A 1 53  ? 10.791  -6.379  12.836  1.00 25.95 ? 90  ASP A CB  1 
ATOM   346  C  CG  . ASP A 1 53  ? 10.849  -6.772  14.305  1.00 28.29 ? 90  ASP A CG  1 
ATOM   347  O  OD1 . ASP A 1 53  ? 9.797   -6.709  15.010  1.00 29.57 ? 90  ASP A OD1 1 
ATOM   348  O  OD2 . ASP A 1 53  ? 11.970  -7.120  14.747  1.00 31.57 ? 90  ASP A OD2 1 
ATOM   349  N  N   . ASN A 1 54  ? 9.197   -4.584  10.607  1.00 25.52 ? 91  ASN A N   1 
ATOM   350  C  CA  . ASN A 1 54  ? 9.337   -4.049  9.248   1.00 25.24 ? 91  ASN A CA  1 
ATOM   351  C  C   . ASN A 1 54  ? 8.519   -4.825  8.212   1.00 23.72 ? 91  ASN A C   1 
ATOM   352  O  O   . ASN A 1 54  ? 9.025   -5.189  7.150   1.00 24.05 ? 91  ASN A O   1 
ATOM   353  C  CB  . ASN A 1 54  ? 10.813  -4.001  8.828   1.00 26.78 ? 91  ASN A CB  1 
ATOM   354  C  CG  . ASN A 1 54  ? 11.658  -3.197  9.799   1.00 31.23 ? 91  ASN A CG  1 
ATOM   355  O  OD1 . ASN A 1 54  ? 11.231  -2.161  10.325  1.00 34.91 ? 91  ASN A OD1 1 
ATOM   356  N  ND2 . ASN A 1 54  ? 12.841  -3.701  10.084  1.00 37.19 ? 91  ASN A ND2 1 
ATOM   357  N  N   . ALA A 1 55  ? 7.258   -5.097  8.541   1.00 22.07 ? 92  ALA A N   1 
ATOM   358  C  CA  . ALA A 1 55  ? 6.322   -5.691  7.579   1.00 21.03 ? 92  ALA A CA  1 
ATOM   359  C  C   . ALA A 1 55  ? 6.229   -4.813  6.315   1.00 20.29 ? 92  ALA A C   1 
ATOM   360  O  O   . ALA A 1 55  ? 6.363   -3.571  6.375   1.00 20.58 ? 92  ALA A O   1 
ATOM   361  C  CB  . ALA A 1 55  ? 4.942   -5.873  8.228   1.00 18.87 ? 92  ALA A CB  1 
ATOM   362  N  N   . TRP A 1 56  ? 6.026   -5.440  5.164   1.00 19.89 ? 93  TRP A N   1 
ATOM   363  C  CA  . TRP A 1 56  ? 5.917   -4.650  3.922   1.00 19.55 ? 93  TRP A CA  1 
ATOM   364  C  C   . TRP A 1 56  ? 4.922   -5.290  2.977   1.00 18.77 ? 93  TRP A C   1 
ATOM   365  O  O   . TRP A 1 56  ? 4.634   -6.484  3.093   1.00 18.86 ? 93  TRP A O   1 
ATOM   366  C  CB  . TRP A 1 56  ? 7.292   -4.429  3.218   1.00 19.27 ? 93  TRP A CB  1 
ATOM   367  C  CG  . TRP A 1 56  ? 8.007   -5.714  2.863   1.00 20.96 ? 93  TRP A CG  1 
ATOM   368  C  CD1 . TRP A 1 56  ? 8.999   -6.336  3.598   1.00 23.15 ? 93  TRP A CD1 1 
ATOM   369  C  CD2 . TRP A 1 56  ? 7.788   -6.539  1.706   1.00 22.09 ? 93  TRP A CD2 1 
ATOM   370  N  NE1 . TRP A 1 56  ? 9.391   -7.492  2.974   1.00 22.51 ? 93  TRP A NE1 1 
ATOM   371  C  CE2 . TRP A 1 56  ? 8.679   -7.645  1.810   1.00 22.98 ? 93  TRP A CE2 1 
ATOM   372  C  CE3 . TRP A 1 56  ? 6.941   -6.446  0.571   1.00 21.10 ? 93  TRP A CE3 1 
ATOM   373  C  CZ2 . TRP A 1 56  ? 8.732   -8.670  0.839   1.00 24.02 ? 93  TRP A CZ2 1 
ATOM   374  C  CZ3 . TRP A 1 56  ? 6.990   -7.482  -0.401  1.00 20.36 ? 93  TRP A CZ3 1 
ATOM   375  C  CH2 . TRP A 1 56  ? 7.891   -8.578  -0.246  1.00 22.84 ? 93  TRP A CH2 1 
ATOM   376  N  N   . TRP A 1 57  ? 4.426   -4.490  2.043   1.00 17.94 ? 94  TRP A N   1 
ATOM   377  C  CA  . TRP A 1 57  ? 3.514   -4.947  0.992   1.00 18.35 ? 94  TRP A CA  1 
ATOM   378  C  C   . TRP A 1 57  ? 3.984   -4.272  -0.306  1.00 19.54 ? 94  TRP A C   1 
ATOM   379  O  O   . TRP A 1 57  ? 4.476   -3.143  -0.267  1.00 19.80 ? 94  TRP A O   1 
ATOM   380  C  CB  . TRP A 1 57  ? 2.057   -4.559  1.320   1.00 18.22 ? 94  TRP A CB  1 
ATOM   381  C  CG  . TRP A 1 57  ? 1.063   -4.853  0.202   1.00 17.29 ? 94  TRP A CG  1 
ATOM   382  C  CD1 . TRP A 1 57  ? 0.251   -5.980  0.070   1.00 16.94 ? 94  TRP A CD1 1 
ATOM   383  C  CD2 . TRP A 1 57  ? 0.758   -4.005  -0.913  1.00 17.81 ? 94  TRP A CD2 1 
ATOM   384  N  NE1 . TRP A 1 57  ? -0.509  -5.885  -1.086  1.00 16.84 ? 94  TRP A NE1 1 
ATOM   385  C  CE2 . TRP A 1 57  ? -0.229  -4.676  -1.698  1.00 18.36 ? 94  TRP A CE2 1 
ATOM   386  C  CE3 . TRP A 1 57  ? 1.209   -2.730  -1.323  1.00 17.81 ? 94  TRP A CE3 1 
ATOM   387  C  CZ2 . TRP A 1 57  ? -0.741  -4.118  -2.890  1.00 20.09 ? 94  TRP A CZ2 1 
ATOM   388  C  CZ3 . TRP A 1 57  ? 0.706   -2.174  -2.512  1.00 16.02 ? 94  TRP A CZ3 1 
ATOM   389  C  CH2 . TRP A 1 57  ? -0.277  -2.858  -3.270  1.00 16.72 ? 94  TRP A CH2 1 
ATOM   390  N  N   . GLN A 1 58  ? 3.855   -4.961  -1.441  1.00 19.07 ? 95  GLN A N   1 
ATOM   391  C  CA  . GLN A 1 58  ? 4.322   -4.376  -2.683  1.00 20.15 ? 95  GLN A CA  1 
ATOM   392  C  C   . GLN A 1 58  ? 3.384   -4.703  -3.839  1.00 19.74 ? 95  GLN A C   1 
ATOM   393  O  O   . GLN A 1 58  ? 2.861   -5.816  -3.915  1.00 19.77 ? 95  GLN A O   1 
ATOM   394  C  CB  . GLN A 1 58  ? 5.701   -4.970  -3.010  1.00 20.85 ? 95  GLN A CB  1 
ATOM   395  C  CG  . GLN A 1 58  ? 6.294   -4.478  -4.317  1.00 23.88 ? 95  GLN A CG  1 
ATOM   396  C  CD  . GLN A 1 58  ? 7.690   -5.038  -4.522  1.00 27.14 ? 95  GLN A CD  1 
ATOM   397  O  OE1 . GLN A 1 58  ? 7.859   -6.145  -5.055  1.00 29.33 ? 95  GLN A OE1 1 
ATOM   398  N  NE2 . GLN A 1 58  ? 8.685   -4.282  -4.107  1.00 26.16 ? 95  GLN A NE2 1 
ATOM   399  N  N   . VAL A 1 59  ? 3.222   -3.758  -4.773  1.00 18.97 ? 96  VAL A N   1 
ATOM   400  C  CA  . VAL A 1 59  ? 2.598   -4.101  -6.044  1.00 18.60 ? 96  VAL A CA  1 
ATOM   401  C  C   . VAL A 1 59  ? 3.582   -3.850  -7.171  1.00 19.33 ? 96  VAL A C   1 
ATOM   402  O  O   . VAL A 1 59  ? 4.315   -2.861  -7.186  1.00 19.38 ? 96  VAL A O   1 
ATOM   403  C  CB  . VAL A 1 59  ? 1.239   -3.360  -6.278  1.00 18.89 ? 96  VAL A CB  1 
ATOM   404  C  CG1 . VAL A 1 59  ? 1.403   -1.843  -6.181  1.00 16.05 ? 96  VAL A CG1 1 
ATOM   405  C  CG2 . VAL A 1 59  ? 0.592   -3.779  -7.612  1.00 17.78 ? 96  VAL A CG2 1 
ATOM   406  N  N   . ASP A 1 60  ? 3.582   -4.780  -8.109  1.00 19.00 ? 97  ASP A N   1 
ATOM   407  C  CA  . ASP A 1 60  ? 4.352   -4.675  -9.325  1.00 20.06 ? 97  ASP A CA  1 
ATOM   408  C  C   . ASP A 1 60  ? 3.434   -4.145  -10.418 1.00 19.89 ? 97  ASP A C   1 
ATOM   409  O  O   . ASP A 1 60  ? 2.503   -4.844  -10.861 1.00 19.97 ? 97  ASP A O   1 
ATOM   410  C  CB  . ASP A 1 60  ? 4.935   -6.056  -9.656  1.00 19.38 ? 97  ASP A CB  1 
ATOM   411  C  CG  . ASP A 1 60  ? 5.709   -6.075  -10.949 1.00 22.55 ? 97  ASP A CG  1 
ATOM   412  O  OD1 . ASP A 1 60  ? 5.872   -5.007  -11.591 1.00 21.65 ? 97  ASP A OD1 1 
ATOM   413  O  OD2 . ASP A 1 60  ? 6.132   -7.185  -11.326 1.00 23.88 ? 97  ASP A OD2 1 
ATOM   414  N  N   . LEU A 1 61  ? 3.696   -2.920  -10.883 1.00 19.49 ? 98  LEU A N   1 
ATOM   415  C  CA  . LEU A 1 61  ? 2.863   -2.333  -11.938 1.00 20.06 ? 98  LEU A CA  1 
ATOM   416  C  C   . LEU A 1 61  ? 3.071   -3.001  -13.292 1.00 20.83 ? 98  LEU A C   1 
ATOM   417  O  O   . LEU A 1 61  ? 2.328   -2.730  -14.256 1.00 21.77 ? 98  LEU A O   1 
ATOM   418  C  CB  . LEU A 1 61  ? 3.101   -0.835  -12.045 1.00 19.62 ? 98  LEU A CB  1 
ATOM   419  C  CG  . LEU A 1 61  ? 2.847   -0.023  -10.764 1.00 21.65 ? 98  LEU A CG  1 
ATOM   420  C  CD1 . LEU A 1 61  ? 3.293   1.426   -10.983 1.00 20.60 ? 98  LEU A CD1 1 
ATOM   421  C  CD2 . LEU A 1 61  ? 1.385   -0.084  -10.224 1.00 22.33 ? 98  LEU A CD2 1 
ATOM   422  N  N   . GLY A 1 62  ? 4.104   -3.830  -13.374 1.00 20.93 ? 99  GLY A N   1 
ATOM   423  C  CA  . GLY A 1 62  ? 4.368   -4.687  -14.525 1.00 22.07 ? 99  GLY A CA  1 
ATOM   424  C  C   . GLY A 1 62  ? 5.218   -4.032  -15.590 1.00 23.84 ? 99  GLY A C   1 
ATOM   425  O  O   . GLY A 1 62  ? 5.740   -4.710  -16.483 1.00 24.14 ? 99  GLY A O   1 
ATOM   426  N  N   . LYS A 1 63  ? 5.329   -2.707  -15.502 1.00 24.24 ? 100 LYS A N   1 
ATOM   427  C  CA  . LYS A 1 63  ? 6.179   -1.927  -16.375 1.00 25.65 ? 100 LYS A CA  1 
ATOM   428  C  C   . LYS A 1 63  ? 6.397   -0.582  -15.699 1.00 24.80 ? 100 LYS A C   1 
ATOM   429  O  O   . LYS A 1 63  ? 5.761   -0.293  -14.700 1.00 24.36 ? 100 LYS A O   1 
ATOM   430  C  CB  . LYS A 1 63  ? 5.573   -1.759  -17.778 1.00 26.42 ? 100 LYS A CB  1 
ATOM   431  C  CG  . LYS A 1 63  ? 4.273   -0.996  -17.864 1.00 28.72 ? 100 LYS A CG  1 
ATOM   432  C  CD  . LYS A 1 63  ? 3.611   -1.292  -19.240 1.00 38.60 ? 100 LYS A CD  1 
ATOM   433  C  CE  . LYS A 1 63  ? 2.175   -0.781  -19.314 1.00 42.33 ? 100 LYS A CE  1 
ATOM   434  N  NZ  . LYS A 1 63  ? 2.111   0.718   -19.470 1.00 45.97 ? 100 LYS A NZ  1 
ATOM   435  N  N   . THR A 1 64  ? 7.321   0.216   -16.228 1.00 24.47 ? 101 THR A N   1 
ATOM   436  C  CA  . THR A 1 64  ? 7.602   1.519   -15.633 1.00 23.38 ? 101 THR A CA  1 
ATOM   437  C  C   . THR A 1 64  ? 6.554   2.563   -15.982 1.00 22.98 ? 101 THR A C   1 
ATOM   438  O  O   . THR A 1 64  ? 6.254   2.788   -17.147 1.00 23.56 ? 101 THR A O   1 
ATOM   439  C  CB  . THR A 1 64  ? 9.038   2.003   -16.006 1.00 23.44 ? 101 THR A CB  1 
ATOM   440  O  OG1 . THR A 1 64  ? 9.968   1.023   -15.547 1.00 22.97 ? 101 THR A OG1 1 
ATOM   441  C  CG2 . THR A 1 64  ? 9.355   3.323   -15.325 1.00 22.25 ? 101 THR A CG2 1 
ATOM   442  N  N   . GLU A 1 65  ? 6.006   3.198   -14.955 1.00 22.78 ? 102 GLU A N   1 
ATOM   443  C  CA  . GLU A 1 65  ? 4.936   4.170   -15.141 1.00 22.83 ? 102 GLU A CA  1 
ATOM   444  C  C   . GLU A 1 65  ? 5.327   5.475   -14.486 1.00 22.50 ? 102 GLU A C   1 
ATOM   445  O  O   . GLU A 1 65  ? 6.029   5.471   -13.477 1.00 22.29 ? 102 GLU A O   1 
ATOM   446  C  CB  . GLU A 1 65  ? 3.646   3.662   -14.502 1.00 23.07 ? 102 GLU A CB  1 
ATOM   447  C  CG  . GLU A 1 65  ? 3.156   2.339   -15.061 1.00 24.82 ? 102 GLU A CG  1 
ATOM   448  C  CD  . GLU A 1 65  ? 2.413   2.486   -16.380 1.00 30.32 ? 102 GLU A CD  1 
ATOM   449  O  OE1 . GLU A 1 65  ? 1.855   1.472   -16.846 1.00 33.07 ? 102 GLU A OE1 1 
ATOM   450  O  OE2 . GLU A 1 65  ? 2.378   3.601   -16.947 1.00 29.49 ? 102 GLU A OE2 1 
ATOM   451  N  N   . ASN A 1 66  ? 4.879   6.579   -15.068 1.00 21.84 ? 103 ASN A N   1 
ATOM   452  C  CA  . ASN A 1 66  ? 5.017   7.857   -14.410 1.00 22.71 ? 103 ASN A CA  1 
ATOM   453  C  C   . ASN A 1 66  ? 3.946   8.061   -13.347 1.00 23.16 ? 103 ASN A C   1 
ATOM   454  O  O   . ASN A 1 66  ? 2.782   8.349   -13.656 1.00 24.34 ? 103 ASN A O   1 
ATOM   455  C  CB  . ASN A 1 66  ? 4.984   9.008   -15.398 1.00 22.04 ? 103 ASN A CB  1 
ATOM   456  C  CG  . ASN A 1 66  ? 5.642   10.231  -14.836 1.00 25.33 ? 103 ASN A CG  1 
ATOM   457  O  OD1 . ASN A 1 66  ? 4.985   11.040  -14.175 1.00 25.37 ? 103 ASN A OD1 1 
ATOM   458  N  ND2 . ASN A 1 66  ? 6.983   10.325  -14.985 1.00 24.06 ? 103 ASN A ND2 1 
ATOM   459  N  N   . VAL A 1 67  ? 4.345   7.910   -12.097 1.00 23.19 ? 104 VAL A N   1 
ATOM   460  C  CA  . VAL A 1 67  ? 3.399   7.834   -10.977 1.00 24.26 ? 104 VAL A CA  1 
ATOM   461  C  C   . VAL A 1 67  ? 3.259   9.204   -10.349 1.00 25.03 ? 104 VAL A C   1 
ATOM   462  O  O   . VAL A 1 67  ? 4.269   9.866   -10.016 1.00 26.10 ? 104 VAL A O   1 
ATOM   463  C  CB  . VAL A 1 67  ? 3.874   6.828   -9.899  1.00 23.88 ? 104 VAL A CB  1 
ATOM   464  C  CG1 . VAL A 1 67  ? 2.966   6.890   -8.643  1.00 25.41 ? 104 VAL A CG1 1 
ATOM   465  C  CG2 . VAL A 1 67  ? 3.949   5.398   -10.484 1.00 24.21 ? 104 VAL A CG2 1 
ATOM   466  N  N   . GLY A 1 68  ? 2.006   9.629   -10.181 1.00 24.62 ? 105 GLY A N   1 
ATOM   467  C  CA  . GLY A 1 68  ? 1.747   10.877  -9.517  1.00 24.50 ? 105 GLY A CA  1 
ATOM   468  C  C   . GLY A 1 68  ? 1.015   10.757  -8.198  1.00 23.45 ? 105 GLY A C   1 
ATOM   469  O  O   . GLY A 1 68  ? 1.083   11.680  -7.385  1.00 24.75 ? 105 GLY A O   1 
ATOM   470  N  N   . LYS A 1 69  ? 0.277   9.661   -7.986  1.00 22.79 ? 106 LYS A N   1 
ATOM   471  C  CA  . LYS A 1 69  ? -0.518  9.509   -6.772  1.00 21.73 ? 106 LYS A CA  1 
ATOM   472  C  C   . LYS A 1 69  ? -0.628  8.048   -6.336  1.00 21.27 ? 106 LYS A C   1 
ATOM   473  O  O   . LYS A 1 69  ? -0.867  7.184   -7.180  1.00 21.21 ? 106 LYS A O   1 
ATOM   474  C  CB  . LYS A 1 69  ? -1.920  10.085  -6.983  1.00 22.23 ? 106 LYS A CB  1 
ATOM   475  C  CG  . LYS A 1 69  ? -2.812  10.132  -5.739  1.00 23.05 ? 106 LYS A CG  1 
ATOM   476  C  CD  . LYS A 1 69  ? -4.193  10.564  -6.221  1.00 26.67 ? 106 LYS A CD  1 
ATOM   477  C  CE  . LYS A 1 69  ? -5.177  10.735  -5.133  1.00 30.38 ? 106 LYS A CE  1 
ATOM   478  N  NZ  . LYS A 1 69  ? -6.440  11.300  -5.759  1.00 31.05 ? 106 LYS A NZ  1 
ATOM   479  N  N   . VAL A 1 70  ? -0.423  7.810   -5.034  1.00 19.74 ? 107 VAL A N   1 
ATOM   480  C  CA  . VAL A 1 70  ? -0.666  6.507   -4.410  1.00 19.99 ? 107 VAL A CA  1 
ATOM   481  C  C   . VAL A 1 70  ? -1.681  6.761   -3.305  1.00 20.07 ? 107 VAL A C   1 
ATOM   482  O  O   . VAL A 1 70  ? -1.514  7.667   -2.498  1.00 19.86 ? 107 VAL A O   1 
ATOM   483  C  CB  . VAL A 1 70  ? 0.635   5.849   -3.885  1.00 19.85 ? 107 VAL A CB  1 
ATOM   484  C  CG1 . VAL A 1 70  ? 0.358   4.489   -3.168  1.00 19.18 ? 107 VAL A CG1 1 
ATOM   485  C  CG2 . VAL A 1 70  ? 1.639   5.641   -5.060  1.00 19.66 ? 107 VAL A CG2 1 
ATOM   486  N  N   . LYS A 1 71  ? -2.770  5.991   -3.298  1.00 20.56 ? 108 LYS A N   1 
ATOM   487  C  CA  . LYS A 1 71  ? -3.795  6.197   -2.256  1.00 20.43 ? 108 LYS A CA  1 
ATOM   488  C  C   . LYS A 1 71  ? -3.898  4.929   -1.434  1.00 20.09 ? 108 LYS A C   1 
ATOM   489  O  O   . LYS A 1 71  ? -4.113  3.863   -1.989  1.00 19.24 ? 108 LYS A O   1 
ATOM   490  C  CB  . LYS A 1 71  ? -5.148  6.474   -2.890  1.00 20.64 ? 108 LYS A CB  1 
ATOM   491  C  CG  . LYS A 1 71  ? -6.144  7.062   -1.916  1.00 24.39 ? 108 LYS A CG  1 
ATOM   492  C  CD  . LYS A 1 71  ? -7.307  7.632   -2.713  1.00 27.74 ? 108 LYS A CD  1 
ATOM   493  C  CE  . LYS A 1 71  ? -8.366  8.124   -1.747  1.00 32.17 ? 108 LYS A CE  1 
ATOM   494  N  NZ  . LYS A 1 71  ? -9.545  8.640   -2.479  1.00 36.33 ? 108 LYS A NZ  1 
ATOM   495  N  N   . LEU A 1 72  ? -3.758  5.061   -0.128  1.00 19.18 ? 109 LEU A N   1 
ATOM   496  C  CA  . LEU A 1 72  ? -3.825  3.909   0.771   1.00 20.19 ? 109 LEU A CA  1 
ATOM   497  C  C   . LEU A 1 72  ? -5.160  3.950   1.466   1.00 20.83 ? 109 LEU A C   1 
ATOM   498  O  O   . LEU A 1 72  ? -5.579  5.032   1.917   1.00 22.05 ? 109 LEU A O   1 
ATOM   499  C  CB  . LEU A 1 72  ? -2.744  3.982   1.864   1.00 18.79 ? 109 LEU A CB  1 
ATOM   500  C  CG  . LEU A 1 72  ? -1.269  4.137   1.481   1.00 22.92 ? 109 LEU A CG  1 
ATOM   501  C  CD1 . LEU A 1 72  ? -0.373  3.848   2.724   1.00 23.70 ? 109 LEU A CD1 1 
ATOM   502  C  CD2 . LEU A 1 72  ? -0.924  3.202   0.357   1.00 23.42 ? 109 LEU A CD2 1 
ATOM   503  N  N   . TYR A 1 73  ? -5.786  2.786   1.598   1.00 20.77 ? 110 TYR A N   1 
ATOM   504  C  CA  . TYR A 1 73  ? -7.037  2.652   2.363   1.00 20.23 ? 110 TYR A CA  1 
ATOM   505  C  C   . TYR A 1 73  ? -6.738  1.756   3.530   1.00 20.54 ? 110 TYR A C   1 
ATOM   506  O  O   . TYR A 1 73  ? -6.308  0.603   3.357   1.00 20.35 ? 110 TYR A O   1 
ATOM   507  C  CB  . TYR A 1 73  ? -8.148  2.061   1.518   1.00 19.85 ? 110 TYR A CB  1 
ATOM   508  C  CG  . TYR A 1 73  ? -8.597  2.947   0.381   1.00 20.54 ? 110 TYR A CG  1 
ATOM   509  C  CD1 . TYR A 1 73  ? -9.768  3.718   0.475   1.00 21.41 ? 110 TYR A CD1 1 
ATOM   510  C  CD2 . TYR A 1 73  ? -7.849  3.022   -0.791  1.00 21.49 ? 110 TYR A CD2 1 
ATOM   511  C  CE1 . TYR A 1 73  ? -10.180 4.508   -0.587  1.00 21.88 ? 110 TYR A CE1 1 
ATOM   512  C  CE2 . TYR A 1 73  ? -8.244  3.829   -1.852  1.00 21.25 ? 110 TYR A CE2 1 
ATOM   513  C  CZ  . TYR A 1 73  ? -9.401  4.559   -1.750  1.00 22.06 ? 110 TYR A CZ  1 
ATOM   514  O  OH  . TYR A 1 73  ? -9.755  5.319   -2.848  1.00 23.14 ? 110 TYR A OH  1 
ATOM   515  N  N   . ASN A 1 74  ? -6.900  2.300   4.717   1.00 20.17 ? 111 ASN A N   1 
ATOM   516  C  CA  . ASN A 1 74  ? -6.583  1.577   5.955   1.00 21.18 ? 111 ASN A CA  1 
ATOM   517  C  C   . ASN A 1 74  ? -7.664  0.543   6.325   1.00 22.00 ? 111 ASN A C   1 
ATOM   518  O  O   . ASN A 1 74  ? -8.816  0.657   5.874   1.00 20.72 ? 111 ASN A O   1 
ATOM   519  C  CB  . ASN A 1 74  ? -6.439  2.577   7.102   1.00 21.31 ? 111 ASN A CB  1 
ATOM   520  C  CG  . ASN A 1 74  ? -5.566  2.057   8.239   1.00 22.20 ? 111 ASN A CG  1 
ATOM   521  O  OD1 . ASN A 1 74  ? -5.051  0.926   8.188   1.00 23.40 ? 111 ASN A OD1 1 
ATOM   522  N  ND2 . ASN A 1 74  ? -5.421  2.867   9.295   1.00 21.38 ? 111 ASN A ND2 1 
ATOM   523  N  N   . ARG A 1 75  ? -7.269  -0.458  7.121   1.00 21.75 ? 112 ARG A N   1 
ATOM   524  C  CA  . ARG A 1 75  ? -8.222  -1.333  7.817   1.00 22.34 ? 112 ARG A CA  1 
ATOM   525  C  C   . ARG A 1 75  ? -9.096  -0.488  8.753   1.00 24.07 ? 112 ARG A C   1 
ATOM   526  O  O   . ARG A 1 75  ? -8.604  0.458   9.370   1.00 23.97 ? 112 ARG A O   1 
ATOM   527  C  CB  . ARG A 1 75  ? -7.477  -2.412  8.613   1.00 21.82 ? 112 ARG A CB  1 
ATOM   528  C  CG  . ARG A 1 75  ? -8.421  -3.398  9.274   1.00 20.75 ? 112 ARG A CG  1 
ATOM   529  C  CD  . ARG A 1 75  ? -7.643  -4.460  10.057  1.00 21.86 ? 112 ARG A CD  1 
ATOM   530  N  NE  . ARG A 1 75  ? -8.586  -5.355  10.727  1.00 21.96 ? 112 ARG A NE  1 
ATOM   531  C  CZ  . ARG A 1 75  ? -8.233  -6.406  11.466  1.00 24.41 ? 112 ARG A CZ  1 
ATOM   532  N  NH1 . ARG A 1 75  ? -6.948  -6.709  11.619  1.00 23.82 ? 112 ARG A NH1 1 
ATOM   533  N  NH2 . ARG A 1 75  ? -9.175  -7.166  12.053  1.00 23.22 ? 112 ARG A NH2 1 
ATOM   534  N  N   . GLY A 1 76  ? -10.381 -0.828  8.842   1.00 24.54 ? 113 GLY A N   1 
ATOM   535  C  CA  . GLY A 1 76  ? -11.333 -0.027  9.612   1.00 27.52 ? 113 GLY A CA  1 
ATOM   536  C  C   . GLY A 1 76  ? -12.048 -0.720  10.768  1.00 29.77 ? 113 GLY A C   1 
ATOM   537  O  O   . GLY A 1 76  ? -12.644 -0.050  11.588  1.00 31.15 ? 113 GLY A O   1 
ATOM   538  N  N   . ASP A 1 77  ? -12.035 -2.047  10.834  1.00 30.69 ? 114 ASP A N   1 
ATOM   539  C  CA  . ASP A 1 77  ? -12.716 -2.730  11.931  1.00 32.24 ? 114 ASP A CA  1 
ATOM   540  C  C   . ASP A 1 77  ? -11.733 -2.964  13.069  1.00 33.45 ? 114 ASP A C   1 
ATOM   541  O  O   . ASP A 1 77  ? -10.518 -2.938  12.857  1.00 33.55 ? 114 ASP A O   1 
ATOM   542  C  CB  . ASP A 1 77  ? -13.270 -4.092  11.472  1.00 31.38 ? 114 ASP A CB  1 
ATOM   543  C  CG  . ASP A 1 77  ? -12.157 -5.075  11.164  1.00 31.55 ? 114 ASP A CG  1 
ATOM   544  O  OD1 . ASP A 1 77  ? -12.035 -6.128  11.839  1.00 32.96 ? 114 ASP A OD1 1 
ATOM   545  O  OD2 . ASP A 1 77  ? -11.359 -4.755  10.265  1.00 25.29 ? 114 ASP A OD2 1 
ATOM   546  N  N   . GLY A 1 78  ? -12.260 -3.181  14.278  1.00 35.22 ? 115 GLY A N   1 
ATOM   547  C  CA  . GLY A 1 78  ? -11.504 -3.860  15.362  1.00 36.57 ? 115 GLY A CA  1 
ATOM   548  C  C   . GLY A 1 78  ? -10.559 -2.998  16.203  1.00 37.69 ? 115 GLY A C   1 
ATOM   549  O  O   . GLY A 1 78  ? -9.792  -3.531  17.038  1.00 37.69 ? 115 GLY A O   1 
ATOM   550  N  N   . ASN A 1 79  ? -10.612 -1.684  15.983  1.00 37.32 ? 116 ASN A N   1 
ATOM   551  C  CA  . ASN A 1 79  ? -9.724  -0.714  16.655  1.00 38.36 ? 116 ASN A CA  1 
ATOM   552  C  C   . ASN A 1 79  ? -8.224  -0.903  16.500  1.00 36.53 ? 116 ASN A C   1 
ATOM   553  O  O   . ASN A 1 79  ? -7.471  -0.665  17.442  1.00 37.07 ? 116 ASN A O   1 
ATOM   554  C  CB  . ASN A 1 79  ? -10.092 -0.573  18.138  1.00 39.87 ? 116 ASN A CB  1 
ATOM   555  C  CG  . ASN A 1 79  ? -10.736 0.755   18.424  1.00 45.19 ? 116 ASN A CG  1 
ATOM   556  O  OD1 . ASN A 1 79  ? -11.963 0.845   18.576  1.00 50.52 ? 116 ASN A OD1 1 
ATOM   557  N  ND2 . ASN A 1 79  ? -9.919  1.822   18.425  1.00 48.62 ? 116 ASN A ND2 1 
ATOM   558  N  N   . VAL A 1 80  ? -7.793  -1.311  15.310  1.00 33.78 ? 117 VAL A N   1 
ATOM   559  C  CA  . VAL A 1 80  ? -6.397  -1.649  15.061  1.00 31.40 ? 117 VAL A CA  1 
ATOM   560  C  C   . VAL A 1 80  ? -5.849  -0.797  13.899  1.00 30.65 ? 117 VAL A C   1 
ATOM   561  O  O   . VAL A 1 80  ? -4.787  -1.088  13.343  1.00 28.56 ? 117 VAL A O   1 
ATOM   562  C  CB  . VAL A 1 80  ? -6.243  -3.155  14.757  1.00 31.20 ? 117 VAL A CB  1 
ATOM   563  C  CG1 . VAL A 1 80  ? -6.459  -3.990  16.032  1.00 31.03 ? 117 VAL A CG1 1 
ATOM   564  C  CG2 . VAL A 1 80  ? -7.212  -3.596  13.655  1.00 29.80 ? 117 VAL A CG2 1 
ATOM   565  N  N   . ALA A 1 81  ? -6.590  0.270   13.559  1.00 29.95 ? 118 ALA A N   1 
ATOM   566  C  CA  . ALA A 1 81  ? -6.223  1.175   12.458  1.00 29.13 ? 118 ALA A CA  1 
ATOM   567  C  C   . ALA A 1 81  ? -4.844  1.770   12.679  1.00 28.35 ? 118 ALA A C   1 
ATOM   568  O  O   . ALA A 1 81  ? -4.106  2.006   11.715  1.00 27.94 ? 118 ALA A O   1 
ATOM   569  C  CB  . ALA A 1 81  ? -7.293  2.310   12.263  1.00 29.72 ? 118 ALA A CB  1 
ATOM   570  N  N   . ASN A 1 82  ? -4.487  1.974   13.947  1.00 27.85 ? 119 ASN A N   1 
ATOM   571  C  CA  A ASN A 1 82  ? -3.207  2.621   14.217  0.50 27.68 ? 119 ASN A CA  1 
ATOM   572  C  CA  B ASN A 1 82  ? -3.210  2.542   14.370  0.50 27.74 ? 119 ASN A CA  1 
ATOM   573  C  C   . ASN A 1 82  ? -1.986  1.738   13.918  1.00 27.20 ? 119 ASN A C   1 
ATOM   574  O  O   . ASN A 1 82  ? -0.847  2.203   14.028  1.00 27.20 ? 119 ASN A O   1 
ATOM   575  C  CB  A ASN A 1 82  ? -3.163  3.279   15.611  0.50 28.40 ? 119 ASN A CB  1 
ATOM   576  C  CB  B ASN A 1 82  ? -3.191  2.727   15.909  0.50 28.65 ? 119 ASN A CB  1 
ATOM   577  C  CG  A ASN A 1 82  ? -4.154  4.429   15.738  0.50 30.02 ? 119 ASN A CG  1 
ATOM   578  C  CG  B ASN A 1 82  ? -2.842  1.442   16.661  0.50 29.90 ? 119 ASN A CG  1 
ATOM   579  O  OD1 A ASN A 1 82  ? -5.363  4.233   15.604  0.50 32.84 ? 119 ASN A OD1 1 
ATOM   580  O  OD1 B ASN A 1 82  ? -1.756  1.323   17.218  0.50 33.63 ? 119 ASN A OD1 1 
ATOM   581  N  ND2 A ASN A 1 82  ? -3.649  5.634   15.997  0.50 31.92 ? 119 ASN A ND2 1 
ATOM   582  N  ND2 B ASN A 1 82  ? -3.753  0.479   16.666  0.50 32.67 ? 119 ASN A ND2 1 
ATOM   583  N  N   . ARG A 1 83  ? -2.207  0.501   13.456  1.00 25.27 ? 120 ARG A N   1 
ATOM   584  C  CA  . ARG A 1 83  ? -1.079  -0.323  13.000  1.00 24.31 ? 120 ARG A CA  1 
ATOM   585  C  C   . ARG A 1 83  ? -0.439  0.261   11.740  1.00 23.82 ? 120 ARG A C   1 
ATOM   586  O  O   . ARG A 1 83  ? 0.753   0.048   11.464  1.00 23.91 ? 120 ARG A O   1 
ATOM   587  C  CB  . ARG A 1 83  ? -1.499  -1.776  12.778  1.00 23.63 ? 120 ARG A CB  1 
ATOM   588  C  CG  . ARG A 1 83  ? -1.811  -2.494  14.068  1.00 24.09 ? 120 ARG A CG  1 
ATOM   589  C  CD  . ARG A 1 83  ? -2.394  -3.857  13.764  1.00 23.86 ? 120 ARG A CD  1 
ATOM   590  N  NE  . ARG A 1 83  ? -2.697  -4.576  14.999  1.00 25.90 ? 120 ARG A NE  1 
ATOM   591  C  CZ  . ARG A 1 83  ? -3.434  -5.686  15.074  1.00 26.91 ? 120 ARG A CZ  1 
ATOM   592  N  NH1 . ARG A 1 83  ? -3.989  -6.237  13.988  1.00 23.20 ? 120 ARG A NH1 1 
ATOM   593  N  NH2 . ARG A 1 83  ? -3.631  -6.234  16.261  1.00 26.41 ? 120 ARG A NH2 1 
ATOM   594  N  N   . LEU A 1 84  ? -1.230  0.998   10.971  1.00 23.27 ? 121 LEU A N   1 
ATOM   595  C  CA  . LEU A 1 84  ? -0.704  1.711   9.815   1.00 23.07 ? 121 LEU A CA  1 
ATOM   596  C  C   . LEU A 1 84  ? -0.226  3.090   10.296  1.00 24.07 ? 121 LEU A C   1 
ATOM   597  O  O   . LEU A 1 84  ? -0.925  4.114   10.201  1.00 23.11 ? 121 LEU A O   1 
ATOM   598  C  CB  . LEU A 1 84  ? -1.728  1.811   8.675   1.00 22.03 ? 121 LEU A CB  1 
ATOM   599  C  CG  . LEU A 1 84  ? -1.210  2.407   7.364   1.00 21.59 ? 121 LEU A CG  1 
ATOM   600  C  CD1 . LEU A 1 84  ? -0.086  1.540   6.756   1.00 21.46 ? 121 LEU A CD1 1 
ATOM   601  C  CD2 . LEU A 1 84  ? -2.379  2.526   6.383   1.00 20.05 ? 121 LEU A CD2 1 
ATOM   602  N  N   . SER A 1 85  ? 0.978   3.075   10.847  1.00 25.35 ? 122 SER A N   1 
ATOM   603  C  CA  . SER A 1 85  ? 1.600   4.278   11.405  1.00 26.32 ? 122 SER A CA  1 
ATOM   604  C  C   . SER A 1 85  ? 3.109   4.057   11.311  1.00 26.65 ? 122 SER A C   1 
ATOM   605  O  O   . SER A 1 85  ? 3.553   2.892   11.251  1.00 26.89 ? 122 SER A O   1 
ATOM   606  C  CB  . SER A 1 85  ? 1.171   4.485   12.867  1.00 26.83 ? 122 SER A CB  1 
ATOM   607  O  OG  . SER A 1 85  ? 1.590   3.384   13.674  1.00 28.97 ? 122 SER A OG  1 
ATOM   608  N  N   . ASN A 1 86  ? 3.885   5.152   11.278  1.00 25.99 ? 123 ASN A N   1 
ATOM   609  C  CA  . ASN A 1 86  ? 5.343   5.069   11.200  1.00 25.82 ? 123 ASN A CA  1 
ATOM   610  C  C   . ASN A 1 86  ? 5.777   4.133   10.065  1.00 25.04 ? 123 ASN A C   1 
ATOM   611  O  O   . ASN A 1 86  ? 6.401   3.084   10.294  1.00 24.64 ? 123 ASN A O   1 
ATOM   612  C  CB  . ASN A 1 86  ? 5.929   4.637   12.553  1.00 25.97 ? 123 ASN A CB  1 
ATOM   613  C  CG  . ASN A 1 86  ? 7.462   4.718   12.595  1.00 28.14 ? 123 ASN A CG  1 
ATOM   614  O  OD1 . ASN A 1 86  ? 8.100   5.355   11.763  1.00 27.51 ? 123 ASN A OD1 1 
ATOM   615  N  ND2 . ASN A 1 86  ? 8.051   4.025   13.559  1.00 28.79 ? 123 ASN A ND2 1 
ATOM   616  N  N   . PHE A 1 87  ? 5.452   4.547   8.836   1.00 23.87 ? 124 PHE A N   1 
ATOM   617  C  CA  . PHE A 1 87  ? 5.704   3.740   7.648   1.00 22.67 ? 124 PHE A CA  1 
ATOM   618  C  C   . PHE A 1 87  ? 6.176   4.620   6.496   1.00 22.80 ? 124 PHE A C   1 
ATOM   619  O  O   . PHE A 1 87  ? 5.948   5.848   6.483   1.00 23.30 ? 124 PHE A O   1 
ATOM   620  C  CB  . PHE A 1 87  ? 4.421   2.985   7.246   1.00 22.21 ? 124 PHE A CB  1 
ATOM   621  C  CG  . PHE A 1 87  ? 3.274   3.893   6.828   1.00 21.39 ? 124 PHE A CG  1 
ATOM   622  C  CD1 . PHE A 1 87  ? 2.360   4.348   7.765   1.00 22.08 ? 124 PHE A CD1 1 
ATOM   623  C  CD2 . PHE A 1 87  ? 3.117   4.279   5.486   1.00 21.22 ? 124 PHE A CD2 1 
ATOM   624  C  CE1 . PHE A 1 87  ? 1.288   5.200   7.377   1.00 24.10 ? 124 PHE A CE1 1 
ATOM   625  C  CE2 . PHE A 1 87  ? 2.071   5.110   5.072   1.00 21.24 ? 124 PHE A CE2 1 
ATOM   626  C  CZ  . PHE A 1 87  ? 1.138   5.565   6.018   1.00 23.54 ? 124 PHE A CZ  1 
ATOM   627  N  N   . ASP A 1 88  ? 6.839   3.988   5.531   1.00 22.61 ? 125 ASP A N   1 
ATOM   628  C  CA  . ASP A 1 88  ? 7.221   4.651   4.305   1.00 22.63 ? 125 ASP A CA  1 
ATOM   629  C  C   . ASP A 1 88  ? 6.341   4.179   3.158   1.00 22.03 ? 125 ASP A C   1 
ATOM   630  O  O   . ASP A 1 88  ? 5.902   3.011   3.128   1.00 20.93 ? 125 ASP A O   1 
ATOM   631  C  CB  . ASP A 1 88  ? 8.665   4.305   3.922   1.00 22.86 ? 125 ASP A CB  1 
ATOM   632  C  CG  . ASP A 1 88  ? 9.700   4.948   4.817   1.00 26.35 ? 125 ASP A CG  1 
ATOM   633  O  OD1 . ASP A 1 88  ? 10.837  4.426   4.832   1.00 29.48 ? 125 ASP A OD1 1 
ATOM   634  O  OD2 . ASP A 1 88  ? 9.390   5.938   5.491   1.00 27.12 ? 125 ASP A OD2 1 
ATOM   635  N  N   . VAL A 1 89  ? 6.120   5.083   2.192   1.00 21.27 ? 126 VAL A N   1 
ATOM   636  C  CA  . VAL A 1 89  ? 5.634   4.686   0.863   1.00 20.15 ? 126 VAL A CA  1 
ATOM   637  C  C   . VAL A 1 89  ? 6.786   4.914   -0.116  1.00 20.89 ? 126 VAL A C   1 
ATOM   638  O  O   . VAL A 1 89  ? 7.355   6.022   -0.206  1.00 20.07 ? 126 VAL A O   1 
ATOM   639  C  CB  . VAL A 1 89  ? 4.367   5.447   0.430   1.00 20.51 ? 126 VAL A CB  1 
ATOM   640  C  CG1 . VAL A 1 89  ? 3.835   4.945   -0.965  1.00 19.41 ? 126 VAL A CG1 1 
ATOM   641  C  CG2 . VAL A 1 89  ? 3.292   5.306   1.498   1.00 20.13 ? 126 VAL A CG2 1 
ATOM   642  N  N   . VAL A 1 90  ? 7.112   3.857   -0.855  1.00 20.12 ? 127 VAL A N   1 
ATOM   643  C  CA  . VAL A 1 90  ? 8.346   3.788   -1.636  1.00 20.12 ? 127 VAL A CA  1 
ATOM   644  C  C   . VAL A 1 90  ? 8.033   3.476   -3.081  1.00 20.51 ? 127 VAL A C   1 
ATOM   645  O  O   . VAL A 1 90  ? 7.185   2.633   -3.383  1.00 20.76 ? 127 VAL A O   1 
ATOM   646  C  CB  . VAL A 1 90  ? 9.296   2.679   -1.115  1.00 20.95 ? 127 VAL A CB  1 
ATOM   647  C  CG1 . VAL A 1 90  ? 10.693  2.829   -1.777  1.00 19.06 ? 127 VAL A CG1 1 
ATOM   648  C  CG2 . VAL A 1 90  ? 9.451   2.767   0.419   1.00 20.63 ? 127 VAL A CG2 1 
ATOM   649  N  N   . LEU A 1 91  ? 8.726   4.150   -3.976  1.00 20.50 ? 128 LEU A N   1 
ATOM   650  C  CA  . LEU A 1 91  ? 8.645   3.873   -5.394  1.00 21.59 ? 128 LEU A CA  1 
ATOM   651  C  C   . LEU A 1 91  ? 9.989   3.293   -5.838  1.00 20.96 ? 128 LEU A C   1 
ATOM   652  O  O   . LEU A 1 91  ? 11.039  3.856   -5.515  1.00 20.96 ? 128 LEU A O   1 
ATOM   653  C  CB  . LEU A 1 91  ? 8.372   5.189   -6.131  1.00 21.29 ? 128 LEU A CB  1 
ATOM   654  C  CG  . LEU A 1 91  ? 6.944   5.504   -6.604  1.00 25.07 ? 128 LEU A CG  1 
ATOM   655  C  CD1 . LEU A 1 91  ? 5.762   4.880   -5.812  1.00 20.18 ? 128 LEU A CD1 1 
ATOM   656  C  CD2 . LEU A 1 91  ? 6.744   6.967   -6.990  1.00 21.78 ? 128 LEU A CD2 1 
ATOM   657  N  N   . LEU A 1 92  ? 9.965   2.198   -6.592  1.00 20.62 ? 129 LEU A N   1 
ATOM   658  C  CA  . LEU A 1 92  ? 11.178  1.589   -7.093  1.00 19.99 ? 129 LEU A CA  1 
ATOM   659  C  C   . LEU A 1 92  ? 11.116  1.513   -8.608  1.00 21.52 ? 129 LEU A C   1 
ATOM   660  O  O   . LEU A 1 92  ? 10.029  1.314   -9.208  1.00 20.86 ? 129 LEU A O   1 
ATOM   661  C  CB  . LEU A 1 92  ? 11.365  0.157   -6.563  1.00 20.60 ? 129 LEU A CB  1 
ATOM   662  C  CG  . LEU A 1 92  ? 11.123  -0.190  -5.094  1.00 21.56 ? 129 LEU A CG  1 
ATOM   663  C  CD1 . LEU A 1 92  ? 11.304  -1.721  -5.003  1.00 23.62 ? 129 LEU A CD1 1 
ATOM   664  C  CD2 . LEU A 1 92  ? 12.112  0.491   -4.188  1.00 20.69 ? 129 LEU A CD2 1 
ATOM   665  N  N   . ASN A 1 93  ? 12.291  1.610   -9.227  1.00 21.05 ? 130 ASN A N   1 
ATOM   666  C  CA  . ASN A 1 93  ? 12.386  1.421   -10.674 1.00 21.32 ? 130 ASN A CA  1 
ATOM   667  C  C   . ASN A 1 93  ? 12.401  -0.068  -11.021 1.00 22.48 ? 130 ASN A C   1 
ATOM   668  O  O   . ASN A 1 93  ? 12.249  -0.922  -10.128 1.00 22.15 ? 130 ASN A O   1 
ATOM   669  C  CB  . ASN A 1 93  ? 13.604  2.172   -11.249 1.00 20.13 ? 130 ASN A CB  1 
ATOM   670  C  CG  . ASN A 1 93  ? 14.957  1.633   -10.772 1.00 21.37 ? 130 ASN A CG  1 
ATOM   671  O  OD1 . ASN A 1 93  ? 15.990  2.293   -10.992 1.00 23.61 ? 130 ASN A OD1 1 
ATOM   672  N  ND2 . ASN A 1 93  ? 14.984  0.462   -10.165 1.00 16.64 ? 130 ASN A ND2 1 
ATOM   673  N  N   . GLU A 1 94  ? 12.600  -0.380  -12.303 1.00 23.40 ? 131 GLU A N   1 
ATOM   674  C  CA  . GLU A 1 94  ? 12.582  -1.748  -12.769 1.00 25.38 ? 131 GLU A CA  1 
ATOM   675  C  C   . GLU A 1 94  ? 13.690  -2.606  -12.150 1.00 25.00 ? 131 GLU A C   1 
ATOM   676  O  O   . GLU A 1 94  ? 13.499  -3.796  -11.873 1.00 24.91 ? 131 GLU A O   1 
ATOM   677  C  CB  . GLU A 1 94  ? 12.631  -1.769  -14.306 1.00 27.38 ? 131 GLU A CB  1 
ATOM   678  C  CG  . GLU A 1 94  ? 12.632  -3.180  -14.824 1.00 34.99 ? 131 GLU A CG  1 
ATOM   679  C  CD  . GLU A 1 94  ? 11.962  -3.347  -16.172 1.00 45.37 ? 131 GLU A CD  1 
ATOM   680  O  OE1 . GLU A 1 94  ? 10.743  -2.991  -16.335 1.00 47.50 ? 131 GLU A OE1 1 
ATOM   681  O  OE2 . GLU A 1 94  ? 12.675  -3.905  -17.049 1.00 50.07 ? 131 GLU A OE2 1 
ATOM   682  N  N   . ALA A 1 95  ? 14.836  -1.989  -11.868 1.00 23.70 ? 132 ALA A N   1 
ATOM   683  C  CA  . ALA A 1 95  ? 15.953  -2.655  -11.213 1.00 22.84 ? 132 ALA A CA  1 
ATOM   684  C  C   . ALA A 1 95  ? 15.762  -2.745  -9.706  1.00 22.87 ? 132 ALA A C   1 
ATOM   685  O  O   . ALA A 1 95  ? 16.668  -3.179  -8.996  1.00 22.46 ? 132 ALA A O   1 
ATOM   686  C  CB  . ALA A 1 95  ? 17.267  -1.893  -11.532 1.00 22.91 ? 132 ALA A CB  1 
ATOM   687  N  N   . LYS A 1 96  ? 14.612  -2.263  -9.214  1.00 22.99 ? 133 LYS A N   1 
ATOM   688  C  CA  . LYS A 1 96  ? 14.234  -2.267  -7.796  1.00 23.48 ? 133 LYS A CA  1 
ATOM   689  C  C   . LYS A 1 96  ? 15.072  -1.343  -6.931  1.00 22.76 ? 133 LYS A C   1 
ATOM   690  O  O   . LYS A 1 96  ? 15.240  -1.565  -5.737  1.00 22.21 ? 133 LYS A O   1 
ATOM   691  C  CB  . LYS A 1 96  ? 14.195  -3.701  -7.222  1.00 25.27 ? 133 LYS A CB  1 
ATOM   692  C  CG  . LYS A 1 96  ? 13.097  -4.549  -7.880  1.00 28.62 ? 133 LYS A CG  1 
ATOM   693  C  CD  . LYS A 1 96  ? 13.165  -5.995  -7.369  1.00 34.98 ? 133 LYS A CD  1 
ATOM   694  C  CE  . LYS A 1 96  ? 11.807  -6.636  -7.382  1.00 38.74 ? 133 LYS A CE  1 
ATOM   695  N  NZ  . LYS A 1 96  ? 11.970  -8.115  -7.390  1.00 42.93 ? 133 LYS A NZ  1 
ATOM   696  N  N   . GLN A 1 97  ? 15.572  -0.267  -7.527  1.00 21.71 ? 134 GLN A N   1 
ATOM   697  C  CA  . GLN A 1 97  ? 16.238  0.777   -6.749  1.00 20.83 ? 134 GLN A CA  1 
ATOM   698  C  C   . GLN A 1 97  ? 15.206  1.822   -6.398  1.00 20.99 ? 134 GLN A C   1 
ATOM   699  O  O   . GLN A 1 97  ? 14.311  2.095   -7.172  1.00 20.06 ? 134 GLN A O   1 
ATOM   700  C  CB  . GLN A 1 97  ? 17.333  1.461   -7.588  1.00 21.15 ? 134 GLN A CB  1 
ATOM   701  C  CG  . GLN A 1 97  ? 18.399  0.490   -8.113  1.00 22.29 ? 134 GLN A CG  1 
ATOM   702  C  CD  . GLN A 1 97  ? 19.303  1.186   -9.101  1.00 24.75 ? 134 GLN A CD  1 
ATOM   703  O  OE1 . GLN A 1 97  ? 18.843  1.653   -10.163 1.00 22.05 ? 134 GLN A OE1 1 
ATOM   704  N  NE2 . GLN A 1 97  ? 20.572  1.345   -8.721  1.00 24.53 ? 134 GLN A NE2 1 
ATOM   705  N  N   . GLU A 1 98  ? 15.368  2.456   -5.252  1.00 21.19 ? 135 GLU A N   1 
ATOM   706  C  CA  . GLU A 1 98  ? 14.413  3.446   -4.804  1.00 22.31 ? 135 GLU A CA  1 
ATOM   707  C  C   . GLU A 1 98  ? 14.490  4.673   -5.700  1.00 22.29 ? 135 GLU A C   1 
ATOM   708  O  O   . GLU A 1 98  ? 15.587  5.134   -6.004  1.00 22.38 ? 135 GLU A O   1 
ATOM   709  C  CB  . GLU A 1 98  ? 14.787  3.799   -3.375  1.00 23.42 ? 135 GLU A CB  1 
ATOM   710  C  CG  . GLU A 1 98  ? 14.027  4.951   -2.801  1.00 27.83 ? 135 GLU A CG  1 
ATOM   711  C  CD  . GLU A 1 98  ? 14.525  5.287   -1.399  1.00 30.05 ? 135 GLU A CD  1 
ATOM   712  O  OE1 . GLU A 1 98  ? 14.791  4.370   -0.603  1.00 32.34 ? 135 GLU A OE1 1 
ATOM   713  O  OE2 . GLU A 1 98  ? 14.645  6.481   -1.128  1.00 33.72 ? 135 GLU A OE2 1 
ATOM   714  N  N   . VAL A 1 99  ? 13.350  5.209   -6.124  1.00 21.46 ? 136 VAL A N   1 
ATOM   715  C  CA  . VAL A 1 99  ? 13.345  6.454   -6.865  1.00 21.77 ? 136 VAL A CA  1 
ATOM   716  C  C   . VAL A 1 99  ? 12.607  7.545   -6.044  1.00 22.18 ? 136 VAL A C   1 
ATOM   717  O  O   . VAL A 1 99  ? 12.743  8.746   -6.291  1.00 21.84 ? 136 VAL A O   1 
ATOM   718  C  CB  . VAL A 1 99  ? 12.799  6.299   -8.331  1.00 22.76 ? 136 VAL A CB  1 
ATOM   719  C  CG1 . VAL A 1 99  ? 13.738  5.411   -9.201  1.00 23.53 ? 136 VAL A CG1 1 
ATOM   720  C  CG2 . VAL A 1 99  ? 11.376  5.771   -8.354  1.00 21.34 ? 136 VAL A CG2 1 
ATOM   721  N  N   . ALA A 1 100 ? 11.837  7.127   -5.042  1.00 21.27 ? 137 ALA A N   1 
ATOM   722  C  CA  . ALA A 1 100 ? 11.179  8.115   -4.168  1.00 21.43 ? 137 ALA A CA  1 
ATOM   723  C  C   . ALA A 1 100 ? 10.731  7.423   -2.910  1.00 21.17 ? 137 ALA A C   1 
ATOM   724  O  O   . ALA A 1 100 ? 10.537  6.214   -2.914  1.00 20.85 ? 137 ALA A O   1 
ATOM   725  C  CB  . ALA A 1 100 ? 10.011  8.819   -4.887  1.00 20.25 ? 137 ALA A CB  1 
ATOM   726  N  N   . ARG A 1 101 ? 10.581  8.181   -1.823  1.00 21.77 ? 138 ARG A N   1 
ATOM   727  C  CA  . ARG A 1 101 ? 10.222  7.615   -0.530  1.00 22.48 ? 138 ARG A CA  1 
ATOM   728  C  C   . ARG A 1 101 ? 9.589   8.716   0.316   1.00 23.35 ? 138 ARG A C   1 
ATOM   729  O  O   . ARG A 1 101 ? 10.162  9.798   0.454   1.00 23.33 ? 138 ARG A O   1 
ATOM   730  C  CB  . ARG A 1 101 ? 11.470  7.082   0.192   1.00 22.08 ? 138 ARG A CB  1 
ATOM   731  C  CG  . ARG A 1 101 ? 11.171  6.426   1.531   1.00 24.91 ? 138 ARG A CG  1 
ATOM   732  C  CD  . ARG A 1 101 ? 12.446  5.903   2.240   1.00 24.88 ? 138 ARG A CD  1 
ATOM   733  N  NE  . ARG A 1 101 ? 13.044  4.817   1.488   1.00 24.98 ? 138 ARG A NE  1 
ATOM   734  C  CZ  . ARG A 1 101 ? 12.814  3.525   1.726   1.00 25.63 ? 138 ARG A CZ  1 
ATOM   735  N  NH1 . ARG A 1 101 ? 12.022  3.170   2.734   1.00 24.22 ? 138 ARG A NH1 1 
ATOM   736  N  NH2 . ARG A 1 101 ? 13.385  2.589   0.960   1.00 24.79 ? 138 ARG A NH2 1 
ATOM   737  N  N   . GLN A 1 102 ? 8.428   8.441   0.893   1.00 22.38 ? 139 GLN A N   1 
ATOM   738  C  CA  . GLN A 1 102 ? 7.833   9.393   1.818   1.00 23.27 ? 139 GLN A CA  1 
ATOM   739  C  C   . GLN A 1 102 ? 7.498   8.675   3.096   1.00 23.52 ? 139 GLN A C   1 
ATOM   740  O  O   . GLN A 1 102 ? 6.951   7.572   3.065   1.00 23.90 ? 139 GLN A O   1 
ATOM   741  C  CB  . GLN A 1 102 ? 6.589   10.007  1.213   1.00 22.41 ? 139 GLN A CB  1 
ATOM   742  C  CG  . GLN A 1 102 ? 6.944   10.974  0.075   1.00 24.60 ? 139 GLN A CG  1 
ATOM   743  C  CD  . GLN A 1 102 ? 5.713   11.585  -0.599  1.00 25.06 ? 139 GLN A CD  1 
ATOM   744  O  OE1 . GLN A 1 102 ? 4.787   12.043  0.088   1.00 23.20 ? 139 GLN A OE1 1 
ATOM   745  N  NE2 . GLN A 1 102 ? 5.712   11.612  -1.938  1.00 20.42 ? 139 GLN A NE2 1 
ATOM   746  N  N   . HIS A 1 103 ? 7.809   9.317   4.212   1.00 23.72 ? 140 HIS A N   1 
ATOM   747  C  CA  . HIS A 1 103 ? 7.518   8.782   5.530   1.00 24.77 ? 140 HIS A CA  1 
ATOM   748  C  C   . HIS A 1 103 ? 6.227   9.402   6.083   1.00 25.32 ? 140 HIS A C   1 
ATOM   749  O  O   . HIS A 1 103 ? 5.978   10.584  5.881   1.00 24.26 ? 140 HIS A O   1 
ATOM   750  C  CB  . HIS A 1 103 ? 8.652   9.124   6.480   1.00 25.46 ? 140 HIS A CB  1 
ATOM   751  C  CG  . HIS A 1 103 ? 8.332   8.824   7.912   1.00 28.23 ? 140 HIS A CG  1 
ATOM   752  N  ND1 . HIS A 1 103 ? 8.368   7.542   8.424   1.00 30.11 ? 140 HIS A ND1 1 
ATOM   753  C  CD2 . HIS A 1 103 ? 7.893   9.623   8.916   1.00 31.15 ? 140 HIS A CD2 1 
ATOM   754  C  CE1 . HIS A 1 103 ? 8.001   7.574   9.698   1.00 31.50 ? 140 HIS A CE1 1 
ATOM   755  N  NE2 . HIS A 1 103 ? 7.703   8.824   10.018  1.00 32.43 ? 140 HIS A NE2 1 
ATOM   756  N  N   . PHE A 1 104 ? 5.442   8.617   6.819   1.00 25.30 ? 141 PHE A N   1 
ATOM   757  C  CA  . PHE A 1 104 ? 4.225   9.127   7.470   1.00 26.00 ? 141 PHE A CA  1 
ATOM   758  C  C   . PHE A 1 104 ? 4.144   8.630   8.892   1.00 27.36 ? 141 PHE A C   1 
ATOM   759  O  O   . PHE A 1 104 ? 4.392   7.454   9.138   1.00 26.21 ? 141 PHE A O   1 
ATOM   760  C  CB  . PHE A 1 104 ? 2.959   8.711   6.708   1.00 25.60 ? 141 PHE A CB  1 
ATOM   761  C  CG  . PHE A 1 104 ? 2.940   9.217   5.311   1.00 24.04 ? 141 PHE A CG  1 
ATOM   762  C  CD1 . PHE A 1 104 ? 2.436   10.483  5.025   1.00 24.16 ? 141 PHE A CD1 1 
ATOM   763  C  CD2 . PHE A 1 104 ? 3.519   8.469   4.283   1.00 21.30 ? 141 PHE A CD2 1 
ATOM   764  C  CE1 . PHE A 1 104 ? 2.479   10.985  3.719   1.00 22.76 ? 141 PHE A CE1 1 
ATOM   765  C  CE2 . PHE A 1 104 ? 3.565   8.961   2.998   1.00 22.60 ? 141 PHE A CE2 1 
ATOM   766  C  CZ  . PHE A 1 104 ? 3.036   10.225  2.712   1.00 22.37 ? 141 PHE A CZ  1 
ATOM   767  N  N   . ASP A 1 105 ? 3.786   9.522   9.822   1.00 29.05 ? 142 ASP A N   1 
ATOM   768  C  CA  . ASP A 1 105 ? 3.620   9.132   11.225  1.00 32.24 ? 142 ASP A CA  1 
ATOM   769  C  C   . ASP A 1 105 ? 2.324   8.378   11.446  1.00 32.99 ? 142 ASP A C   1 
ATOM   770  O  O   . ASP A 1 105 ? 2.321   7.343   12.102  1.00 33.66 ? 142 ASP A O   1 
ATOM   771  C  CB  . ASP A 1 105 ? 3.652   10.346  12.161  1.00 32.86 ? 142 ASP A CB  1 
ATOM   772  C  CG  . ASP A 1 105 ? 5.028   10.988  12.244  1.00 37.79 ? 142 ASP A CG  1 
ATOM   773  O  OD1 . ASP A 1 105 ? 6.055   10.257  12.215  1.00 41.39 ? 142 ASP A OD1 1 
ATOM   774  O  OD2 . ASP A 1 105 ? 5.076   12.241  12.328  1.00 43.03 ? 142 ASP A OD2 1 
ATOM   775  N  N   . SER A 1 106 ? 1.237   8.894   10.880  1.00 34.14 ? 143 SER A N   1 
ATOM   776  C  CA  . SER A 1 106 ? -0.114  8.430   11.168  1.00 35.98 ? 143 SER A CA  1 
ATOM   777  C  C   . SER A 1 106 ? -1.046  8.772   10.006  1.00 36.50 ? 143 SER A C   1 
ATOM   778  O  O   . SER A 1 106 ? -0.699  9.585   9.145   1.00 36.15 ? 143 SER A O   1 
ATOM   779  C  CB  . SER A 1 106 ? -0.630  9.139   12.431  1.00 36.02 ? 143 SER A CB  1 
ATOM   780  O  OG  . SER A 1 106 ? -1.718  8.437   12.993  1.00 39.95 ? 143 SER A OG  1 
ATOM   781  N  N   . LEU A 1 107 ? -2.218  8.141   9.985   1.00 36.00 ? 144 LEU A N   1 
ATOM   782  C  CA  . LEU A 1 107 ? -3.299  8.587   9.130   1.00 36.95 ? 144 LEU A CA  1 
ATOM   783  C  C   . LEU A 1 107 ? -4.252  9.477   9.938   1.00 38.49 ? 144 LEU A C   1 
ATOM   784  O  O   . LEU A 1 107 ? -5.203  10.059  9.375   1.00 38.50 ? 144 LEU A O   1 
ATOM   785  C  CB  . LEU A 1 107 ? -4.062  7.394   8.563   1.00 35.63 ? 144 LEU A CB  1 
ATOM   786  C  CG  . LEU A 1 107 ? -3.626  6.906   7.187   1.00 33.66 ? 144 LEU A CG  1 
ATOM   787  C  CD1 . LEU A 1 107 ? -2.251  6.302   7.300   1.00 31.85 ? 144 LEU A CD1 1 
ATOM   788  C  CD2 . LEU A 1 107 ? -4.628  5.884   6.662   1.00 29.44 ? 144 LEU A CD2 1 
ATOM   789  N  N   . ASN A 1 108 ? -3.996  9.534   11.254  1.00 40.65 ? 145 ASN A N   1 
ATOM   790  C  CA  . ASN A 1 108 ? -4.791  10.325  12.227  1.00 42.60 ? 145 ASN A CA  1 
ATOM   791  C  C   . ASN A 1 108 ? -6.259  9.932   12.279  1.00 42.19 ? 145 ASN A C   1 
ATOM   792  O  O   . ASN A 1 108 ? -7.140  10.789  12.332  1.00 43.13 ? 145 ASN A O   1 
ATOM   793  C  CB  . ASN A 1 108 ? -4.655  11.828  11.936  1.00 43.60 ? 145 ASN A CB  1 
ATOM   794  C  CG  . ASN A 1 108 ? -3.242  12.344  12.189  1.00 47.38 ? 145 ASN A CG  1 
ATOM   795  O  OD1 . ASN A 1 108 ? -2.589  11.990  13.194  1.00 52.09 ? 145 ASN A OD1 1 
ATOM   796  N  ND2 . ASN A 1 108 ? -2.759  13.185  11.279  1.00 50.56 ? 145 ASN A ND2 1 
ATOM   797  N  N   . GLY A 1 109 ? -6.525  8.632   12.236  1.00 42.00 ? 146 GLY A N   1 
ATOM   798  C  CA  . GLY A 1 109 ? -7.901  8.141   12.237  1.00 40.72 ? 146 GLY A CA  1 
ATOM   799  C  C   . GLY A 1 109 ? -8.632  8.247   10.908  1.00 39.74 ? 146 GLY A C   1 
ATOM   800  O  O   . GLY A 1 109 ? -9.704  7.651   10.766  1.00 39.71 ? 146 GLY A O   1 
ATOM   801  N  N   . LYS A 1 110 ? -8.072  8.989   9.942   1.00 38.15 ? 147 LYS A N   1 
ATOM   802  C  CA  . LYS A 1 110 ? -8.602  9.008   8.572   1.00 37.26 ? 147 LYS A CA  1 
ATOM   803  C  C   . LYS A 1 110 ? -8.642  7.595   7.955   1.00 35.43 ? 147 LYS A C   1 
ATOM   804  O  O   . LYS A 1 110 ? -7.747  6.789   8.202   1.00 35.84 ? 147 LYS A O   1 
ATOM   805  C  CB  . LYS A 1 110 ? -7.733  9.874   7.666   1.00 37.72 ? 147 LYS A CB  1 
ATOM   806  C  CG  . LYS A 1 110 ? -8.288  11.214  7.264   1.00 42.25 ? 147 LYS A CG  1 
ATOM   807  C  CD  . LYS A 1 110 ? -8.285  12.227  8.393   1.00 47.00 ? 147 LYS A CD  1 
ATOM   808  C  CE  . LYS A 1 110 ? -8.863  13.554  7.877   1.00 51.19 ? 147 LYS A CE  1 
ATOM   809  N  NZ  . LYS A 1 110 ? -9.133  14.534  8.976   1.00 52.88 ? 147 LYS A NZ  1 
ATOM   810  N  N   . ALA A 1 111 ? -9.648  7.321   7.130   1.00 32.41 ? 148 ALA A N   1 
ATOM   811  C  CA  . ALA A 1 111 ? -9.778  6.015   6.470   1.00 30.99 ? 148 ALA A CA  1 
ATOM   812  C  C   . ALA A 1 111 ? -8.762  5.828   5.332   1.00 29.56 ? 148 ALA A C   1 
ATOM   813  O  O   . ALA A 1 111 ? -8.476  4.683   4.911   1.00 28.53 ? 148 ALA A O   1 
ATOM   814  C  CB  . ALA A 1 111 ? -11.196 5.836   5.930   1.00 31.30 ? 148 ALA A CB  1 
ATOM   815  N  N   . GLU A 1 112 ? -8.246  6.945   4.810   1.00 27.82 ? 149 GLU A N   1 
ATOM   816  C  CA  . GLU A 1 112 ? -7.391  6.886   3.619   1.00 27.84 ? 149 GLU A CA  1 
ATOM   817  C  C   . GLU A 1 112 ? -6.278  7.920   3.640   1.00 26.84 ? 149 GLU A C   1 
ATOM   818  O  O   . GLU A 1 112 ? -6.341  8.898   4.404   1.00 26.59 ? 149 GLU A O   1 
ATOM   819  C  CB  . GLU A 1 112 ? -8.227  7.006   2.359   1.00 28.25 ? 149 GLU A CB  1 
ATOM   820  C  CG  . GLU A 1 112 ? -8.968  8.292   2.249   1.00 34.15 ? 149 GLU A CG  1 
ATOM   821  C  CD  . GLU A 1 112 ? -10.179 8.159   1.361   1.00 42.79 ? 149 GLU A CD  1 
ATOM   822  O  OE1 . GLU A 1 112 ? -11.000 7.216   1.546   1.00 46.64 ? 149 GLU A OE1 1 
ATOM   823  O  OE2 . GLU A 1 112 ? -10.309 9.005   0.464   1.00 47.35 ? 149 GLU A OE2 1 
ATOM   824  N  N   . LEU A 1 113 ? -5.240  7.678   2.838   1.00 25.00 ? 150 LEU A N   1 
ATOM   825  C  CA  . LEU A 1 113 ? -4.138  8.632   2.741   1.00 24.17 ? 150 LEU A CA  1 
ATOM   826  C  C   . LEU A 1 113 ? -3.813  8.779   1.267   1.00 23.91 ? 150 LEU A C   1 
ATOM   827  O  O   . LEU A 1 113 ? -3.595  7.774   0.570   1.00 22.16 ? 150 LEU A O   1 
ATOM   828  C  CB  . LEU A 1 113 ? -2.896  8.175   3.538   1.00 24.39 ? 150 LEU A CB  1 
ATOM   829  C  CG  . LEU A 1 113 ? -1.604  8.993   3.374   1.00 24.54 ? 150 LEU A CG  1 
ATOM   830  C  CD1 . LEU A 1 113 ? -1.732  10.401  4.055   1.00 24.69 ? 150 LEU A CD1 1 
ATOM   831  C  CD2 . LEU A 1 113 ? -0.411  8.205   3.934   1.00 25.16 ? 150 LEU A CD2 1 
ATOM   832  N  N   . GLU A 1 114 ? -3.804  10.030  0.791   1.00 22.88 ? 151 GLU A N   1 
ATOM   833  C  CA  . GLU A 1 114 ? -3.370  10.296  -0.561  1.00 23.38 ? 151 GLU A CA  1 
ATOM   834  C  C   . GLU A 1 114 ? -1.913  10.716  -0.529  1.00 23.26 ? 151 GLU A C   1 
ATOM   835  O  O   . GLU A 1 114 ? -1.538  11.680  0.160   1.00 22.14 ? 151 GLU A O   1 
ATOM   836  C  CB  . GLU A 1 114 ? -4.227  11.385  -1.199  1.00 24.10 ? 151 GLU A CB  1 
ATOM   837  C  CG  . GLU A 1 114 ? -5.649  10.899  -1.455  1.00 27.62 ? 151 GLU A CG  1 
ATOM   838  C  CD  . GLU A 1 114 ? -6.511  11.942  -2.136  1.00 33.19 ? 151 GLU A CD  1 
ATOM   839  O  OE1 . GLU A 1 114 ? -6.321  13.129  -1.871  1.00 35.04 ? 151 GLU A OE1 1 
ATOM   840  O  OE2 . GLU A 1 114 ? -7.374  11.569  -2.947  1.00 37.97 ? 151 GLU A OE2 1 
ATOM   841  N  N   . VAL A 1 115 ? -1.090  9.989   -1.278  1.00 22.27 ? 152 VAL A N   1 
ATOM   842  C  CA  . VAL A 1 115 ? 0.338   10.304  -1.357  1.00 21.69 ? 152 VAL A CA  1 
ATOM   843  C  C   . VAL A 1 115 ? 0.627   10.791  -2.762  1.00 21.63 ? 152 VAL A C   1 
ATOM   844  O  O   . VAL A 1 115 ? 0.351   10.097  -3.731  1.00 21.68 ? 152 VAL A O   1 
ATOM   845  C  CB  . VAL A 1 115 ? 1.214   9.068   -1.015  1.00 21.52 ? 152 VAL A CB  1 
ATOM   846  C  CG1 . VAL A 1 115 ? 2.715   9.434   -0.988  1.00 22.37 ? 152 VAL A CG1 1 
ATOM   847  C  CG2 . VAL A 1 115 ? 0.792   8.481   0.326   1.00 21.98 ? 152 VAL A CG2 1 
ATOM   848  N  N   . PHE A 1 116 ? 1.183   11.988  -2.868  1.00 21.66 ? 153 PHE A N   1 
ATOM   849  C  CA  . PHE A 1 116 ? 1.529   12.578  -4.158  1.00 22.15 ? 153 PHE A CA  1 
ATOM   850  C  C   . PHE A 1 116 ? 3.027   12.547  -4.422  1.00 22.05 ? 153 PHE A C   1 
ATOM   851  O  O   . PHE A 1 116 ? 3.817   13.023  -3.599  1.00 20.80 ? 153 PHE A O   1 
ATOM   852  C  CB  . PHE A 1 116 ? 1.027   14.025  -4.209  1.00 22.80 ? 153 PHE A CB  1 
ATOM   853  C  CG  . PHE A 1 116 ? -0.479  14.113  -4.207  1.00 25.65 ? 153 PHE A CG  1 
ATOM   854  C  CD1 . PHE A 1 116 ? -1.186  13.942  -5.387  1.00 27.64 ? 153 PHE A CD1 1 
ATOM   855  C  CD2 . PHE A 1 116 ? -1.174  14.298  -3.007  1.00 28.76 ? 153 PHE A CD2 1 
ATOM   856  C  CE1 . PHE A 1 116 ? -2.606  13.999  -5.397  1.00 30.84 ? 153 PHE A CE1 1 
ATOM   857  C  CE2 . PHE A 1 116 ? -2.592  14.357  -2.998  1.00 28.30 ? 153 PHE A CE2 1 
ATOM   858  C  CZ  . PHE A 1 116 ? -3.295  14.194  -4.203  1.00 27.68 ? 153 PHE A CZ  1 
ATOM   859  N  N   . PHE A 1 117 ? 3.394   11.968  -5.560  1.00 22.59 ? 154 PHE A N   1 
ATOM   860  C  CA  . PHE A 1 117 ? 4.792   11.892  -5.991  1.00 23.13 ? 154 PHE A CA  1 
ATOM   861  C  C   . PHE A 1 117 ? 5.008   12.787  -7.188  1.00 22.96 ? 154 PHE A C   1 
ATOM   862  O  O   . PHE A 1 117 ? 4.095   12.947  -8.006  1.00 23.53 ? 154 PHE A O   1 
ATOM   863  C  CB  . PHE A 1 117 ? 5.143   10.450  -6.384  1.00 22.96 ? 154 PHE A CB  1 
ATOM   864  C  CG  . PHE A 1 117 ? 5.259   9.523   -5.212  1.00 23.26 ? 154 PHE A CG  1 
ATOM   865  C  CD1 . PHE A 1 117 ? 6.442   9.466   -4.463  1.00 21.44 ? 154 PHE A CD1 1 
ATOM   866  C  CD2 . PHE A 1 117 ? 4.185   8.692   -4.851  1.00 21.14 ? 154 PHE A CD2 1 
ATOM   867  C  CE1 . PHE A 1 117 ? 6.550   8.616   -3.373  1.00 21.63 ? 154 PHE A CE1 1 
ATOM   868  C  CE2 . PHE A 1 117 ? 4.310   7.841   -3.771  1.00 20.03 ? 154 PHE A CE2 1 
ATOM   869  C  CZ  . PHE A 1 117 ? 5.485   7.792   -3.038  1.00 18.93 ? 154 PHE A CZ  1 
ATOM   870  N  N   . THR A 1 118 ? 6.215   13.328  -7.326  1.00 22.09 ? 155 THR A N   1 
ATOM   871  C  CA  . THR A 1 118 ? 6.463   14.339  -8.365  1.00 22.48 ? 155 THR A CA  1 
ATOM   872  C  C   . THR A 1 118 ? 6.938   13.650  -9.627  1.00 22.95 ? 155 THR A C   1 
ATOM   873  O  O   . THR A 1 118 ? 8.146   13.517  -9.862  1.00 22.48 ? 155 THR A O   1 
ATOM   874  C  CB  . THR A 1 118 ? 7.467   15.422  -7.896  1.00 22.24 ? 155 THR A CB  1 
ATOM   875  O  OG1 . THR A 1 118 ? 7.035   15.928  -6.632  1.00 21.31 ? 155 THR A OG1 1 
ATOM   876  C  CG2 . THR A 1 118 ? 7.500   16.584  -8.873  1.00 21.52 ? 155 THR A CG2 1 
ATOM   877  N  N   . ALA A 1 119 ? 5.971   13.171  -10.398 1.00 23.00 ? 156 ALA A N   1 
ATOM   878  C  CA  . ALA A 1 119 ? 6.211   12.609  -11.728 1.00 23.25 ? 156 ALA A CA  1 
ATOM   879  C  C   . ALA A 1 119 ? 7.353   11.574  -11.701 1.00 23.43 ? 156 ALA A C   1 
ATOM   880  O  O   . ALA A 1 119 ? 8.359   11.705  -12.401 1.00 23.54 ? 156 ALA A O   1 
ATOM   881  C  CB  . ALA A 1 119 ? 6.481   13.746  -12.753 1.00 22.97 ? 156 ALA A CB  1 
ATOM   882  N  N   . LYS A 1 120 ? 7.187   10.543  -10.876 1.00 22.89 ? 157 LYS A N   1 
ATOM   883  C  CA  . LYS A 1 120 ? 8.230   9.550   -10.720 1.00 22.23 ? 157 LYS A CA  1 
ATOM   884  C  C   . LYS A 1 120 ? 8.075   8.330   -11.621 1.00 22.13 ? 157 LYS A C   1 
ATOM   885  O  O   . LYS A 1 120 ? 7.038   7.675   -11.592 1.00 22.02 ? 157 LYS A O   1 
ATOM   886  C  CB  . LYS A 1 120 ? 8.310   9.099   -9.255  1.00 22.14 ? 157 LYS A CB  1 
ATOM   887  C  CG  . LYS A 1 120 ? 8.707   10.232  -8.265  1.00 22.87 ? 157 LYS A CG  1 
ATOM   888  C  CD  . LYS A 1 120 ? 10.154  10.688  -8.518  1.00 22.72 ? 157 LYS A CD  1 
ATOM   889  C  CE  . LYS A 1 120 ? 10.481  11.875  -7.617  1.00 22.95 ? 157 LYS A CE  1 
ATOM   890  N  NZ  . LYS A 1 120 ? 11.725  12.594  -8.050  1.00 24.17 ? 157 LYS A NZ  1 
ATOM   891  N  N   . ASP A 1 121 ? 9.127   7.983   -12.367 1.00 20.57 ? 158 ASP A N   1 
ATOM   892  C  CA  . ASP A 1 121 ? 9.055   6.796   -13.201 1.00 20.33 ? 158 ASP A CA  1 
ATOM   893  C  C   . ASP A 1 121 ? 9.389   5.552   -12.378 1.00 20.58 ? 158 ASP A C   1 
ATOM   894  O  O   . ASP A 1 121 ? 10.538  5.348   -11.941 1.00 20.34 ? 158 ASP A O   1 
ATOM   895  C  CB  . ASP A 1 121 ? 9.932   6.978   -14.425 1.00 20.66 ? 158 ASP A CB  1 
ATOM   896  C  CG  . ASP A 1 121 ? 9.448   8.126   -15.274 1.00 21.38 ? 158 ASP A CG  1 
ATOM   897  O  OD1 . ASP A 1 121 ? 8.331   8.000   -15.852 1.00 19.14 ? 158 ASP A OD1 1 
ATOM   898  O  OD2 . ASP A 1 121 ? 10.159  9.151   -15.334 1.00 19.63 ? 158 ASP A OD2 1 
ATOM   899  N  N   . ALA A 1 122 ? 8.372   4.749   -12.102 1.00 20.33 ? 159 ALA A N   1 
ATOM   900  C  CA  . ALA A 1 122 ? 8.566   3.614   -11.211 1.00 20.35 ? 159 ALA A CA  1 
ATOM   901  C  C   . ALA A 1 122 ? 7.840   2.385   -11.711 1.00 21.10 ? 159 ALA A C   1 
ATOM   902  O  O   . ALA A 1 122 ? 6.826   2.503   -12.424 1.00 21.00 ? 159 ALA A O   1 
ATOM   903  C  CB  . ALA A 1 122 ? 8.093   3.974   -9.797  1.00 20.99 ? 159 ALA A CB  1 
ATOM   904  N  N   . ARG A 1 123 ? 8.386   1.211   -11.377 1.00 20.37 ? 160 ARG A N   1 
ATOM   905  C  CA  . ARG A 1 123 ? 7.692   -0.058  -11.624 1.00 19.92 ? 160 ARG A CA  1 
ATOM   906  C  C   . ARG A 1 123 ? 6.992   -0.654  -10.380 1.00 19.12 ? 160 ARG A C   1 
ATOM   907  O  O   . ARG A 1 123 ? 5.959   -1.337  -10.502 1.00 20.85 ? 160 ARG A O   1 
ATOM   908  C  CB  . ARG A 1 123 ? 8.652   -1.089  -12.241 1.00 20.09 ? 160 ARG A CB  1 
ATOM   909  C  CG  . ARG A 1 123 ? 7.939   -2.431  -12.490 1.00 21.22 ? 160 ARG A CG  1 
ATOM   910  C  CD  . ARG A 1 123 ? 8.540   -3.303  -13.552 1.00 24.28 ? 160 ARG A CD  1 
ATOM   911  N  NE  . ARG A 1 123 ? 7.987   -4.649  -13.406 1.00 24.47 ? 160 ARG A NE  1 
ATOM   912  C  CZ  . ARG A 1 123 ? 8.305   -5.685  -14.181 1.00 29.85 ? 160 ARG A CZ  1 
ATOM   913  N  NH1 . ARG A 1 123 ? 9.140   -5.533  -15.204 1.00 27.57 ? 160 ARG A NH1 1 
ATOM   914  N  NH2 . ARG A 1 123 ? 7.767   -6.871  -13.949 1.00 28.43 ? 160 ARG A NH2 1 
ATOM   915  N  N   . TYR A 1 124 ? 7.538   -0.416  -9.194  1.00 19.37 ? 161 TYR A N   1 
ATOM   916  C  CA  . TYR A 1 124 ? 6.999   -1.010  -7.964  1.00 18.81 ? 161 TYR A CA  1 
ATOM   917  C  C   . TYR A 1 124 ? 6.577   0.056   -6.989  1.00 19.58 ? 161 TYR A C   1 
ATOM   918  O  O   . TYR A 1 124 ? 7.223   1.122   -6.891  1.00 19.53 ? 161 TYR A O   1 
ATOM   919  C  CB  . TYR A 1 124 ? 8.046   -1.879  -7.285  1.00 18.56 ? 161 TYR A CB  1 
ATOM   920  C  CG  . TYR A 1 124 ? 8.555   -2.996  -8.162  1.00 20.13 ? 161 TYR A CG  1 
ATOM   921  C  CD1 . TYR A 1 124 ? 9.632   -2.782  -9.055  1.00 20.66 ? 161 TYR A CD1 1 
ATOM   922  C  CD2 . TYR A 1 124 ? 7.949   -4.251  -8.137  1.00 18.57 ? 161 TYR A CD2 1 
ATOM   923  C  CE1 . TYR A 1 124 ? 10.093  -3.827  -9.889  1.00 21.71 ? 161 TYR A CE1 1 
ATOM   924  C  CE2 . TYR A 1 124 ? 8.427   -5.317  -8.945  1.00 21.68 ? 161 TYR A CE2 1 
ATOM   925  C  CZ  . TYR A 1 124 ? 9.496   -5.082  -9.806  1.00 21.83 ? 161 TYR A CZ  1 
ATOM   926  O  OH  . TYR A 1 124 ? 9.932   -6.104  -10.616 1.00 23.62 ? 161 TYR A OH  1 
ATOM   927  N  N   . VAL A 1 125 ? 5.510   -0.246  -6.243  1.00 18.97 ? 162 VAL A N   1 
ATOM   928  C  CA  . VAL A 1 125 ? 5.039   0.621   -5.173  1.00 19.27 ? 162 VAL A CA  1 
ATOM   929  C  C   . VAL A 1 125 ? 5.043   -0.242  -3.929  1.00 19.99 ? 162 VAL A C   1 
ATOM   930  O  O   . VAL A 1 125 ? 4.458   -1.352  -3.919  1.00 19.51 ? 162 VAL A O   1 
ATOM   931  C  CB  . VAL A 1 125 ? 3.608   1.145   -5.413  1.00 19.15 ? 162 VAL A CB  1 
ATOM   932  C  CG1 . VAL A 1 125 ? 3.211   2.075   -4.257  1.00 17.69 ? 162 VAL A CG1 1 
ATOM   933  C  CG2 . VAL A 1 125 ? 3.507   1.843   -6.806  1.00 18.88 ? 162 VAL A CG2 1 
ATOM   934  N  N   . LYS A 1 126 ? 5.672   0.261   -2.889  1.00 19.56 ? 163 LYS A N   1 
ATOM   935  C  CA  . LYS A 1 126 ? 5.829   -0.523  -1.679  1.00 22.36 ? 163 LYS A CA  1 
ATOM   936  C  C   . LYS A 1 126 ? 5.380   0.300   -0.470  1.00 21.44 ? 163 LYS A C   1 
ATOM   937  O  O   . LYS A 1 126 ? 5.585   1.524   -0.423  1.00 21.49 ? 163 LYS A O   1 
ATOM   938  C  CB  . LYS A 1 126 ? 7.304   -0.907  -1.575  1.00 23.66 ? 163 LYS A CB  1 
ATOM   939  C  CG  . LYS A 1 126 ? 7.599   -2.008  -0.643  1.00 29.06 ? 163 LYS A CG  1 
ATOM   940  C  CD  . LYS A 1 126 ? 8.995   -2.529  -0.920  1.00 33.73 ? 163 LYS A CD  1 
ATOM   941  C  CE  . LYS A 1 126 ? 9.167   -3.802  -0.152  1.00 35.81 ? 163 LYS A CE  1 
ATOM   942  N  NZ  . LYS A 1 126 ? 10.443  -3.786  0.583   1.00 39.13 ? 163 LYS A NZ  1 
ATOM   943  N  N   . VAL A 1 127 ? 4.724   -0.369  0.477   1.00 20.69 ? 164 VAL A N   1 
ATOM   944  C  CA  . VAL A 1 127 ? 4.443   0.207   1.774   1.00 20.10 ? 164 VAL A CA  1 
ATOM   945  C  C   . VAL A 1 127 ? 5.301   -0.582  2.785   1.00 20.98 ? 164 VAL A C   1 
ATOM   946  O  O   . VAL A 1 127 ? 5.234   -1.816  2.841   1.00 20.83 ? 164 VAL A O   1 
ATOM   947  C  CB  . VAL A 1 127 ? 2.926   0.110   2.148   1.00 19.88 ? 164 VAL A CB  1 
ATOM   948  C  CG1 . VAL A 1 127 ? 2.670   0.733   3.556   1.00 18.96 ? 164 VAL A CG1 1 
ATOM   949  C  CG2 . VAL A 1 127 ? 2.050   0.802   1.092   1.00 19.52 ? 164 VAL A CG2 1 
ATOM   950  N  N   . GLU A 1 128 ? 6.048   0.136   3.622   1.00 20.95 ? 165 GLU A N   1 
ATOM   951  C  CA  . GLU A 1 128 ? 6.957   -0.491  4.592   1.00 21.84 ? 165 GLU A CA  1 
ATOM   952  C  C   . GLU A 1 128 ? 6.676   0.073   5.961   1.00 22.23 ? 165 GLU A C   1 
ATOM   953  O  O   . GLU A 1 128 ? 6.873   1.277   6.183   1.00 22.18 ? 165 GLU A O   1 
ATOM   954  C  CB  . GLU A 1 128 ? 8.385   -0.140  4.238   1.00 22.08 ? 165 GLU A CB  1 
ATOM   955  C  CG  . GLU A 1 128 ? 8.807   -0.668  2.907   1.00 24.44 ? 165 GLU A CG  1 
ATOM   956  C  CD  . GLU A 1 128 ? 10.251  -0.308  2.563   1.00 27.48 ? 165 GLU A CD  1 
ATOM   957  O  OE1 . GLU A 1 128 ? 10.862  0.550   3.246   1.00 27.40 ? 165 GLU A OE1 1 
ATOM   958  O  OE2 . GLU A 1 128 ? 10.752  -0.871  1.581   1.00 29.50 ? 165 GLU A OE2 1 
ATOM   959  N  N   . LEU A 1 129 ? 6.246   -0.789  6.878   1.00 22.74 ? 166 LEU A N   1 
ATOM   960  C  CA  . LEU A 1 129 ? 6.142   -0.400  8.291   1.00 23.44 ? 166 LEU A CA  1 
ATOM   961  C  C   . LEU A 1 129 ? 7.552   -0.331  8.876   1.00 25.09 ? 166 LEU A C   1 
ATOM   962  O  O   . LEU A 1 129 ? 8.425   -1.106  8.460   1.00 25.41 ? 166 LEU A O   1 
ATOM   963  C  CB  . LEU A 1 129 ? 5.330   -1.410  9.096   1.00 22.15 ? 166 LEU A CB  1 
ATOM   964  C  CG  . LEU A 1 129 ? 3.842   -1.518  8.759   1.00 21.00 ? 166 LEU A CG  1 
ATOM   965  C  CD1 . LEU A 1 129 ? 3.101   -2.356  9.814   1.00 17.92 ? 166 LEU A CD1 1 
ATOM   966  C  CD2 . LEU A 1 129 ? 3.191   -0.133  8.631   1.00 20.08 ? 166 LEU A CD2 1 
ATOM   967  N  N   . LYS A 1 130 ? 7.768   0.583   9.829   1.00 26.14 ? 167 LYS A N   1 
ATOM   968  C  CA  . LYS A 1 130 ? 9.097   0.741   10.435  1.00 27.68 ? 167 LYS A CA  1 
ATOM   969  C  C   . LYS A 1 130 ? 9.098   0.354   11.902  1.00 29.17 ? 167 LYS A C   1 
ATOM   970  O  O   . LYS A 1 130 ? 10.053  0.591   12.648  1.00 30.01 ? 167 LYS A O   1 
ATOM   971  C  CB  . LYS A 1 130 ? 9.604   2.157   10.231  1.00 26.99 ? 167 LYS A CB  1 
ATOM   972  C  CG  . LYS A 1 130 ? 10.056  2.380   8.795   1.00 30.31 ? 167 LYS A CG  1 
ATOM   973  C  CD  . LYS A 1 130 ? 9.979   3.849   8.467   1.00 36.78 ? 167 LYS A CD  1 
ATOM   974  C  CE  . LYS A 1 130 ? 11.331  4.522   8.538   1.00 42.38 ? 167 LYS A CE  1 
ATOM   975  N  NZ  . LYS A 1 130 ? 11.151  5.998   8.193   1.00 48.53 ? 167 LYS A NZ  1 
ATOM   976  N  N   . THR A 1 131 ? 8.046   -0.333  12.274  1.00 29.44 ? 168 THR A N   1 
ATOM   977  C  CA  . THR A 1 131 ? 7.661   -0.531  13.626  1.00 31.12 ? 168 THR A CA  1 
ATOM   978  C  C   . THR A 1 131 ? 7.881   -2.033  13.961  1.00 30.70 ? 168 THR A C   1 
ATOM   979  O  O   . THR A 1 131 ? 7.878   -2.886  13.066  1.00 29.96 ? 168 THR A O   1 
ATOM   980  C  CB  . THR A 1 131 ? 6.228   -0.062  13.602  1.00 32.23 ? 168 THR A CB  1 
ATOM   981  O  OG1 . THR A 1 131 ? 5.986   0.963   14.572  1.00 34.38 ? 168 THR A OG1 1 
ATOM   982  C  CG2 . THR A 1 131 ? 5.264   -1.180  13.574  1.00 32.64 ? 168 THR A CG2 1 
ATOM   983  N  N   . LYS A 1 132 ? 8.161   -2.356  15.221  1.00 30.19 ? 169 LYS A N   1 
ATOM   984  C  CA  . LYS A 1 132 ? 8.497   -3.744  15.566  1.00 29.80 ? 169 LYS A CA  1 
ATOM   985  C  C   . LYS A 1 132 ? 7.234   -4.528  15.826  1.00 28.66 ? 169 LYS A C   1 
ATOM   986  O  O   . LYS A 1 132 ? 6.257   -3.976  16.331  1.00 28.06 ? 169 LYS A O   1 
ATOM   987  C  CB  . LYS A 1 132 ? 9.402   -3.813  16.809  1.00 31.12 ? 169 LYS A CB  1 
ATOM   988  C  CG  . LYS A 1 132 ? 10.863  -3.509  16.489  1.00 34.77 ? 169 LYS A CG  1 
ATOM   989  C  CD  . LYS A 1 132 ? 11.694  -3.514  17.752  1.00 42.43 ? 169 LYS A CD  1 
ATOM   990  C  CE  . LYS A 1 132 ? 13.139  -3.091  17.461  1.00 46.62 ? 169 LYS A CE  1 
ATOM   991  N  NZ  . LYS A 1 132 ? 13.739  -3.957  16.385  1.00 49.85 ? 169 LYS A NZ  1 
ATOM   992  N  N   . ASN A 1 133 ? 7.258   -5.812  15.471  1.00 27.69 ? 170 ASN A N   1 
ATOM   993  C  CA  . ASN A 1 133 ? 6.213   -6.751  15.866  1.00 26.88 ? 170 ASN A CA  1 
ATOM   994  C  C   . ASN A 1 133 ? 4.806   -6.238  15.558  1.00 26.02 ? 170 ASN A C   1 
ATOM   995  O  O   . ASN A 1 133 ? 3.899   -6.300  16.413  1.00 25.19 ? 170 ASN A O   1 
ATOM   996  C  CB  . ASN A 1 133 ? 6.344   -7.083  17.363  1.00 27.87 ? 170 ASN A CB  1 
ATOM   997  C  CG  . ASN A 1 133 ? 5.402   -8.159  17.792  1.00 28.57 ? 170 ASN A CG  1 
ATOM   998  O  OD1 . ASN A 1 133 ? 4.760   -8.053  18.839  1.00 33.61 ? 170 ASN A OD1 1 
ATOM   999  N  ND2 . ASN A 1 133 ? 5.271   -9.188  16.973  1.00 28.26 ? 170 ASN A ND2 1 
ATOM   1000 N  N   . THR A 1 134 ? 4.630   -5.677  14.357  1.00 24.95 ? 171 THR A N   1 
ATOM   1001 C  CA  . THR A 1 134 ? 3.290   -5.202  13.982  1.00 24.36 ? 171 THR A CA  1 
ATOM   1002 C  C   . THR A 1 134 ? 2.911   -5.645  12.554  1.00 21.94 ? 171 THR A C   1 
ATOM   1003 O  O   . THR A 1 134 ? 3.772   -5.634  11.665  1.00 22.15 ? 171 THR A O   1 
ATOM   1004 C  CB  . THR A 1 134 ? 2.996   -3.689  14.362  1.00 26.24 ? 171 THR A CB  1 
ATOM   1005 O  OG1 . THR A 1 134 ? 2.524   -2.906  13.252  1.00 31.18 ? 171 THR A OG1 1 
ATOM   1006 C  CG2 . THR A 1 134 ? 4.077   -3.000  15.179  1.00 24.46 ? 171 THR A CG2 1 
ATOM   1007 N  N   . PRO A 1 135 ? 1.654   -6.112  12.355  1.00 20.26 ? 172 PRO A N   1 
ATOM   1008 C  CA  . PRO A 1 135 ? 1.302   -6.575  11.014  1.00 19.62 ? 172 PRO A CA  1 
ATOM   1009 C  C   . PRO A 1 135 ? 0.890   -5.409  10.139  1.00 20.15 ? 172 PRO A C   1 
ATOM   1010 O  O   . PRO A 1 135 ? 0.352   -4.392  10.644  1.00 19.76 ? 172 PRO A O   1 
ATOM   1011 C  CB  . PRO A 1 135 ? 0.110   -7.497  11.247  1.00 19.39 ? 172 PRO A CB  1 
ATOM   1012 C  CG  . PRO A 1 135 ? -0.538  -6.943  12.525  1.00 20.12 ? 172 PRO A CG  1 
ATOM   1013 C  CD  . PRO A 1 135 ? 0.498   -6.164  13.274  1.00 19.82 ? 172 PRO A CD  1 
ATOM   1014 N  N   . LEU A 1 136 ? 1.133   -5.564  8.837   1.00 20.22 ? 173 LEU A N   1 
ATOM   1015 C  CA  . LEU A 1 136 ? 0.655   -4.582  7.857   1.00 19.50 ? 173 LEU A CA  1 
ATOM   1016 C  C   . LEU A 1 136 ? -0.661  -5.078  7.274   1.00 18.65 ? 173 LEU A C   1 
ATOM   1017 O  O   . LEU A 1 136 ? -0.731  -6.183  6.748   1.00 18.62 ? 173 LEU A O   1 
ATOM   1018 C  CB  . LEU A 1 136 ? 1.675   -4.346  6.749   1.00 19.49 ? 173 LEU A CB  1 
ATOM   1019 C  CG  . LEU A 1 136 ? 1.239   -3.402  5.604   1.00 19.63 ? 173 LEU A CG  1 
ATOM   1020 C  CD1 . LEU A 1 136 ? 0.909   -2.002  6.151   1.00 19.91 ? 173 LEU A CD1 1 
ATOM   1021 C  CD2 . LEU A 1 136 ? 2.431   -3.307  4.609   1.00 19.89 ? 173 LEU A CD2 1 
ATOM   1022 N  N   . SER A 1 137 ? -1.700  -4.250  7.380   1.00 18.12 ? 174 SER A N   1 
ATOM   1023 C  CA  . SER A 1 137 ? -3.011  -4.551  6.811   1.00 18.52 ? 174 SER A CA  1 
ATOM   1024 C  C   . SER A 1 137 ? -3.475  -3.354  5.979   1.00 18.65 ? 174 SER A C   1 
ATOM   1025 O  O   . SER A 1 137 ? -3.599  -2.241  6.504   1.00 19.05 ? 174 SER A O   1 
ATOM   1026 C  CB  . SER A 1 137 ? -4.037  -4.821  7.923   1.00 18.14 ? 174 SER A CB  1 
ATOM   1027 O  OG  . SER A 1 137 ? -3.794  -6.078  8.567   1.00 18.84 ? 174 SER A OG  1 
ATOM   1028 N  N   . LEU A 1 138 ? -3.759  -3.595  4.709   1.00 17.92 ? 175 LEU A N   1 
ATOM   1029 C  CA  . LEU A 1 138 ? -4.219  -2.539  3.814   1.00 18.44 ? 175 LEU A CA  1 
ATOM   1030 C  C   . LEU A 1 138 ? -5.542  -2.993  3.191   1.00 18.00 ? 175 LEU A C   1 
ATOM   1031 O  O   . LEU A 1 138 ? -5.627  -4.126  2.655   1.00 17.82 ? 175 LEU A O   1 
ATOM   1032 C  CB  . LEU A 1 138 ? -3.167  -2.315  2.691   1.00 17.76 ? 175 LEU A CB  1 
ATOM   1033 C  CG  . LEU A 1 138 ? -1.847  -1.750  3.218   1.00 18.64 ? 175 LEU A CG  1 
ATOM   1034 C  CD1 . LEU A 1 138 ? -0.735  -2.041  2.171   1.00 18.19 ? 175 LEU A CD1 1 
ATOM   1035 C  CD2 . LEU A 1 138 ? -2.043  -0.235  3.451   1.00 20.90 ? 175 LEU A CD2 1 
ATOM   1036 N  N   . ALA A 1 139 ? -6.558  -2.131  3.240   1.00 17.27 ? 176 ALA A N   1 
ATOM   1037 C  CA  . ALA A 1 139 ? -7.820  -2.443  2.572   1.00 17.81 ? 176 ALA A CA  1 
ATOM   1038 C  C   . ALA A 1 139 ? -7.654  -2.321  1.050   1.00 17.68 ? 176 ALA A C   1 
ATOM   1039 O  O   . ALA A 1 139 ? -8.228  -3.071  0.296   1.00 17.45 ? 176 ALA A O   1 
ATOM   1040 C  CB  . ALA A 1 139 ? -8.956  -1.508  3.090   1.00 18.11 ? 176 ALA A CB  1 
ATOM   1041 N  N   . GLU A 1 140 ? -6.850  -1.359  0.600   1.00 18.00 ? 177 GLU A N   1 
ATOM   1042 C  CA  . GLU A 1 140 ? -6.624  -1.172  -0.822  1.00 17.80 ? 177 GLU A CA  1 
ATOM   1043 C  C   . GLU A 1 140 ? -5.467  -0.197  -0.997  1.00 18.42 ? 177 GLU A C   1 
ATOM   1044 O  O   . GLU A 1 140 ? -5.237  0.662   -0.129  1.00 18.69 ? 177 GLU A O   1 
ATOM   1045 C  CB  . GLU A 1 140 ? -7.890  -0.597  -1.525  1.00 17.15 ? 177 GLU A CB  1 
ATOM   1046 C  CG  . GLU A 1 140 ? -7.860  -0.651  -3.065  1.00 15.74 ? 177 GLU A CG  1 
ATOM   1047 C  CD  . GLU A 1 140 ? -8.243  -2.028  -3.638  1.00 19.35 ? 177 GLU A CD  1 
ATOM   1048 O  OE1 . GLU A 1 140 ? -8.431  -2.983  -2.853  1.00 19.75 ? 177 GLU A OE1 1 
ATOM   1049 O  OE2 . GLU A 1 140 ? -8.306  -2.169  -4.880  1.00 18.77 ? 177 GLU A OE2 1 
ATOM   1050 N  N   . VAL A 1 141 ? -4.742  -0.387  -2.104  1.00 19.20 ? 178 VAL A N   1 
ATOM   1051 C  CA  . VAL A 1 141 ? -3.729  0.579   -2.582  1.00 18.64 ? 178 VAL A CA  1 
ATOM   1052 C  C   . VAL A 1 141 ? -4.048  0.856   -4.037  1.00 18.80 ? 178 VAL A C   1 
ATOM   1053 O  O   . VAL A 1 141 ? -4.092  -0.076  -4.874  1.00 18.52 ? 178 VAL A O   1 
ATOM   1054 C  CB  . VAL A 1 141 ? -2.272  0.044   -2.438  1.00 19.37 ? 178 VAL A CB  1 
ATOM   1055 C  CG1 . VAL A 1 141 ? -1.259  1.068   -3.003  1.00 18.75 ? 178 VAL A CG1 1 
ATOM   1056 C  CG2 . VAL A 1 141 ? -1.954  -0.309  -0.964  1.00 17.64 ? 178 VAL A CG2 1 
ATOM   1057 N  N   . GLU A 1 142 ? -4.291  2.134   -4.333  1.00 17.79 ? 179 GLU A N   1 
ATOM   1058 C  CA  . GLU A 1 142 ? -4.608  2.550   -5.685  1.00 18.61 ? 179 GLU A CA  1 
ATOM   1059 C  C   . GLU A 1 142 ? -3.465  3.414   -6.186  1.00 18.69 ? 179 GLU A C   1 
ATOM   1060 O  O   . GLU A 1 142 ? -2.851  4.119   -5.389  1.00 19.38 ? 179 GLU A O   1 
ATOM   1061 C  CB  . GLU A 1 142 ? -5.936  3.329   -5.706  1.00 17.84 ? 179 GLU A CB  1 
ATOM   1062 C  CG  . GLU A 1 142 ? -7.120  2.437   -5.274  1.00 19.68 ? 179 GLU A CG  1 
ATOM   1063 C  CD  . GLU A 1 142 ? -8.444  3.160   -5.205  1.00 24.82 ? 179 GLU A CD  1 
ATOM   1064 O  OE1 . GLU A 1 142 ? -8.429  4.421   -5.051  1.00 24.42 ? 179 GLU A OE1 1 
ATOM   1065 O  OE2 . GLU A 1 142 ? -9.481  2.445   -5.254  1.00 22.72 ? 179 GLU A OE2 1 
ATOM   1066 N  N   . VAL A 1 143 ? -3.139  3.289   -7.468  1.00 18.68 ? 180 VAL A N   1 
ATOM   1067 C  CA  . VAL A 1 143 ? -1.971  3.995   -8.009  1.00 19.97 ? 180 VAL A CA  1 
ATOM   1068 C  C   . VAL A 1 143 ? -2.419  4.666   -9.300  1.00 20.27 ? 180 VAL A C   1 
ATOM   1069 O  O   . VAL A 1 143 ? -3.098  4.032   -10.127 1.00 20.60 ? 180 VAL A O   1 
ATOM   1070 C  CB  . VAL A 1 143 ? -0.778  3.026   -8.274  1.00 19.41 ? 180 VAL A CB  1 
ATOM   1071 C  CG1 . VAL A 1 143 ? 0.393   3.770   -8.975  1.00 19.27 ? 180 VAL A CG1 1 
ATOM   1072 C  CG2 . VAL A 1 143 ? -0.312  2.332   -6.943  1.00 20.35 ? 180 VAL A CG2 1 
ATOM   1073 N  N   . PHE A 1 144 ? -2.033  5.932   -9.470  1.00 20.99 ? 181 PHE A N   1 
ATOM   1074 C  CA  . PHE A 1 144 ? -2.501  6.732   -10.612 1.00 21.76 ? 181 PHE A CA  1 
ATOM   1075 C  C   . PHE A 1 144 ? -1.347  7.411   -11.324 1.00 22.82 ? 181 PHE A C   1 
ATOM   1076 O  O   . PHE A 1 144 ? -0.428  7.942   -10.656 1.00 22.15 ? 181 PHE A O   1 
ATOM   1077 C  CB  . PHE A 1 144 ? -3.465  7.795   -10.104 1.00 21.93 ? 181 PHE A CB  1 
ATOM   1078 C  CG  . PHE A 1 144 ? -4.614  7.224   -9.334  1.00 22.24 ? 181 PHE A CG  1 
ATOM   1079 C  CD1 . PHE A 1 144 ? -5.740  6.755   -10.007 1.00 23.82 ? 181 PHE A CD1 1 
ATOM   1080 C  CD2 . PHE A 1 144 ? -4.564  7.147   -7.947  1.00 21.22 ? 181 PHE A CD2 1 
ATOM   1081 C  CE1 . PHE A 1 144 ? -6.793  6.191   -9.296  1.00 23.42 ? 181 PHE A CE1 1 
ATOM   1082 C  CE2 . PHE A 1 144 ? -5.618  6.616   -7.225  1.00 23.16 ? 181 PHE A CE2 1 
ATOM   1083 C  CZ  . PHE A 1 144 ? -6.734  6.134   -7.918  1.00 23.64 ? 181 PHE A CZ  1 
ATOM   1084 N  N   . ARG A 1 145 ? -1.382  7.390   -12.657 1.00 23.25 ? 182 ARG A N   1 
ATOM   1085 C  CA  . ARG A 1 145 ? -0.351  8.066   -13.447 1.00 25.37 ? 182 ARG A CA  1 
ATOM   1086 C  C   . ARG A 1 145 ? -0.473  9.574   -13.308 1.00 27.12 ? 182 ARG A C   1 
ATOM   1087 O  O   . ARG A 1 145 ? -1.569  10.098  -13.123 1.00 25.43 ? 182 ARG A O   1 
ATOM   1088 C  CB  . ARG A 1 145 ? -0.470  7.730   -14.916 1.00 25.40 ? 182 ARG A CB  1 
ATOM   1089 C  CG  . ARG A 1 145 ? -0.114  6.341   -15.250 1.00 26.90 ? 182 ARG A CG  1 
ATOM   1090 C  CD  . ARG A 1 145 ? -0.281  6.152   -16.747 1.00 30.62 ? 182 ARG A CD  1 
ATOM   1091 N  NE  . ARG A 1 145 ? -0.180  4.742   -17.096 1.00 29.92 ? 182 ARG A NE  1 
ATOM   1092 C  CZ  . ARG A 1 145 ? -1.208  3.955   -17.408 1.00 31.17 ? 182 ARG A CZ  1 
ATOM   1093 N  NH1 . ARG A 1 145 ? -0.970  2.675   -17.696 1.00 30.28 ? 182 ARG A NH1 1 
ATOM   1094 N  NH2 . ARG A 1 145 ? -2.463  4.417   -17.434 1.00 31.69 ? 182 ARG A NH2 1 
ATOM   1095 N  N   . SER A 1 146 ? 0.662   10.259  -13.403 1.00 29.50 ? 183 SER A N   1 
ATOM   1096 C  CA  . SER A 1 146 ? 0.694   11.709  -13.558 1.00 33.58 ? 183 SER A CA  1 
ATOM   1097 C  C   . SER A 1 146 ? -0.169  12.128  -14.752 1.00 36.28 ? 183 SER A C   1 
ATOM   1098 O  O   . SER A 1 146 ? -0.176  11.448  -15.786 1.00 35.91 ? 183 SER A O   1 
ATOM   1099 C  CB  . SER A 1 146 ? 2.137   12.169  -13.816 1.00 33.45 ? 183 SER A CB  1 
ATOM   1100 O  OG  . SER A 1 146 ? 2.929   12.012  -12.650 1.00 33.77 ? 183 SER A OG  1 
ATOM   1101 N  N   . ALA A 1 147 ? -0.874  13.250  -14.596 1.00 40.53 ? 184 ALA A N   1 
ATOM   1102 C  CA  . ALA A 1 147 ? -1.608  13.874  -15.704 1.00 44.94 ? 184 ALA A CA  1 
ATOM   1103 C  C   . ALA A 1 147 ? -0.623  14.315  -16.804 1.00 47.50 ? 184 ALA A C   1 
ATOM   1104 O  O   . ALA A 1 147 ? 0.440   14.854  -16.481 1.00 48.31 ? 184 ALA A O   1 
ATOM   1105 C  CB  . ALA A 1 147 ? -2.402  15.084  -15.183 1.00 44.88 ? 184 ALA A CB  1 
ATOM   1106 N  N   . THR A 1 148 ? -0.947  14.077  -18.082 1.00 50.35 ? 185 THR A N   1 
ATOM   1107 C  CA  . THR A 1 148 ? -0.119  14.637  -19.179 1.00 52.79 ? 185 THR A CA  1 
ATOM   1108 C  C   . THR A 1 148 ? -0.700  15.956  -19.677 1.00 53.18 ? 185 THR A C   1 
ATOM   1109 O  O   . THR A 1 148 ? -0.303  17.025  -19.199 1.00 54.26 ? 185 THR A O   1 
ATOM   1110 C  CB  . THR A 1 148 ? 0.074   13.676  -20.376 1.00 53.30 ? 185 THR A CB  1 
ATOM   1111 O  OG1 . THR A 1 148 ? 0.067   12.320  -19.908 1.00 54.94 ? 185 THR A OG1 1 
ATOM   1112 C  CG2 . THR A 1 148 ? 1.416   13.983  -21.105 1.00 53.80 ? 185 THR A CG2 1 
HETATM 1113 CA CA  . CA  B 2 .   ? -9.366  -4.525  -1.138  1.00 19.48 ? 1   CA  A CA  1 
HETATM 1114 NI NI  . NI  C 3 .   ? -20.217 -7.483  7.924   0.40 24.75 ? 191 NI  A NI  1 
HETATM 1115 C  C1  . GOL D 4 .   ? -7.430  -11.157 12.498  1.00 48.07 ? 192 GOL A C1  1 
HETATM 1116 O  O1  . GOL D 4 .   ? -8.762  -11.633 12.492  1.00 48.95 ? 192 GOL A O1  1 
HETATM 1117 C  C2  . GOL D 4 .   ? -7.223  -10.062 13.545  1.00 48.45 ? 192 GOL A C2  1 
HETATM 1118 O  O2  . GOL D 4 .   ? -8.456  -9.405  13.767  1.00 48.02 ? 192 GOL A O2  1 
HETATM 1119 C  C3  . GOL D 4 .   ? -6.282  -9.035  12.928  1.00 46.72 ? 192 GOL A C3  1 
HETATM 1120 O  O3  . GOL D 4 .   ? -5.152  -8.780  13.714  1.00 43.46 ? 192 GOL A O3  1 
HETATM 1121 O  O   . HOH E 5 .   ? -12.839 -6.114  3.382   1.00 18.07 ? 2   HOH A O   1 
HETATM 1122 O  O   . HOH E 5 .   ? -1.089  -2.178  9.261   1.00 20.26 ? 3   HOH A O   1 
HETATM 1123 O  O   . HOH E 5 .   ? -6.962  5.166   9.852   1.00 28.41 ? 4   HOH A O   1 
HETATM 1124 O  O   . HOH E 5 .   ? -0.201  -6.276  3.859   1.00 21.48 ? 5   HOH A O   1 
HETATM 1125 O  O   . HOH E 5 .   ? -19.180 -2.336  1.947   1.00 28.14 ? 6   HOH A O   1 
HETATM 1126 O  O   . HOH E 5 .   ? -9.773  -9.207  4.857   1.00 20.17 ? 7   HOH A O   1 
HETATM 1127 O  O   . HOH E 5 .   ? 6.098   -4.163  11.030  1.00 24.47 ? 8   HOH A O   1 
HETATM 1128 O  O   . HOH E 5 .   ? -3.686  6.505   -14.042 1.00 27.93 ? 9   HOH A O   1 
HETATM 1129 O  O   . HOH E 5 .   ? 12.603  11.285  -5.133  1.00 23.85 ? 10  HOH A O   1 
HETATM 1130 O  O   . HOH E 5 .   ? 2.930   0.620   12.835  1.00 26.98 ? 11  HOH A O   1 
HETATM 1131 O  O   . HOH E 5 .   ? -4.378  -15.812 1.530   1.00 20.34 ? 12  HOH A O   1 
HETATM 1132 O  O   . HOH E 5 .   ? -0.326  -13.152 0.075   1.00 20.03 ? 13  HOH A O   1 
HETATM 1133 O  O   . HOH E 5 .   ? -10.199 2.565   4.737   1.00 24.80 ? 14  HOH A O   1 
HETATM 1134 O  O   . HOH E 5 .   ? 9.386   -8.454  16.973  1.00 35.97 ? 15  HOH A O   1 
HETATM 1135 O  O   . HOH E 5 .   ? -10.618 -12.357 5.863   1.00 27.58 ? 16  HOH A O   1 
HETATM 1136 O  O   . HOH E 5 .   ? -9.118  -0.854  12.406  1.00 38.69 ? 17  HOH A O   1 
HETATM 1137 O  O   . HOH E 5 .   ? -6.143  -1.253  -6.369  1.00 19.99 ? 18  HOH A O   1 
HETATM 1138 O  O   . HOH E 5 .   ? 3.155   -12.328 -0.645  1.00 26.92 ? 19  HOH A O   1 
HETATM 1139 O  O   . HOH E 5 .   ? -17.800 -14.445 3.832   1.00 33.14 ? 20  HOH A O   1 
HETATM 1140 O  O   . HOH E 5 .   ? 7.853   13.209  -4.865  1.00 23.42 ? 21  HOH A O   1 
HETATM 1141 O  O   . HOH E 5 .   ? 2.356   13.147  -0.443  1.00 20.62 ? 22  HOH A O   1 
HETATM 1142 O  O   . HOH E 5 .   ? -9.919  0.445   -8.419  1.00 26.49 ? 23  HOH A O   1 
HETATM 1143 O  O   . HOH E 5 .   ? 11.294  11.002  -2.544  1.00 20.12 ? 24  HOH A O   1 
HETATM 1144 O  O   . HOH E 5 .   ? 3.201   -13.858 1.982   1.00 28.14 ? 25  HOH A O   1 
HETATM 1145 O  O   . HOH E 5 .   ? -12.133 2.185   2.807   1.00 20.71 ? 26  HOH A O   1 
HETATM 1146 O  O   . HOH E 5 .   ? -17.253 -2.186  5.765   1.00 29.79 ? 27  HOH A O   1 
HETATM 1147 O  O   . HOH E 5 .   ? -2.783  -16.962 6.266   1.00 19.34 ? 28  HOH A O   1 
HETATM 1148 O  O   . HOH E 5 .   ? 1.974   -7.137  -12.197 1.00 19.34 ? 29  HOH A O   1 
HETATM 1149 O  O   . HOH E 5 .   ? -10.056 -0.047  -5.766  1.00 19.76 ? 30  HOH A O   1 
HETATM 1150 O  O   . HOH E 5 .   ? 15.482  0.342   -13.770 1.00 26.14 ? 31  HOH A O   1 
HETATM 1151 O  O   . HOH E 5 .   ? 8.738   11.643  -2.789  1.00 22.48 ? 32  HOH A O   1 
HETATM 1152 O  O   . HOH E 5 .   ? -17.443 -5.642  0.473   1.00 27.09 ? 33  HOH A O   1 
HETATM 1153 O  O   . HOH E 5 .   ? -3.148  -17.567 3.516   1.00 19.52 ? 34  HOH A O   1 
HETATM 1154 O  O   . HOH E 5 .   ? 11.207  1.415   5.610   1.00 34.61 ? 35  HOH A O   1 
HETATM 1155 O  O   . HOH E 5 .   ? -4.716  12.180  2.330   1.00 26.39 ? 36  HOH A O   1 
HETATM 1156 O  O   . HOH E 5 .   ? -18.305 -3.057  8.339   1.00 28.41 ? 37  HOH A O   1 
HETATM 1157 O  O   . HOH E 5 .   ? 10.747  -0.943  7.040   1.00 26.72 ? 193 HOH A O   1 
HETATM 1158 O  O   . HOH E 5 .   ? 3.458   -16.245 5.306   1.00 27.76 ? 194 HOH A O   1 
HETATM 1159 O  O   . HOH E 5 .   ? 6.649   -14.215 -9.689  1.00 40.85 ? 195 HOH A O   1 
HETATM 1160 O  O   . HOH E 5 .   ? 0.957   -0.505  -15.322 1.00 33.55 ? 196 HOH A O   1 
HETATM 1161 O  O   . HOH E 5 .   ? 14.139  8.316   -2.565  1.00 35.52 ? 197 HOH A O   1 
HETATM 1162 O  O   . HOH E 5 .   ? 3.089   13.900  -11.088 1.00 28.54 ? 198 HOH A O   1 
HETATM 1163 O  O   . HOH E 5 .   ? -6.439  -8.453  -6.795  1.00 26.64 ? 199 HOH A O   1 
HETATM 1164 O  O   . HOH E 5 .   ? -15.542 -3.238  14.582  1.00 51.23 ? 200 HOH A O   1 
HETATM 1165 O  O   . HOH E 5 .   ? -9.146  2.986   9.285   1.00 31.02 ? 201 HOH A O   1 
HETATM 1166 O  O   . HOH E 5 .   ? 7.977   14.209  -1.371  1.00 28.57 ? 202 HOH A O   1 
HETATM 1167 O  O   . HOH E 5 .   ? -9.586  2.612   -12.563 1.00 32.40 ? 203 HOH A O   1 
HETATM 1168 O  O   . HOH E 5 .   ? -1.759  -12.619 -2.742  1.00 26.86 ? 204 HOH A O   1 
HETATM 1169 O  O   . HOH E 5 .   ? -2.480  5.698   11.523  1.00 31.12 ? 205 HOH A O   1 
HETATM 1170 O  O   . HOH E 5 .   ? 0.476   12.905  1.451   1.00 32.57 ? 206 HOH A O   1 
HETATM 1171 O  O   . HOH E 5 .   ? 10.355  -9.962  12.603  1.00 26.10 ? 207 HOH A O   1 
HETATM 1172 O  O   . HOH E 5 .   ? -15.569 -13.119 7.942   1.00 30.92 ? 208 HOH A O   1 
HETATM 1173 O  O   . HOH E 5 .   ? -5.907  13.811  -7.060  1.00 50.02 ? 209 HOH A O   1 
HETATM 1174 O  O   . HOH E 5 .   ? 4.152   6.686   -17.761 1.00 33.30 ? 210 HOH A O   1 
HETATM 1175 O  O   . HOH E 5 .   ? 10.376  6.609   11.599  1.00 35.83 ? 211 HOH A O   1 
HETATM 1176 O  O   . HOH E 5 .   ? 5.272   13.485  2.264   1.00 25.10 ? 212 HOH A O   1 
HETATM 1177 O  O   . HOH E 5 .   ? -3.018  -18.651 8.381   1.00 29.21 ? 213 HOH A O   1 
HETATM 1178 O  O   . HOH E 5 .   ? -10.360 3.645   -8.488  1.00 42.27 ? 214 HOH A O   1 
HETATM 1179 O  O   . HOH E 5 .   ? -9.466  6.680   -5.605  1.00 39.14 ? 215 HOH A O   1 
HETATM 1180 O  O   . HOH E 5 .   ? -13.283 4.281   1.880   1.00 34.35 ? 216 HOH A O   1 
HETATM 1181 O  O   . HOH E 5 .   ? -17.860 -11.880 4.908   1.00 26.43 ? 217 HOH A O   1 
HETATM 1182 O  O   . HOH E 5 .   ? 13.798  10.513  -8.186  1.00 28.34 ? 218 HOH A O   1 
HETATM 1183 O  O   . HOH E 5 .   ? -20.854 -3.519  8.963   1.00 31.90 ? 219 HOH A O   1 
HETATM 1184 O  O   . HOH E 5 .   ? 5.091   1.601   -19.607 1.00 43.80 ? 220 HOH A O   1 
HETATM 1185 O  O   . HOH E 5 .   ? 13.014  0.015   0.662   1.00 36.42 ? 221 HOH A O   1 
HETATM 1186 O  O   . HOH E 5 .   ? 21.368  0.276   -6.180  1.00 36.41 ? 222 HOH A O   1 
HETATM 1187 O  O   . HOH E 5 .   ? 17.510  1.454   -3.715  1.00 39.38 ? 223 HOH A O   1 
HETATM 1188 O  O   . HOH E 5 .   ? -13.557 -8.081  -2.838  1.00 33.70 ? 224 HOH A O   1 
HETATM 1189 O  O   . HOH E 5 .   ? 1.200   14.060  -8.482  1.00 34.56 ? 225 HOH A O   1 
HETATM 1190 O  O   . HOH E 5 .   ? 5.075   -13.551 14.583  1.00 27.31 ? 226 HOH A O   1 
HETATM 1191 O  O   . HOH E 5 .   ? -1.101  -17.847 1.587   1.00 24.74 ? 227 HOH A O   1 
HETATM 1192 O  O   . HOH E 5 .   ? -14.955 -0.924  7.939   1.00 36.72 ? 228 HOH A O   1 
HETATM 1193 O  O   . HOH E 5 .   ? 4.161   15.869  -6.077  1.00 33.95 ? 229 HOH A O   1 
HETATM 1194 O  O   . HOH E 5 .   ? 2.490   15.779  -0.998  1.00 34.42 ? 230 HOH A O   1 
HETATM 1195 O  O   . HOH E 5 .   ? 7.222   -13.125 10.049  1.00 29.54 ? 231 HOH A O   1 
HETATM 1196 O  O   . HOH E 5 .   ? 6.686   15.310  0.801   1.00 26.61 ? 232 HOH A O   1 
HETATM 1197 O  O   . HOH E 5 .   ? 8.853   -0.201  16.988  1.00 39.84 ? 233 HOH A O   1 
HETATM 1198 O  O   . HOH E 5 .   ? -12.190 2.561   6.774   1.00 31.89 ? 234 HOH A O   1 
HETATM 1199 O  O   . HOH E 5 .   ? 0.341   -12.507 -4.223  1.00 43.09 ? 235 HOH A O   1 
HETATM 1200 O  O   . HOH E 5 .   ? 19.173  -0.379  -4.608  1.00 46.01 ? 236 HOH A O   1 
HETATM 1201 O  O   . HOH E 5 .   ? 7.857   -9.865  -3.632  1.00 34.30 ? 237 HOH A O   1 
HETATM 1202 O  O   . HOH E 5 .   ? -2.181  -15.942 -0.599  1.00 17.84 ? 238 HOH A O   1 
HETATM 1203 O  O   . HOH E 5 .   ? -13.941 5.208   -1.014  1.00 36.68 ? 239 HOH A O   1 
HETATM 1204 O  O   . HOH E 5 .   ? -22.094 -1.378  7.451   1.00 32.15 ? 240 HOH A O   1 
HETATM 1205 O  O   . HOH E 5 .   ? 6.636   -9.006  -9.690  1.00 35.51 ? 241 HOH A O   1 
HETATM 1206 O  O   . HOH E 5 .   ? -7.421  9.914   -9.329  1.00 42.88 ? 242 HOH A O   1 
HETATM 1207 O  O   . HOH E 5 .   ? 5.385   -9.514  -7.318  1.00 36.84 ? 243 HOH A O   1 
HETATM 1208 O  O   . HOH E 5 .   ? -11.958 9.239   6.950   1.00 45.46 ? 244 HOH A O   1 
HETATM 1209 O  O   . HOH E 5 .   ? 9.779   -3.085  5.431   1.00 31.07 ? 245 HOH A O   1 
HETATM 1210 O  O   . HOH E 5 .   ? 4.897   -7.788  -5.909  1.00 27.47 ? 246 HOH A O   1 
HETATM 1211 O  O   . HOH E 5 .   ? -0.063  -4.303  16.909  1.00 44.07 ? 247 HOH A O   1 
HETATM 1212 O  O   . HOH E 5 .   ? 4.674   13.713  -15.741 1.00 40.13 ? 248 HOH A O   1 
HETATM 1213 O  O   . HOH E 5 .   ? 7.711   -10.259 16.045  1.00 31.68 ? 249 HOH A O   1 
HETATM 1214 O  O   . HOH E 5 .   ? -14.827 0.760   4.169   1.00 32.28 ? 250 HOH A O   1 
HETATM 1215 O  O   . HOH E 5 .   ? 4.070   -8.766  -12.281 1.00 33.40 ? 251 HOH A O   1 
HETATM 1216 O  O   . HOH E 5 .   ? 14.909  -6.028  -10.840 1.00 41.40 ? 252 HOH A O   1 
HETATM 1217 O  O   . HOH E 5 .   ? 4.474   -11.765 17.284  1.00 32.21 ? 253 HOH A O   1 
HETATM 1218 O  O   . HOH E 5 .   ? 11.717  7.714   5.381   1.00 47.38 ? 254 HOH A O   1 
HETATM 1219 O  O   . HOH E 5 .   ? 10.654  -9.914  3.877   1.00 37.13 ? 255 HOH A O   1 
HETATM 1220 O  O   . HOH E 5 .   ? 6.216   7.906   13.332  1.00 45.42 ? 256 HOH A O   1 
HETATM 1221 O  O   . HOH E 5 .   ? -1.859  6.045   14.187  1.00 37.93 ? 257 HOH A O   1 
HETATM 1222 O  O   . HOH E 5 .   ? -5.157  -1.921  -13.666 1.00 48.37 ? 258 HOH A O   1 
HETATM 1223 O  O   . HOH E 5 .   ? -8.305  2.221   15.959  1.00 53.75 ? 259 HOH A O   1 
HETATM 1224 O  O   . HOH E 5 .   ? 13.073  -6.472  17.281  1.00 49.89 ? 260 HOH A O   1 
HETATM 1225 O  O   . HOH E 5 .   ? 1.718   -3.813  -16.831 1.00 43.48 ? 261 HOH A O   1 
HETATM 1226 O  O   . HOH E 5 .   ? 7.298   12.322  3.786   1.00 43.99 ? 262 HOH A O   1 
HETATM 1227 O  O   . HOH E 5 .   ? -11.724 3.752   -5.467  1.00 30.95 ? 263 HOH A O   1 
HETATM 1228 O  O   . HOH E 5 .   ? -7.497  10.089  -16.895 1.00 40.53 ? 264 HOH A O   1 
HETATM 1229 O  O   . HOH E 5 .   ? -11.377 -1.110  -10.038 1.00 47.95 ? 265 HOH A O   1 
HETATM 1230 O  O   . HOH E 5 .   ? -4.017  -8.953  -8.402  1.00 37.24 ? 266 HOH A O   1 
HETATM 1231 O  O   . HOH E 5 .   ? 8.621   -11.992 6.707   1.00 30.16 ? 267 HOH A O   1 
HETATM 1232 O  O   . HOH E 5 .   ? 10.308  12.340  0.591   1.00 37.23 ? 268 HOH A O   1 
HETATM 1233 O  O   . HOH E 5 .   ? 11.483  -5.492  -12.616 1.00 34.53 ? 269 HOH A O   1 
HETATM 1234 O  O   . HOH E 5 .   ? 8.604   -14.963 7.605   1.00 40.62 ? 270 HOH A O   1 
HETATM 1235 O  O   . HOH E 5 .   ? 4.471   12.804  6.596   1.00 40.01 ? 271 HOH A O   1 
HETATM 1236 O  O   . HOH E 5 .   ? -9.473  -14.533 6.885   1.00 33.79 ? 272 HOH A O   1 
HETATM 1237 O  O   . HOH E 5 .   ? 5.771   -7.255  -16.663 1.00 40.43 ? 273 HOH A O   1 
HETATM 1238 O  O   . HOH E 5 .   ? 4.782   -5.893  20.463  1.00 50.25 ? 274 HOH A O   1 
HETATM 1239 O  O   . HOH E 5 .   ? -1.557  -1.060  -16.247 1.00 35.49 ? 275 HOH A O   1 
HETATM 1240 O  O   . HOH E 5 .   ? 9.517   -12.059 3.132   1.00 35.95 ? 276 HOH A O   1 
HETATM 1241 O  O   . HOH E 5 .   ? 7.401   -4.539  -18.600 1.00 38.13 ? 277 HOH A O   1 
HETATM 1242 O  O   . HOH E 5 .   ? 15.352  7.794   0.916   1.00 41.99 ? 278 HOH A O   1 
HETATM 1243 O  O   . HOH E 5 .   ? 13.267  -6.764  9.757   1.00 50.91 ? 279 HOH A O   1 
HETATM 1244 O  O   . HOH E 5 .   ? -16.813 -4.012  11.680  1.00 41.20 ? 280 HOH A O   1 
HETATM 1245 O  O   . HOH E 5 .   ? 7.150   -12.299 0.091   1.00 47.82 ? 281 HOH A O   1 
HETATM 1246 O  O   . HOH E 5 .   ? -8.681  10.957  0.632   1.00 48.41 ? 282 HOH A O   1 
HETATM 1247 O  O   . HOH E 5 .   ? -3.986  -5.281  -13.972 1.00 35.08 ? 283 HOH A O   1 
HETATM 1248 O  O   . HOH E 5 .   ? 6.021   3.955   15.941  1.00 45.29 ? 284 HOH A O   1 
HETATM 1249 O  O   . HOH E 5 .   ? 10.164  -9.894  9.497   1.00 45.19 ? 285 HOH A O   1 
HETATM 1250 O  O   . HOH E 5 .   ? 11.165  -3.710  3.155   1.00 46.99 ? 286 HOH A O   1 
HETATM 1251 O  O   . HOH E 5 .   ? 12.665  0.229   11.022  1.00 49.79 ? 287 HOH A O   1 
HETATM 1252 O  O   . HOH E 5 .   ? -2.581  14.320  0.406   1.00 42.23 ? 288 HOH A O   1 
HETATM 1253 O  O   . HOH E 5 .   ? 3.632   14.719  4.007   1.00 52.04 ? 289 HOH A O   1 
HETATM 1254 O  O   . HOH E 5 .   ? -16.242 -8.115  0.274   1.00 35.36 ? 290 HOH A O   1 
HETATM 1255 O  O   . HOH E 5 .   ? -6.345  13.809  -15.240 1.00 52.92 ? 291 HOH A O   1 
HETATM 1256 O  O   . HOH E 5 .   ? 13.229  10.233  1.274   1.00 42.89 ? 292 HOH A O   1 
HETATM 1257 O  O   . HOH E 5 .   ? -11.704 3.660   9.119   1.00 42.80 ? 293 HOH A O   1 
HETATM 1258 O  O   . HOH E 5 .   ? -4.692  -2.688  11.015  1.00 21.00 ? 294 HOH A O   1 
HETATM 1259 O  O   . HOH E 5 .   ? -4.358  -5.379  11.189  1.00 20.72 ? 295 HOH A O   1 
HETATM 1260 O  O   . HOH E 5 .   ? -3.687  -1.267  9.121   1.00 20.32 ? 296 HOH A O   1 
HETATM 1261 O  O   . HOH E 5 .   ? -19.330 -9.239  8.389   1.00 21.62 ? 297 HOH A O   1 
HETATM 1262 O  O   . HOH E 5 .   ? -21.450 -8.234  6.424   1.00 24.79 ? 298 HOH A O   1 
HETATM 1263 O  O   . HOH E 5 .   ? -21.172 -5.620  7.586   1.00 21.19 ? 299 HOH A O   1 
HETATM 1264 O  O   . HOH E 5 .   ? -21.671 -7.884  9.443   1.00 26.73 ? 300 HOH A O   1 
HETATM 1265 O  O   . HOH E 5 .   ? -19.097 -6.630  9.507   1.00 21.81 ? 301 HOH A O   1 
HETATM 1266 O  O   . HOH E 5 .   ? -4.048  -17.555 10.538  1.00 31.21 ? 302 HOH A O   1 
HETATM 1267 O  O   . HOH E 5 .   ? -10.321 9.512   4.673   1.00 48.49 ? 303 HOH A O   1 
HETATM 1268 O  O   . HOH E 5 .   ? -7.153  7.363   -16.809 1.00 42.37 ? 304 HOH A O   1 
HETATM 1269 O  O   . HOH E 5 .   ? -5.234  5.944   11.898  1.00 32.61 ? 305 HOH A O   1 
HETATM 1270 O  O   . HOH E 5 .   ? -10.226 -9.347  -10.105 1.00 51.01 ? 306 HOH A O   1 
HETATM 1271 O  O   . HOH E 5 .   ? 9.710   11.482  4.172   1.00 42.57 ? 307 HOH A O   1 
HETATM 1272 O  O   . HOH E 5 .   ? 3.237   12.345  9.036   1.00 47.67 ? 308 HOH A O   1 
HETATM 1273 O  O   . HOH E 5 .   ? -1.983  -3.487  17.773  1.00 49.20 ? 309 HOH A O   1 
HETATM 1274 O  O   . HOH E 5 .   ? 13.625  -3.882  13.705  1.00 45.35 ? 310 HOH A O   1 
HETATM 1275 O  O   . HOH E 5 .   ? 10.381  -7.220  6.608   1.00 46.59 ? 311 HOH A O   1 
HETATM 1276 O  O   . HOH E 5 .   ? -13.164 2.343   11.246  1.00 44.67 ? 312 HOH A O   1 
HETATM 1277 O  O   . HOH E 5 .   ? 11.808  9.740   3.529   1.00 48.33 ? 313 HOH A O   1 
HETATM 1278 O  O   . HOH E 5 .   ? 12.194  -3.559  -1.601  1.00 46.09 ? 314 HOH A O   1 
HETATM 1279 O  O   . HOH E 5 .   ? -5.160  14.774  -0.527  1.00 42.75 ? 315 HOH A O   1 
HETATM 1280 O  O   . HOH E 5 .   ? -9.212  -5.874  17.382  1.00 44.30 ? 316 HOH A O   1 
HETATM 1281 O  O   . HOH E 5 .   ? -15.895 -7.984  10.888  1.00 30.71 ? 317 HOH A O   1 
HETATM 1282 O  O   . HOH E 5 .   ? -12.276 -0.292  14.683  1.00 34.42 ? 318 HOH A O   1 
HETATM 1283 O  O   . HOH E 5 .   ? -17.443 -9.796  10.140  1.00 36.09 ? 319 HOH A O   1 
HETATM 1284 O  O   . HOH E 5 .   ? -19.691 -11.452 6.901   1.00 37.27 ? 320 HOH A O   1 
# 
loop_
_pdbx_poly_seq_scheme.asym_id 
_pdbx_poly_seq_scheme.entity_id 
_pdbx_poly_seq_scheme.seq_id 
_pdbx_poly_seq_scheme.mon_id 
_pdbx_poly_seq_scheme.ndb_seq_num 
_pdbx_poly_seq_scheme.pdb_seq_num 
_pdbx_poly_seq_scheme.auth_seq_num 
_pdbx_poly_seq_scheme.pdb_mon_id 
_pdbx_poly_seq_scheme.auth_mon_id 
_pdbx_poly_seq_scheme.pdb_strand_id 
_pdbx_poly_seq_scheme.pdb_ins_code 
_pdbx_poly_seq_scheme.hetero 
A 1 1   GLU 1   38  ?   ?   ?   A . n 
A 1 2   GLN 2   39  ?   ?   ?   A . n 
A 1 3   GLY 3   40  ?   ?   ?   A . n 
A 1 4   ASN 4   41  ?   ?   ?   A . n 
A 1 5   ARG 5   42  ?   ?   ?   A . n 
A 1 6   PRO 6   43  ?   ?   ?   A . n 
A 1 7   VAL 7   44  44  VAL VAL A . n 
A 1 8   GLU 8   45  45  GLU GLU A . n 
A 1 9   THR 9   46  46  THR THR A . n 
A 1 10  GLU 10  47  47  GLU GLU A . n 
A 1 11  ASN 11  48  48  ASN ASN A . n 
A 1 12  ILE 12  49  49  ILE ILE A . n 
A 1 13  ALA 13  50  50  ALA ALA A . n 
A 1 14  ARG 14  51  51  ARG ARG A . n 
A 1 15  GLY 15  52  52  GLY GLY A . n 
A 1 16  LYS 16  53  53  LYS LYS A . n 
A 1 17  GLN 17  54  54  GLN GLN A . n 
A 1 18  ALA 18  55  55  ALA ALA A . n 
A 1 19  SER 19  56  56  SER SER A . n 
A 1 20  GLN 20  57  57  GLN GLN A . n 
A 1 21  SER 21  58  58  SER SER A . n 
A 1 22  SER 22  59  59  SER SER A . n 
A 1 23  THR 23  60  60  THR THR A . n 
A 1 24  ALA 24  61  61  ALA ALA A . n 
A 1 25  TYR 25  62  62  TYR TYR A . n 
A 1 26  GLY 26  63  63  GLY GLY A . n 
A 1 27  GLY 27  64  64  GLY GLY A . n 
A 1 28  ALA 28  65  65  ALA ALA A . n 
A 1 29  ALA 29  66  66  ALA ALA A . n 
A 1 30  THR 30  67  67  THR THR A . n 
A 1 31  ARG 31  68  68  ARG ARG A . n 
A 1 32  ALA 32  69  69  ALA ALA A . n 
A 1 33  VAL 33  70  70  VAL VAL A . n 
A 1 34  ASP 34  71  71  ASP ASP A . n 
A 1 35  GLY 35  72  72  GLY GLY A . n 
A 1 36  ASN 36  73  73  ASN ASN A . n 
A 1 37  VAL 37  74  74  VAL VAL A . n 
A 1 38  ASP 38  75  75  ASP ASP A . n 
A 1 39  SER 39  76  76  SER SER A . n 
A 1 40  ASP 40  77  77  ASP ASP A . n 
A 1 41  TYR 41  78  78  TYR TYR A . n 
A 1 42  GLY 42  79  79  GLY GLY A . n 
A 1 43  HIS 43  80  80  HIS HIS A . n 
A 1 44  HIS 44  81  81  HIS HIS A . n 
A 1 45  SER 45  82  82  SER SER A . n 
A 1 46  VAL 46  83  83  VAL VAL A . n 
A 1 47  THR 47  84  84  THR THR A . n 
A 1 48  HIS 48  85  85  HIS HIS A . n 
A 1 49  THR 49  86  86  THR THR A . n 
A 1 50  ASN 50  87  87  ASN ASN A . n 
A 1 51  PHE 51  88  88  PHE PHE A . n 
A 1 52  GLU 52  89  89  GLU GLU A . n 
A 1 53  ASP 53  90  90  ASP ASP A . n 
A 1 54  ASN 54  91  91  ASN ASN A . n 
A 1 55  ALA 55  92  92  ALA ALA A . n 
A 1 56  TRP 56  93  93  TRP TRP A . n 
A 1 57  TRP 57  94  94  TRP TRP A . n 
A 1 58  GLN 58  95  95  GLN GLN A . n 
A 1 59  VAL 59  96  96  VAL VAL A . n 
A 1 60  ASP 60  97  97  ASP ASP A . n 
A 1 61  LEU 61  98  98  LEU LEU A . n 
A 1 62  GLY 62  99  99  GLY GLY A . n 
A 1 63  LYS 63  100 100 LYS LYS A . n 
A 1 64  THR 64  101 101 THR THR A . n 
A 1 65  GLU 65  102 102 GLU GLU A . n 
A 1 66  ASN 66  103 103 ASN ASN A . n 
A 1 67  VAL 67  104 104 VAL VAL A . n 
A 1 68  GLY 68  105 105 GLY GLY A . n 
A 1 69  LYS 69  106 106 LYS LYS A . n 
A 1 70  VAL 70  107 107 VAL VAL A . n 
A 1 71  LYS 71  108 108 LYS LYS A . n 
A 1 72  LEU 72  109 109 LEU LEU A . n 
A 1 73  TYR 73  110 110 TYR TYR A . n 
A 1 74  ASN 74  111 111 ASN ASN A . n 
A 1 75  ARG 75  112 112 ARG ARG A . n 
A 1 76  GLY 76  113 113 GLY GLY A . n 
A 1 77  ASP 77  114 114 ASP ASP A . n 
A 1 78  GLY 78  115 115 GLY GLY A . n 
A 1 79  ASN 79  116 116 ASN ASN A . n 
A 1 80  VAL 80  117 117 VAL VAL A . n 
A 1 81  ALA 81  118 118 ALA ALA A . n 
A 1 82  ASN 82  119 119 ASN ASN A . n 
A 1 83  ARG 83  120 120 ARG ARG A . n 
A 1 84  LEU 84  121 121 LEU LEU A . n 
A 1 85  SER 85  122 122 SER SER A . n 
A 1 86  ASN 86  123 123 ASN ASN A . n 
A 1 87  PHE 87  124 124 PHE PHE A . n 
A 1 88  ASP 88  125 125 ASP ASP A . n 
A 1 89  VAL 89  126 126 VAL VAL A . n 
A 1 90  VAL 90  127 127 VAL VAL A . n 
A 1 91  LEU 91  128 128 LEU LEU A . n 
A 1 92  LEU 92  129 129 LEU LEU A . n 
A 1 93  ASN 93  130 130 ASN ASN A . n 
A 1 94  GLU 94  131 131 GLU GLU A . n 
A 1 95  ALA 95  132 132 ALA ALA A . n 
A 1 96  LYS 96  133 133 LYS LYS A . n 
A 1 97  GLN 97  134 134 GLN GLN A . n 
A 1 98  GLU 98  135 135 GLU GLU A . n 
A 1 99  VAL 99  136 136 VAL VAL A . n 
A 1 100 ALA 100 137 137 ALA ALA A . n 
A 1 101 ARG 101 138 138 ARG ARG A . n 
A 1 102 GLN 102 139 139 GLN GLN A . n 
A 1 103 HIS 103 140 140 HIS HIS A . n 
A 1 104 PHE 104 141 141 PHE PHE A . n 
A 1 105 ASP 105 142 142 ASP ASP A . n 
A 1 106 SER 106 143 143 SER SER A . n 
A 1 107 LEU 107 144 144 LEU LEU A . n 
A 1 108 ASN 108 145 145 ASN ASN A . n 
A 1 109 GLY 109 146 146 GLY GLY A . n 
A 1 110 LYS 110 147 147 LYS LYS A . n 
A 1 111 ALA 111 148 148 ALA ALA A . n 
A 1 112 GLU 112 149 149 GLU GLU A . n 
A 1 113 LEU 113 150 150 LEU LEU A . n 
A 1 114 GLU 114 151 151 GLU GLU A . n 
A 1 115 VAL 115 152 152 VAL VAL A . n 
A 1 116 PHE 116 153 153 PHE PHE A . n 
A 1 117 PHE 117 154 154 PHE PHE A . n 
A 1 118 THR 118 155 155 THR THR A . n 
A 1 119 ALA 119 156 156 ALA ALA A . n 
A 1 120 LYS 120 157 157 LYS LYS A . n 
A 1 121 ASP 121 158 158 ASP ASP A . n 
A 1 122 ALA 122 159 159 ALA ALA A . n 
A 1 123 ARG 123 160 160 ARG ARG A . n 
A 1 124 TYR 124 161 161 TYR TYR A . n 
A 1 125 VAL 125 162 162 VAL VAL A . n 
A 1 126 LYS 126 163 163 LYS LYS A . n 
A 1 127 VAL 127 164 164 VAL VAL A . n 
A 1 128 GLU 128 165 165 GLU GLU A . n 
A 1 129 LEU 129 166 166 LEU LEU A . n 
A 1 130 LYS 130 167 167 LYS LYS A . n 
A 1 131 THR 131 168 168 THR THR A . n 
A 1 132 LYS 132 169 169 LYS LYS A . n 
A 1 133 ASN 133 170 170 ASN ASN A . n 
A 1 134 THR 134 171 171 THR THR A . n 
A 1 135 PRO 135 172 172 PRO PRO A . n 
A 1 136 LEU 136 173 173 LEU LEU A . n 
A 1 137 SER 137 174 174 SER SER A . n 
A 1 138 LEU 138 175 175 LEU LEU A . n 
A 1 139 ALA 139 176 176 ALA ALA A . n 
A 1 140 GLU 140 177 177 GLU GLU A . n 
A 1 141 VAL 141 178 178 VAL VAL A . n 
A 1 142 GLU 142 179 179 GLU GLU A . n 
A 1 143 VAL 143 180 180 VAL VAL A . n 
A 1 144 PHE 144 181 181 PHE PHE A . n 
A 1 145 ARG 145 182 182 ARG ARG A . n 
A 1 146 SER 146 183 183 SER SER A . n 
A 1 147 ALA 147 184 184 ALA ALA A . n 
A 1 148 THR 148 185 185 THR THR A . n 
A 1 149 THR 149 186 ?   ?   ?   A . n 
A 1 150 GLN 150 187 ?   ?   ?   A . n 
A 1 151 VAL 151 188 ?   ?   ?   A . n 
A 1 152 GLY 152 189 ?   ?   ?   A . n 
A 1 153 CYS 153 190 ?   ?   ?   A . n 
# 
loop_
_pdbx_nonpoly_scheme.asym_id 
_pdbx_nonpoly_scheme.entity_id 
_pdbx_nonpoly_scheme.mon_id 
_pdbx_nonpoly_scheme.ndb_seq_num 
_pdbx_nonpoly_scheme.pdb_seq_num 
_pdbx_nonpoly_scheme.auth_seq_num 
_pdbx_nonpoly_scheme.pdb_mon_id 
_pdbx_nonpoly_scheme.auth_mon_id 
_pdbx_nonpoly_scheme.pdb_strand_id 
_pdbx_nonpoly_scheme.pdb_ins_code 
B 2 CA  1   1   1   CA  CA  A . 
C 3 NI  1   191 191 NI  NI  A . 
D 4 GOL 1   192 192 GOL GOL A . 
E 5 HOH 1   2   2   HOH HOH A . 
E 5 HOH 2   3   3   HOH HOH A . 
E 5 HOH 3   4   4   HOH HOH A . 
E 5 HOH 4   5   5   HOH HOH A . 
E 5 HOH 5   6   6   HOH HOH A . 
E 5 HOH 6   7   7   HOH HOH A . 
E 5 HOH 7   8   8   HOH HOH A . 
E 5 HOH 8   9   9   HOH HOH A . 
E 5 HOH 9   10  10  HOH HOH A . 
E 5 HOH 10  11  11  HOH HOH A . 
E 5 HOH 11  12  12  HOH HOH A . 
E 5 HOH 12  13  13  HOH HOH A . 
E 5 HOH 13  14  14  HOH HOH A . 
E 5 HOH 14  15  15  HOH HOH A . 
E 5 HOH 15  16  16  HOH HOH A . 
E 5 HOH 16  17  17  HOH HOH A . 
E 5 HOH 17  18  18  HOH HOH A . 
E 5 HOH 18  19  19  HOH HOH A . 
E 5 HOH 19  20  20  HOH HOH A . 
E 5 HOH 20  21  21  HOH HOH A . 
E 5 HOH 21  22  22  HOH HOH A . 
E 5 HOH 22  23  23  HOH HOH A . 
E 5 HOH 23  24  24  HOH HOH A . 
E 5 HOH 24  25  25  HOH HOH A . 
E 5 HOH 25  26  26  HOH HOH A . 
E 5 HOH 26  27  27  HOH HOH A . 
E 5 HOH 27  28  28  HOH HOH A . 
E 5 HOH 28  29  29  HOH HOH A . 
E 5 HOH 29  30  30  HOH HOH A . 
E 5 HOH 30  31  31  HOH HOH A . 
E 5 HOH 31  32  32  HOH HOH A . 
E 5 HOH 32  33  33  HOH HOH A . 
E 5 HOH 33  34  34  HOH HOH A . 
E 5 HOH 34  35  35  HOH HOH A . 
E 5 HOH 35  36  36  HOH HOH A . 
E 5 HOH 36  37  37  HOH HOH A . 
E 5 HOH 37  193 193 HOH HOH A . 
E 5 HOH 38  194 194 HOH HOH A . 
E 5 HOH 39  195 195 HOH HOH A . 
E 5 HOH 40  196 196 HOH HOH A . 
E 5 HOH 41  197 197 HOH HOH A . 
E 5 HOH 42  198 198 HOH HOH A . 
E 5 HOH 43  199 199 HOH HOH A . 
E 5 HOH 44  200 200 HOH HOH A . 
E 5 HOH 45  201 201 HOH HOH A . 
E 5 HOH 46  202 202 HOH HOH A . 
E 5 HOH 47  203 203 HOH HOH A . 
E 5 HOH 48  204 204 HOH HOH A . 
E 5 HOH 49  205 205 HOH HOH A . 
E 5 HOH 50  206 206 HOH HOH A . 
E 5 HOH 51  207 207 HOH HOH A . 
E 5 HOH 52  208 208 HOH HOH A . 
E 5 HOH 53  209 209 HOH HOH A . 
E 5 HOH 54  210 210 HOH HOH A . 
E 5 HOH 55  211 211 HOH HOH A . 
E 5 HOH 56  212 212 HOH HOH A . 
E 5 HOH 57  213 213 HOH HOH A . 
E 5 HOH 58  214 214 HOH HOH A . 
E 5 HOH 59  215 215 HOH HOH A . 
E 5 HOH 60  216 216 HOH HOH A . 
E 5 HOH 61  217 217 HOH HOH A . 
E 5 HOH 62  218 218 HOH HOH A . 
E 5 HOH 63  219 219 HOH HOH A . 
E 5 HOH 64  220 220 HOH HOH A . 
E 5 HOH 65  221 221 HOH HOH A . 
E 5 HOH 66  222 222 HOH HOH A . 
E 5 HOH 67  223 223 HOH HOH A . 
E 5 HOH 68  224 224 HOH HOH A . 
E 5 HOH 69  225 225 HOH HOH A . 
E 5 HOH 70  226 226 HOH HOH A . 
E 5 HOH 71  227 227 HOH HOH A . 
E 5 HOH 72  228 228 HOH HOH A . 
E 5 HOH 73  229 229 HOH HOH A . 
E 5 HOH 74  230 230 HOH HOH A . 
E 5 HOH 75  231 231 HOH HOH A . 
E 5 HOH 76  232 232 HOH HOH A . 
E 5 HOH 77  233 233 HOH HOH A . 
E 5 HOH 78  234 234 HOH HOH A . 
E 5 HOH 79  235 235 HOH HOH A . 
E 5 HOH 80  236 236 HOH HOH A . 
E 5 HOH 81  237 237 HOH HOH A . 
E 5 HOH 82  238 238 HOH HOH A . 
E 5 HOH 83  239 239 HOH HOH A . 
E 5 HOH 84  240 240 HOH HOH A . 
E 5 HOH 85  241 241 HOH HOH A . 
E 5 HOH 86  242 242 HOH HOH A . 
E 5 HOH 87  243 243 HOH HOH A . 
E 5 HOH 88  244 244 HOH HOH A . 
E 5 HOH 89  245 245 HOH HOH A . 
E 5 HOH 90  246 246 HOH HOH A . 
E 5 HOH 91  247 247 HOH HOH A . 
E 5 HOH 92  248 248 HOH HOH A . 
E 5 HOH 93  249 249 HOH HOH A . 
E 5 HOH 94  250 250 HOH HOH A . 
E 5 HOH 95  251 251 HOH HOH A . 
E 5 HOH 96  252 252 HOH HOH A . 
E 5 HOH 97  253 253 HOH HOH A . 
E 5 HOH 98  254 254 HOH HOH A . 
E 5 HOH 99  255 255 HOH HOH A . 
E 5 HOH 100 256 256 HOH HOH A . 
E 5 HOH 101 257 257 HOH HOH A . 
E 5 HOH 102 258 258 HOH HOH A . 
E 5 HOH 103 259 259 HOH HOH A . 
E 5 HOH 104 260 260 HOH HOH A . 
E 5 HOH 105 261 261 HOH HOH A . 
E 5 HOH 106 262 262 HOH HOH A . 
E 5 HOH 107 263 263 HOH HOH A . 
E 5 HOH 108 264 264 HOH HOH A . 
E 5 HOH 109 265 265 HOH HOH A . 
E 5 HOH 110 266 266 HOH HOH A . 
E 5 HOH 111 267 267 HOH HOH A . 
E 5 HOH 112 268 268 HOH HOH A . 
E 5 HOH 113 269 269 HOH HOH A . 
E 5 HOH 114 270 270 HOH HOH A . 
E 5 HOH 115 271 271 HOH HOH A . 
E 5 HOH 116 272 272 HOH HOH A . 
E 5 HOH 117 273 273 HOH HOH A . 
E 5 HOH 118 274 274 HOH HOH A . 
E 5 HOH 119 275 275 HOH HOH A . 
E 5 HOH 120 276 276 HOH HOH A . 
E 5 HOH 121 277 277 HOH HOH A . 
E 5 HOH 122 278 278 HOH HOH A . 
E 5 HOH 123 279 279 HOH HOH A . 
E 5 HOH 124 280 280 HOH HOH A . 
E 5 HOH 125 281 281 HOH HOH A . 
E 5 HOH 126 282 282 HOH HOH A . 
E 5 HOH 127 283 283 HOH HOH A . 
E 5 HOH 128 284 284 HOH HOH A . 
E 5 HOH 129 285 285 HOH HOH A . 
E 5 HOH 130 286 286 HOH HOH A . 
E 5 HOH 131 287 287 HOH HOH A . 
E 5 HOH 132 288 288 HOH HOH A . 
E 5 HOH 133 289 289 HOH HOH A . 
E 5 HOH 134 290 290 HOH HOH A . 
E 5 HOH 135 291 291 HOH HOH A . 
E 5 HOH 136 292 292 HOH HOH A . 
E 5 HOH 137 293 293 HOH HOH A . 
E 5 HOH 138 294 294 HOH HOH A . 
E 5 HOH 139 295 295 HOH HOH A . 
E 5 HOH 140 296 296 HOH HOH A . 
E 5 HOH 141 297 297 HOH HOH A . 
E 5 HOH 142 298 298 HOH HOH A . 
E 5 HOH 143 299 299 HOH HOH A . 
E 5 HOH 144 300 300 HOH HOH A . 
E 5 HOH 145 301 301 HOH HOH A . 
E 5 HOH 146 302 302 HOH HOH A . 
E 5 HOH 147 303 303 HOH HOH A . 
E 5 HOH 148 304 304 HOH HOH A . 
E 5 HOH 149 305 305 HOH HOH A . 
E 5 HOH 150 306 306 HOH HOH A . 
E 5 HOH 151 307 307 HOH HOH A . 
E 5 HOH 152 308 308 HOH HOH A . 
E 5 HOH 153 309 309 HOH HOH A . 
E 5 HOH 154 310 310 HOH HOH A . 
E 5 HOH 155 311 311 HOH HOH A . 
E 5 HOH 156 312 312 HOH HOH A . 
E 5 HOH 157 313 313 HOH HOH A . 
E 5 HOH 158 314 314 HOH HOH A . 
E 5 HOH 159 315 315 HOH HOH A . 
E 5 HOH 160 316 316 HOH HOH A . 
E 5 HOH 161 317 317 HOH HOH A . 
E 5 HOH 162 318 318 HOH HOH A . 
E 5 HOH 163 319 319 HOH HOH A . 
E 5 HOH 164 320 320 HOH HOH A . 
# 
_pdbx_struct_assembly.id                   1 
_pdbx_struct_assembly.details              author_and_software_defined_assembly 
_pdbx_struct_assembly.method_details       PISA 
_pdbx_struct_assembly.oligomeric_details   monomeric 
_pdbx_struct_assembly.oligomeric_count     1 
# 
_pdbx_struct_assembly_gen.assembly_id       1 
_pdbx_struct_assembly_gen.oper_expression   1 
_pdbx_struct_assembly_gen.asym_id_list      A,B,C,D,E 
# 
_pdbx_struct_oper_list.id                   1 
_pdbx_struct_oper_list.type                 'identity operation' 
_pdbx_struct_oper_list.name                 1_555 
_pdbx_struct_oper_list.symmetry_operation   x,y,z 
_pdbx_struct_oper_list.matrix[1][1]         1.0000000000 
_pdbx_struct_oper_list.matrix[1][2]         0.0000000000 
_pdbx_struct_oper_list.matrix[1][3]         0.0000000000 
_pdbx_struct_oper_list.vector[1]            0.0000000000 
_pdbx_struct_oper_list.matrix[2][1]         0.0000000000 
_pdbx_struct_oper_list.matrix[2][2]         1.0000000000 
_pdbx_struct_oper_list.matrix[2][3]         0.0000000000 
_pdbx_struct_oper_list.vector[2]            0.0000000000 
_pdbx_struct_oper_list.matrix[3][1]         0.0000000000 
_pdbx_struct_oper_list.matrix[3][2]         0.0000000000 
_pdbx_struct_oper_list.matrix[3][3]         1.0000000000 
_pdbx_struct_oper_list.vector[3]            0.0000000000 
# 
loop_
_pdbx_struct_conn_angle.id 
_pdbx_struct_conn_angle.ptnr1_label_atom_id 
_pdbx_struct_conn_angle.ptnr1_label_alt_id 
_pdbx_struct_conn_angle.ptnr1_label_asym_id 
_pdbx_struct_conn_angle.ptnr1_label_comp_id 
_pdbx_struct_conn_angle.ptnr1_label_seq_id 
_pdbx_struct_conn_angle.ptnr1_auth_atom_id 
_pdbx_struct_conn_angle.ptnr1_auth_asym_id 
_pdbx_struct_conn_angle.ptnr1_auth_comp_id 
_pdbx_struct_conn_angle.ptnr1_auth_seq_id 
_pdbx_struct_conn_angle.ptnr1_PDB_ins_code 
_pdbx_struct_conn_angle.ptnr1_symmetry 
_pdbx_struct_conn_angle.ptnr2_label_atom_id 
_pdbx_struct_conn_angle.ptnr2_label_alt_id 
_pdbx_struct_conn_angle.ptnr2_label_asym_id 
_pdbx_struct_conn_angle.ptnr2_label_comp_id 
_pdbx_struct_conn_angle.ptnr2_label_seq_id 
_pdbx_struct_conn_angle.ptnr2_auth_atom_id 
_pdbx_struct_conn_angle.ptnr2_auth_asym_id 
_pdbx_struct_conn_angle.ptnr2_auth_comp_id 
_pdbx_struct_conn_angle.ptnr2_auth_seq_id 
_pdbx_struct_conn_angle.ptnr2_PDB_ins_code 
_pdbx_struct_conn_angle.ptnr2_symmetry 
_pdbx_struct_conn_angle.ptnr3_label_atom_id 
_pdbx_struct_conn_angle.ptnr3_label_alt_id 
_pdbx_struct_conn_angle.ptnr3_label_asym_id 
_pdbx_struct_conn_angle.ptnr3_label_comp_id 
_pdbx_struct_conn_angle.ptnr3_label_seq_id 
_pdbx_struct_conn_angle.ptnr3_auth_atom_id 
_pdbx_struct_conn_angle.ptnr3_auth_asym_id 
_pdbx_struct_conn_angle.ptnr3_auth_comp_id 
_pdbx_struct_conn_angle.ptnr3_auth_seq_id 
_pdbx_struct_conn_angle.ptnr3_PDB_ins_code 
_pdbx_struct_conn_angle.ptnr3_symmetry 
_pdbx_struct_conn_angle.value 
_pdbx_struct_conn_angle.value_esd 
1  O   ? A ARG 31  ? A ARG 68  ? 1_555 CA ? B CA . ? A CA 1   ? 1_555 OD1 ? A ASP 34  ? A ASP 71  ? 1_555 76.3  ? 
2  O   ? A ARG 31  ? A ARG 68  ? 1_555 CA ? B CA . ? A CA 1   ? 1_555 O   ? A ASN 36  ? A ASN 73  ? 1_555 165.2 ? 
3  OD1 ? A ASP 34  ? A ASP 71  ? 1_555 CA ? B CA . ? A CA 1   ? 1_555 O   ? A ASN 36  ? A ASN 73  ? 1_555 91.1  ? 
4  O   ? A ARG 31  ? A ARG 68  ? 1_555 CA ? B CA . ? A CA 1   ? 1_555 OG  ? A SER 45  ? A SER 82  ? 1_555 103.2 ? 
5  OD1 ? A ASP 34  ? A ASP 71  ? 1_555 CA ? B CA . ? A CA 1   ? 1_555 OG  ? A SER 45  ? A SER 82  ? 1_555 70.9  ? 
6  O   ? A ASN 36  ? A ASN 73  ? 1_555 CA ? B CA . ? A CA 1   ? 1_555 OG  ? A SER 45  ? A SER 82  ? 1_555 79.4  ? 
7  O   ? A ARG 31  ? A ARG 68  ? 1_555 CA ? B CA . ? A CA 1   ? 1_555 O   ? A SER 45  ? A SER 82  ? 1_555 79.2  ? 
8  OD1 ? A ASP 34  ? A ASP 71  ? 1_555 CA ? B CA . ? A CA 1   ? 1_555 O   ? A SER 45  ? A SER 82  ? 1_555 128.1 ? 
9  O   ? A ASN 36  ? A ASN 73  ? 1_555 CA ? B CA . ? A CA 1   ? 1_555 O   ? A SER 45  ? A SER 82  ? 1_555 115.1 ? 
10 OG  ? A SER 45  ? A SER 82  ? 1_555 CA ? B CA . ? A CA 1   ? 1_555 O   ? A SER 45  ? A SER 82  ? 1_555 71.2  ? 
11 O   ? A ARG 31  ? A ARG 68  ? 1_555 CA ? B CA . ? A CA 1   ? 1_555 O   ? A ALA 139 ? A ALA 176 ? 1_555 95.2  ? 
12 OD1 ? A ASP 34  ? A ASP 71  ? 1_555 CA ? B CA . ? A CA 1   ? 1_555 O   ? A ALA 139 ? A ALA 176 ? 1_555 155.8 ? 
13 O   ? A ASN 36  ? A ASN 73  ? 1_555 CA ? B CA . ? A CA 1   ? 1_555 O   ? A ALA 139 ? A ALA 176 ? 1_555 93.3  ? 
14 OG  ? A SER 45  ? A SER 82  ? 1_555 CA ? B CA . ? A CA 1   ? 1_555 O   ? A ALA 139 ? A ALA 176 ? 1_555 133.3 ? 
15 O   ? A SER 45  ? A SER 82  ? 1_555 CA ? B CA . ? A CA 1   ? 1_555 O   ? A ALA 139 ? A ALA 176 ? 1_555 70.7  ? 
16 O   ? A ARG 31  ? A ARG 68  ? 1_555 CA ? B CA . ? A CA 1   ? 1_555 OE1 ? A GLU 140 ? A GLU 177 ? 1_555 88.2  ? 
17 OD1 ? A ASP 34  ? A ASP 71  ? 1_555 CA ? B CA . ? A CA 1   ? 1_555 OE1 ? A GLU 140 ? A GLU 177 ? 1_555 75.6  ? 
18 O   ? A ASN 36  ? A ASN 73  ? 1_555 CA ? B CA . ? A CA 1   ? 1_555 OE1 ? A GLU 140 ? A GLU 177 ? 1_555 81.1  ? 
19 OG  ? A SER 45  ? A SER 82  ? 1_555 CA ? B CA . ? A CA 1   ? 1_555 OE1 ? A GLU 140 ? A GLU 177 ? 1_555 140.6 ? 
20 O   ? A SER 45  ? A SER 82  ? 1_555 CA ? B CA . ? A CA 1   ? 1_555 OE1 ? A GLU 140 ? A GLU 177 ? 1_555 148.2 ? 
21 O   ? A ALA 139 ? A ALA 176 ? 1_555 CA ? B CA . ? A CA 1   ? 1_555 OE1 ? A GLU 140 ? A GLU 177 ? 1_555 81.6  ? 
22 NE2 ? A HIS 43  ? A HIS 80  ? 1_555 NI ? C NI . ? A NI 191 ? 1_555 O   ? E HOH .   ? A HOH 297 ? 1_555 94.9  ? 
23 NE2 ? A HIS 43  ? A HIS 80  ? 1_555 NI ? C NI . ? A NI 191 ? 1_555 O   ? E HOH .   ? A HOH 298 ? 1_555 92.2  ? 
24 O   ? E HOH .   ? A HOH 297 ? 1_555 NI ? C NI . ? A NI 191 ? 1_555 O   ? E HOH .   ? A HOH 298 ? 1_555 96.5  ? 
25 NE2 ? A HIS 43  ? A HIS 80  ? 1_555 NI ? C NI . ? A NI 191 ? 1_555 O   ? E HOH .   ? A HOH 299 ? 1_555 88.1  ? 
26 O   ? E HOH .   ? A HOH 297 ? 1_555 NI ? C NI . ? A NI 191 ? 1_555 O   ? E HOH .   ? A HOH 299 ? 1_555 175.9 ? 
27 O   ? E HOH .   ? A HOH 298 ? 1_555 NI ? C NI . ? A NI 191 ? 1_555 O   ? E HOH .   ? A HOH 299 ? 1_555 86.3  ? 
28 NE2 ? A HIS 43  ? A HIS 80  ? 1_555 NI ? C NI . ? A NI 191 ? 1_555 O   ? E HOH .   ? A HOH 300 ? 1_555 174.0 ? 
29 O   ? E HOH .   ? A HOH 297 ? 1_555 NI ? C NI . ? A NI 191 ? 1_555 O   ? E HOH .   ? A HOH 300 ? 1_555 88.4  ? 
30 O   ? E HOH .   ? A HOH 298 ? 1_555 NI ? C NI . ? A NI 191 ? 1_555 O   ? E HOH .   ? A HOH 300 ? 1_555 92.4  ? 
31 O   ? E HOH .   ? A HOH 299 ? 1_555 NI ? C NI . ? A NI 191 ? 1_555 O   ? E HOH .   ? A HOH 300 ? 1_555 88.4  ? 
32 NE2 ? A HIS 43  ? A HIS 80  ? 1_555 NI ? C NI . ? A NI 191 ? 1_555 O   ? E HOH .   ? A HOH 301 ? 1_555 90.7  ? 
33 O   ? E HOH .   ? A HOH 297 ? 1_555 NI ? C NI . ? A NI 191 ? 1_555 O   ? E HOH .   ? A HOH 301 ? 1_555 86.9  ? 
34 O   ? E HOH .   ? A HOH 298 ? 1_555 NI ? C NI . ? A NI 191 ? 1_555 O   ? E HOH .   ? A HOH 301 ? 1_555 175.4 ? 
35 O   ? E HOH .   ? A HOH 299 ? 1_555 NI ? C NI . ? A NI 191 ? 1_555 O   ? E HOH .   ? A HOH 301 ? 1_555 90.2  ? 
36 O   ? E HOH .   ? A HOH 300 ? 1_555 NI ? C NI . ? A NI 191 ? 1_555 O   ? E HOH .   ? A HOH 301 ? 1_555 84.5  ? 
# 
loop_
_pdbx_audit_revision_history.ordinal 
_pdbx_audit_revision_history.data_content_type 
_pdbx_audit_revision_history.major_revision 
_pdbx_audit_revision_history.minor_revision 
_pdbx_audit_revision_history.revision_date 
1 'Structure model' 1 0 2010-12-29 
2 'Structure model' 1 1 2011-07-13 
3 'Structure model' 1 2 2012-02-29 
4 'Structure model' 1 3 2017-11-01 
5 'Structure model' 1 4 2021-10-13 
6 'Structure model' 1 5 2023-09-06 
# 
_pdbx_audit_revision_details.ordinal             1 
_pdbx_audit_revision_details.revision_ordinal    1 
_pdbx_audit_revision_details.data_content_type   'Structure model' 
_pdbx_audit_revision_details.provider            repository 
_pdbx_audit_revision_details.type                'Initial release' 
_pdbx_audit_revision_details.description         ? 
_pdbx_audit_revision_details.details             ? 
# 
loop_
_pdbx_audit_revision_group.ordinal 
_pdbx_audit_revision_group.revision_ordinal 
_pdbx_audit_revision_group.data_content_type 
_pdbx_audit_revision_group.group 
1 2 'Structure model' 'Version format compliance' 
2 3 'Structure model' 'Database references'       
3 4 'Structure model' 'Refinement description'    
4 5 'Structure model' 'Database references'       
5 5 'Structure model' 'Derived calculations'      
6 6 'Structure model' 'Data collection'           
7 6 'Structure model' 'Refinement description'    
# 
loop_
_pdbx_audit_revision_category.ordinal 
_pdbx_audit_revision_category.revision_ordinal 
_pdbx_audit_revision_category.data_content_type 
_pdbx_audit_revision_category.category 
1 4 'Structure model' software                      
2 5 'Structure model' database_2                    
3 5 'Structure model' pdbx_struct_conn_angle        
4 5 'Structure model' struct_conn                   
5 5 'Structure model' struct_ref_seq_dif            
6 5 'Structure model' struct_site                   
7 6 'Structure model' chem_comp_atom                
8 6 'Structure model' chem_comp_bond                
9 6 'Structure model' pdbx_initial_refinement_model 
# 
loop_
_pdbx_audit_revision_item.ordinal 
_pdbx_audit_revision_item.revision_ordinal 
_pdbx_audit_revision_item.data_content_type 
_pdbx_audit_revision_item.item 
1  5 'Structure model' '_database_2.pdbx_DOI'                        
2  5 'Structure model' '_database_2.pdbx_database_accession'         
3  5 'Structure model' '_pdbx_struct_conn_angle.ptnr1_auth_comp_id'  
4  5 'Structure model' '_pdbx_struct_conn_angle.ptnr1_auth_seq_id'   
5  5 'Structure model' '_pdbx_struct_conn_angle.ptnr1_label_asym_id' 
6  5 'Structure model' '_pdbx_struct_conn_angle.ptnr1_label_atom_id' 
7  5 'Structure model' '_pdbx_struct_conn_angle.ptnr1_label_comp_id' 
8  5 'Structure model' '_pdbx_struct_conn_angle.ptnr1_label_seq_id'  
9  5 'Structure model' '_pdbx_struct_conn_angle.ptnr2_auth_comp_id'  
10 5 'Structure model' '_pdbx_struct_conn_angle.ptnr2_auth_seq_id'   
11 5 'Structure model' '_pdbx_struct_conn_angle.ptnr2_label_asym_id' 
12 5 'Structure model' '_pdbx_struct_conn_angle.ptnr2_label_atom_id' 
13 5 'Structure model' '_pdbx_struct_conn_angle.ptnr2_label_comp_id' 
14 5 'Structure model' '_pdbx_struct_conn_angle.ptnr3_auth_comp_id'  
15 5 'Structure model' '_pdbx_struct_conn_angle.ptnr3_auth_seq_id'   
16 5 'Structure model' '_pdbx_struct_conn_angle.ptnr3_label_asym_id' 
17 5 'Structure model' '_pdbx_struct_conn_angle.ptnr3_label_atom_id' 
18 5 'Structure model' '_pdbx_struct_conn_angle.ptnr3_label_comp_id' 
19 5 'Structure model' '_pdbx_struct_conn_angle.ptnr3_label_seq_id'  
20 5 'Structure model' '_pdbx_struct_conn_angle.value'               
21 5 'Structure model' '_struct_conn.pdbx_dist_value'                
22 5 'Structure model' '_struct_conn.ptnr1_auth_comp_id'             
23 5 'Structure model' '_struct_conn.ptnr1_auth_seq_id'              
24 5 'Structure model' '_struct_conn.ptnr1_label_asym_id'            
25 5 'Structure model' '_struct_conn.ptnr1_label_atom_id'            
26 5 'Structure model' '_struct_conn.ptnr1_label_comp_id'            
27 5 'Structure model' '_struct_conn.ptnr1_label_seq_id'             
28 5 'Structure model' '_struct_conn.ptnr2_auth_comp_id'             
29 5 'Structure model' '_struct_conn.ptnr2_auth_seq_id'              
30 5 'Structure model' '_struct_conn.ptnr2_label_asym_id'            
31 5 'Structure model' '_struct_conn.ptnr2_label_atom_id'            
32 5 'Structure model' '_struct_conn.ptnr2_label_comp_id'            
33 5 'Structure model' '_struct_conn.ptnr2_label_seq_id'             
34 5 'Structure model' '_struct_ref_seq_dif.details'                 
35 5 'Structure model' '_struct_site.pdbx_auth_asym_id'              
36 5 'Structure model' '_struct_site.pdbx_auth_comp_id'              
37 5 'Structure model' '_struct_site.pdbx_auth_seq_id'               
# 
_pdbx_phasing_MR.entry_id                     3LE0 
_pdbx_phasing_MR.method_rotation              ? 
_pdbx_phasing_MR.method_translation           ? 
_pdbx_phasing_MR.model_details                'Phaser MODE: MR_AUTO' 
_pdbx_phasing_MR.R_factor                     ? 
_pdbx_phasing_MR.R_rigid_body                 ? 
_pdbx_phasing_MR.correlation_coeff_Fo_to_Fc   ? 
_pdbx_phasing_MR.correlation_coeff_Io_to_Ic   ? 
_pdbx_phasing_MR.d_res_high_rotation          2.500 
_pdbx_phasing_MR.d_res_low_rotation           31.790 
_pdbx_phasing_MR.d_res_high_translation       2.500 
_pdbx_phasing_MR.d_res_low_translation        31.790 
_pdbx_phasing_MR.packing                      ? 
_pdbx_phasing_MR.reflns_percent_rotation      ? 
_pdbx_phasing_MR.reflns_percent_translation   ? 
_pdbx_phasing_MR.sigma_F_rotation             ? 
_pdbx_phasing_MR.sigma_F_translation          ? 
_pdbx_phasing_MR.sigma_I_rotation             ? 
_pdbx_phasing_MR.sigma_I_translation          ? 
# 
_phasing.method   MR 
# 
loop_
_software.pdbx_ordinal 
_software.name 
_software.version 
_software.date 
_software.type 
_software.contact_author 
_software.contact_author_email 
_software.classification 
_software.location 
_software.language 
_software.citation_id 
1 DENZO       .       ?                         package 'Zbyszek Otwinowski' hkl@hkl-xray.com            'data reduction'  
http://www.hkl-xray.com/                     ?          ? 
2 SCALEPACK   .       ?                         package 'Zbyszek Otwinowski' hkl@hkl-xray.com            'data scaling'    
http://www.hkl-xray.com/                     ?          ? 
3 PHASER      1.3.2   'Fri May 5 14:40:40 2006' program 'Randy J. Read'      cimr-phaser@lists.cam.ac.uk phasing           
http://www-structmed.cimr.cam.ac.uk/phaser/  ?          ? 
4 REFMAC      .       ?                         program 'Garib N. Murshudov' garib@ysbl.york.ac.uk       refinement        
http://www.ccp4.ac.uk/dist/html/refmac5.html Fortran_77 ? 
5 PDB_EXTRACT 3.005   'June 11, 2008'           package PDB                  help@deposit.rcsb.org       'data extraction' 
http://sw-tools.pdb.org/apps/PDB_EXTRACT/    C++        ? 
6 ADSC        Quantum ?                         ?       ?                    ?                           'data collection' ? ? ? 
# 
_pdbx_entry_details.entry_id                 3LE0 
_pdbx_entry_details.nonpolymer_details       ? 
_pdbx_entry_details.sequence_details         
;THE SEQUENCE FOR THE LECTIN DOMAIN OF LECTINOLYSIN WAS DERIVED FROM THE PUBLISHED PROTEIN SEQUENCE PUBLISHED BY FARRAND ET AL. (BIOCHEMISTRY, VOL. 47, 2008). ACCORDING TO THEIR SEQUENCING RESULTS AMINO ACIDS 67 AND 158 ARE THREONINE AND ASPARTATE, RESPECTIVELY. THE CORRECTNESS OF THR 67 AND ASP 158 WAS CONFIRMED IN THE ELECTRON DENSITY MAP.
;
_pdbx_entry_details.compound_details         ? 
_pdbx_entry_details.source_details           ? 
_pdbx_entry_details.has_ligand_of_interest   ? 
# 
loop_
_pdbx_unobs_or_zero_occ_residues.id 
_pdbx_unobs_or_zero_occ_residues.PDB_model_num 
_pdbx_unobs_or_zero_occ_residues.polymer_flag 
_pdbx_unobs_or_zero_occ_residues.occupancy_flag 
_pdbx_unobs_or_zero_occ_residues.auth_asym_id 
_pdbx_unobs_or_zero_occ_residues.auth_comp_id 
_pdbx_unobs_or_zero_occ_residues.auth_seq_id 
_pdbx_unobs_or_zero_occ_residues.PDB_ins_code 
_pdbx_unobs_or_zero_occ_residues.label_asym_id 
_pdbx_unobs_or_zero_occ_residues.label_comp_id 
_pdbx_unobs_or_zero_occ_residues.label_seq_id 
1  1 Y 1 A GLU 38  ? A GLU 1   
2  1 Y 1 A GLN 39  ? A GLN 2   
3  1 Y 1 A GLY 40  ? A GLY 3   
4  1 Y 1 A ASN 41  ? A ASN 4   
5  1 Y 1 A ARG 42  ? A ARG 5   
6  1 Y 1 A PRO 43  ? A PRO 6   
7  1 Y 1 A THR 186 ? A THR 149 
8  1 Y 1 A GLN 187 ? A GLN 150 
9  1 Y 1 A VAL 188 ? A VAL 151 
10 1 Y 1 A GLY 189 ? A GLY 152 
11 1 Y 1 A CYS 190 ? A CYS 153 
# 
loop_
_chem_comp_atom.comp_id 
_chem_comp_atom.atom_id 
_chem_comp_atom.type_symbol 
_chem_comp_atom.pdbx_aromatic_flag 
_chem_comp_atom.pdbx_stereo_config 
_chem_comp_atom.pdbx_ordinal 
ALA N    N  N N 1   
ALA CA   C  N S 2   
ALA C    C  N N 3   
ALA O    O  N N 4   
ALA CB   C  N N 5   
ALA OXT  O  N N 6   
ALA H    H  N N 7   
ALA H2   H  N N 8   
ALA HA   H  N N 9   
ALA HB1  H  N N 10  
ALA HB2  H  N N 11  
ALA HB3  H  N N 12  
ALA HXT  H  N N 13  
ARG N    N  N N 14  
ARG CA   C  N S 15  
ARG C    C  N N 16  
ARG O    O  N N 17  
ARG CB   C  N N 18  
ARG CG   C  N N 19  
ARG CD   C  N N 20  
ARG NE   N  N N 21  
ARG CZ   C  N N 22  
ARG NH1  N  N N 23  
ARG NH2  N  N N 24  
ARG OXT  O  N N 25  
ARG H    H  N N 26  
ARG H2   H  N N 27  
ARG HA   H  N N 28  
ARG HB2  H  N N 29  
ARG HB3  H  N N 30  
ARG HG2  H  N N 31  
ARG HG3  H  N N 32  
ARG HD2  H  N N 33  
ARG HD3  H  N N 34  
ARG HE   H  N N 35  
ARG HH11 H  N N 36  
ARG HH12 H  N N 37  
ARG HH21 H  N N 38  
ARG HH22 H  N N 39  
ARG HXT  H  N N 40  
ASN N    N  N N 41  
ASN CA   C  N S 42  
ASN C    C  N N 43  
ASN O    O  N N 44  
ASN CB   C  N N 45  
ASN CG   C  N N 46  
ASN OD1  O  N N 47  
ASN ND2  N  N N 48  
ASN OXT  O  N N 49  
ASN H    H  N N 50  
ASN H2   H  N N 51  
ASN HA   H  N N 52  
ASN HB2  H  N N 53  
ASN HB3  H  N N 54  
ASN HD21 H  N N 55  
ASN HD22 H  N N 56  
ASN HXT  H  N N 57  
ASP N    N  N N 58  
ASP CA   C  N S 59  
ASP C    C  N N 60  
ASP O    O  N N 61  
ASP CB   C  N N 62  
ASP CG   C  N N 63  
ASP OD1  O  N N 64  
ASP OD2  O  N N 65  
ASP OXT  O  N N 66  
ASP H    H  N N 67  
ASP H2   H  N N 68  
ASP HA   H  N N 69  
ASP HB2  H  N N 70  
ASP HB3  H  N N 71  
ASP HD2  H  N N 72  
ASP HXT  H  N N 73  
CA  CA   CA N N 74  
CYS N    N  N N 75  
CYS CA   C  N R 76  
CYS C    C  N N 77  
CYS O    O  N N 78  
CYS CB   C  N N 79  
CYS SG   S  N N 80  
CYS OXT  O  N N 81  
CYS H    H  N N 82  
CYS H2   H  N N 83  
CYS HA   H  N N 84  
CYS HB2  H  N N 85  
CYS HB3  H  N N 86  
CYS HG   H  N N 87  
CYS HXT  H  N N 88  
GLN N    N  N N 89  
GLN CA   C  N S 90  
GLN C    C  N N 91  
GLN O    O  N N 92  
GLN CB   C  N N 93  
GLN CG   C  N N 94  
GLN CD   C  N N 95  
GLN OE1  O  N N 96  
GLN NE2  N  N N 97  
GLN OXT  O  N N 98  
GLN H    H  N N 99  
GLN H2   H  N N 100 
GLN HA   H  N N 101 
GLN HB2  H  N N 102 
GLN HB3  H  N N 103 
GLN HG2  H  N N 104 
GLN HG3  H  N N 105 
GLN HE21 H  N N 106 
GLN HE22 H  N N 107 
GLN HXT  H  N N 108 
GLU N    N  N N 109 
GLU CA   C  N S 110 
GLU C    C  N N 111 
GLU O    O  N N 112 
GLU CB   C  N N 113 
GLU CG   C  N N 114 
GLU CD   C  N N 115 
GLU OE1  O  N N 116 
GLU OE2  O  N N 117 
GLU OXT  O  N N 118 
GLU H    H  N N 119 
GLU H2   H  N N 120 
GLU HA   H  N N 121 
GLU HB2  H  N N 122 
GLU HB3  H  N N 123 
GLU HG2  H  N N 124 
GLU HG3  H  N N 125 
GLU HE2  H  N N 126 
GLU HXT  H  N N 127 
GLY N    N  N N 128 
GLY CA   C  N N 129 
GLY C    C  N N 130 
GLY O    O  N N 131 
GLY OXT  O  N N 132 
GLY H    H  N N 133 
GLY H2   H  N N 134 
GLY HA2  H  N N 135 
GLY HA3  H  N N 136 
GLY HXT  H  N N 137 
GOL C1   C  N N 138 
GOL O1   O  N N 139 
GOL C2   C  N N 140 
GOL O2   O  N N 141 
GOL C3   C  N N 142 
GOL O3   O  N N 143 
GOL H11  H  N N 144 
GOL H12  H  N N 145 
GOL HO1  H  N N 146 
GOL H2   H  N N 147 
GOL HO2  H  N N 148 
GOL H31  H  N N 149 
GOL H32  H  N N 150 
GOL HO3  H  N N 151 
HIS N    N  N N 152 
HIS CA   C  N S 153 
HIS C    C  N N 154 
HIS O    O  N N 155 
HIS CB   C  N N 156 
HIS CG   C  Y N 157 
HIS ND1  N  Y N 158 
HIS CD2  C  Y N 159 
HIS CE1  C  Y N 160 
HIS NE2  N  Y N 161 
HIS OXT  O  N N 162 
HIS H    H  N N 163 
HIS H2   H  N N 164 
HIS HA   H  N N 165 
HIS HB2  H  N N 166 
HIS HB3  H  N N 167 
HIS HD1  H  N N 168 
HIS HD2  H  N N 169 
HIS HE1  H  N N 170 
HIS HE2  H  N N 171 
HIS HXT  H  N N 172 
HOH O    O  N N 173 
HOH H1   H  N N 174 
HOH H2   H  N N 175 
ILE N    N  N N 176 
ILE CA   C  N S 177 
ILE C    C  N N 178 
ILE O    O  N N 179 
ILE CB   C  N S 180 
ILE CG1  C  N N 181 
ILE CG2  C  N N 182 
ILE CD1  C  N N 183 
ILE OXT  O  N N 184 
ILE H    H  N N 185 
ILE H2   H  N N 186 
ILE HA   H  N N 187 
ILE HB   H  N N 188 
ILE HG12 H  N N 189 
ILE HG13 H  N N 190 
ILE HG21 H  N N 191 
ILE HG22 H  N N 192 
ILE HG23 H  N N 193 
ILE HD11 H  N N 194 
ILE HD12 H  N N 195 
ILE HD13 H  N N 196 
ILE HXT  H  N N 197 
LEU N    N  N N 198 
LEU CA   C  N S 199 
LEU C    C  N N 200 
LEU O    O  N N 201 
LEU CB   C  N N 202 
LEU CG   C  N N 203 
LEU CD1  C  N N 204 
LEU CD2  C  N N 205 
LEU OXT  O  N N 206 
LEU H    H  N N 207 
LEU H2   H  N N 208 
LEU HA   H  N N 209 
LEU HB2  H  N N 210 
LEU HB3  H  N N 211 
LEU HG   H  N N 212 
LEU HD11 H  N N 213 
LEU HD12 H  N N 214 
LEU HD13 H  N N 215 
LEU HD21 H  N N 216 
LEU HD22 H  N N 217 
LEU HD23 H  N N 218 
LEU HXT  H  N N 219 
LYS N    N  N N 220 
LYS CA   C  N S 221 
LYS C    C  N N 222 
LYS O    O  N N 223 
LYS CB   C  N N 224 
LYS CG   C  N N 225 
LYS CD   C  N N 226 
LYS CE   C  N N 227 
LYS NZ   N  N N 228 
LYS OXT  O  N N 229 
LYS H    H  N N 230 
LYS H2   H  N N 231 
LYS HA   H  N N 232 
LYS HB2  H  N N 233 
LYS HB3  H  N N 234 
LYS HG2  H  N N 235 
LYS HG3  H  N N 236 
LYS HD2  H  N N 237 
LYS HD3  H  N N 238 
LYS HE2  H  N N 239 
LYS HE3  H  N N 240 
LYS HZ1  H  N N 241 
LYS HZ2  H  N N 242 
LYS HZ3  H  N N 243 
LYS HXT  H  N N 244 
NI  NI   NI N N 245 
PHE N    N  N N 246 
PHE CA   C  N S 247 
PHE C    C  N N 248 
PHE O    O  N N 249 
PHE CB   C  N N 250 
PHE CG   C  Y N 251 
PHE CD1  C  Y N 252 
PHE CD2  C  Y N 253 
PHE CE1  C  Y N 254 
PHE CE2  C  Y N 255 
PHE CZ   C  Y N 256 
PHE OXT  O  N N 257 
PHE H    H  N N 258 
PHE H2   H  N N 259 
PHE HA   H  N N 260 
PHE HB2  H  N N 261 
PHE HB3  H  N N 262 
PHE HD1  H  N N 263 
PHE HD2  H  N N 264 
PHE HE1  H  N N 265 
PHE HE2  H  N N 266 
PHE HZ   H  N N 267 
PHE HXT  H  N N 268 
PRO N    N  N N 269 
PRO CA   C  N S 270 
PRO C    C  N N 271 
PRO O    O  N N 272 
PRO CB   C  N N 273 
PRO CG   C  N N 274 
PRO CD   C  N N 275 
PRO OXT  O  N N 276 
PRO H    H  N N 277 
PRO HA   H  N N 278 
PRO HB2  H  N N 279 
PRO HB3  H  N N 280 
PRO HG2  H  N N 281 
PRO HG3  H  N N 282 
PRO HD2  H  N N 283 
PRO HD3  H  N N 284 
PRO HXT  H  N N 285 
SER N    N  N N 286 
SER CA   C  N S 287 
SER C    C  N N 288 
SER O    O  N N 289 
SER CB   C  N N 290 
SER OG   O  N N 291 
SER OXT  O  N N 292 
SER H    H  N N 293 
SER H2   H  N N 294 
SER HA   H  N N 295 
SER HB2  H  N N 296 
SER HB3  H  N N 297 
SER HG   H  N N 298 
SER HXT  H  N N 299 
THR N    N  N N 300 
THR CA   C  N S 301 
THR C    C  N N 302 
THR O    O  N N 303 
THR CB   C  N R 304 
THR OG1  O  N N 305 
THR CG2  C  N N 306 
THR OXT  O  N N 307 
THR H    H  N N 308 
THR H2   H  N N 309 
THR HA   H  N N 310 
THR HB   H  N N 311 
THR HG1  H  N N 312 
THR HG21 H  N N 313 
THR HG22 H  N N 314 
THR HG23 H  N N 315 
THR HXT  H  N N 316 
TRP N    N  N N 317 
TRP CA   C  N S 318 
TRP C    C  N N 319 
TRP O    O  N N 320 
TRP CB   C  N N 321 
TRP CG   C  Y N 322 
TRP CD1  C  Y N 323 
TRP CD2  C  Y N 324 
TRP NE1  N  Y N 325 
TRP CE2  C  Y N 326 
TRP CE3  C  Y N 327 
TRP CZ2  C  Y N 328 
TRP CZ3  C  Y N 329 
TRP CH2  C  Y N 330 
TRP OXT  O  N N 331 
TRP H    H  N N 332 
TRP H2   H  N N 333 
TRP HA   H  N N 334 
TRP HB2  H  N N 335 
TRP HB3  H  N N 336 
TRP HD1  H  N N 337 
TRP HE1  H  N N 338 
TRP HE3  H  N N 339 
TRP HZ2  H  N N 340 
TRP HZ3  H  N N 341 
TRP HH2  H  N N 342 
TRP HXT  H  N N 343 
TYR N    N  N N 344 
TYR CA   C  N S 345 
TYR C    C  N N 346 
TYR O    O  N N 347 
TYR CB   C  N N 348 
TYR CG   C  Y N 349 
TYR CD1  C  Y N 350 
TYR CD2  C  Y N 351 
TYR CE1  C  Y N 352 
TYR CE2  C  Y N 353 
TYR CZ   C  Y N 354 
TYR OH   O  N N 355 
TYR OXT  O  N N 356 
TYR H    H  N N 357 
TYR H2   H  N N 358 
TYR HA   H  N N 359 
TYR HB2  H  N N 360 
TYR HB3  H  N N 361 
TYR HD1  H  N N 362 
TYR HD2  H  N N 363 
TYR HE1  H  N N 364 
TYR HE2  H  N N 365 
TYR HH   H  N N 366 
TYR HXT  H  N N 367 
VAL N    N  N N 368 
VAL CA   C  N S 369 
VAL C    C  N N 370 
VAL O    O  N N 371 
VAL CB   C  N N 372 
VAL CG1  C  N N 373 
VAL CG2  C  N N 374 
VAL OXT  O  N N 375 
VAL H    H  N N 376 
VAL H2   H  N N 377 
VAL HA   H  N N 378 
VAL HB   H  N N 379 
VAL HG11 H  N N 380 
VAL HG12 H  N N 381 
VAL HG13 H  N N 382 
VAL HG21 H  N N 383 
VAL HG22 H  N N 384 
VAL HG23 H  N N 385 
VAL HXT  H  N N 386 
# 
loop_
_chem_comp_bond.comp_id 
_chem_comp_bond.atom_id_1 
_chem_comp_bond.atom_id_2 
_chem_comp_bond.value_order 
_chem_comp_bond.pdbx_aromatic_flag 
_chem_comp_bond.pdbx_stereo_config 
_chem_comp_bond.pdbx_ordinal 
ALA N   CA   sing N N 1   
ALA N   H    sing N N 2   
ALA N   H2   sing N N 3   
ALA CA  C    sing N N 4   
ALA CA  CB   sing N N 5   
ALA CA  HA   sing N N 6   
ALA C   O    doub N N 7   
ALA C   OXT  sing N N 8   
ALA CB  HB1  sing N N 9   
ALA CB  HB2  sing N N 10  
ALA CB  HB3  sing N N 11  
ALA OXT HXT  sing N N 12  
ARG N   CA   sing N N 13  
ARG N   H    sing N N 14  
ARG N   H2   sing N N 15  
ARG CA  C    sing N N 16  
ARG CA  CB   sing N N 17  
ARG CA  HA   sing N N 18  
ARG C   O    doub N N 19  
ARG C   OXT  sing N N 20  
ARG CB  CG   sing N N 21  
ARG CB  HB2  sing N N 22  
ARG CB  HB3  sing N N 23  
ARG CG  CD   sing N N 24  
ARG CG  HG2  sing N N 25  
ARG CG  HG3  sing N N 26  
ARG CD  NE   sing N N 27  
ARG CD  HD2  sing N N 28  
ARG CD  HD3  sing N N 29  
ARG NE  CZ   sing N N 30  
ARG NE  HE   sing N N 31  
ARG CZ  NH1  sing N N 32  
ARG CZ  NH2  doub N N 33  
ARG NH1 HH11 sing N N 34  
ARG NH1 HH12 sing N N 35  
ARG NH2 HH21 sing N N 36  
ARG NH2 HH22 sing N N 37  
ARG OXT HXT  sing N N 38  
ASN N   CA   sing N N 39  
ASN N   H    sing N N 40  
ASN N   H2   sing N N 41  
ASN CA  C    sing N N 42  
ASN CA  CB   sing N N 43  
ASN CA  HA   sing N N 44  
ASN C   O    doub N N 45  
ASN C   OXT  sing N N 46  
ASN CB  CG   sing N N 47  
ASN CB  HB2  sing N N 48  
ASN CB  HB3  sing N N 49  
ASN CG  OD1  doub N N 50  
ASN CG  ND2  sing N N 51  
ASN ND2 HD21 sing N N 52  
ASN ND2 HD22 sing N N 53  
ASN OXT HXT  sing N N 54  
ASP N   CA   sing N N 55  
ASP N   H    sing N N 56  
ASP N   H2   sing N N 57  
ASP CA  C    sing N N 58  
ASP CA  CB   sing N N 59  
ASP CA  HA   sing N N 60  
ASP C   O    doub N N 61  
ASP C   OXT  sing N N 62  
ASP CB  CG   sing N N 63  
ASP CB  HB2  sing N N 64  
ASP CB  HB3  sing N N 65  
ASP CG  OD1  doub N N 66  
ASP CG  OD2  sing N N 67  
ASP OD2 HD2  sing N N 68  
ASP OXT HXT  sing N N 69  
CYS N   CA   sing N N 70  
CYS N   H    sing N N 71  
CYS N   H2   sing N N 72  
CYS CA  C    sing N N 73  
CYS CA  CB   sing N N 74  
CYS CA  HA   sing N N 75  
CYS C   O    doub N N 76  
CYS C   OXT  sing N N 77  
CYS CB  SG   sing N N 78  
CYS CB  HB2  sing N N 79  
CYS CB  HB3  sing N N 80  
CYS SG  HG   sing N N 81  
CYS OXT HXT  sing N N 82  
GLN N   CA   sing N N 83  
GLN N   H    sing N N 84  
GLN N   H2   sing N N 85  
GLN CA  C    sing N N 86  
GLN CA  CB   sing N N 87  
GLN CA  HA   sing N N 88  
GLN C   O    doub N N 89  
GLN C   OXT  sing N N 90  
GLN CB  CG   sing N N 91  
GLN CB  HB2  sing N N 92  
GLN CB  HB3  sing N N 93  
GLN CG  CD   sing N N 94  
GLN CG  HG2  sing N N 95  
GLN CG  HG3  sing N N 96  
GLN CD  OE1  doub N N 97  
GLN CD  NE2  sing N N 98  
GLN NE2 HE21 sing N N 99  
GLN NE2 HE22 sing N N 100 
GLN OXT HXT  sing N N 101 
GLU N   CA   sing N N 102 
GLU N   H    sing N N 103 
GLU N   H2   sing N N 104 
GLU CA  C    sing N N 105 
GLU CA  CB   sing N N 106 
GLU CA  HA   sing N N 107 
GLU C   O    doub N N 108 
GLU C   OXT  sing N N 109 
GLU CB  CG   sing N N 110 
GLU CB  HB2  sing N N 111 
GLU CB  HB3  sing N N 112 
GLU CG  CD   sing N N 113 
GLU CG  HG2  sing N N 114 
GLU CG  HG3  sing N N 115 
GLU CD  OE1  doub N N 116 
GLU CD  OE2  sing N N 117 
GLU OE2 HE2  sing N N 118 
GLU OXT HXT  sing N N 119 
GLY N   CA   sing N N 120 
GLY N   H    sing N N 121 
GLY N   H2   sing N N 122 
GLY CA  C    sing N N 123 
GLY CA  HA2  sing N N 124 
GLY CA  HA3  sing N N 125 
GLY C   O    doub N N 126 
GLY C   OXT  sing N N 127 
GLY OXT HXT  sing N N 128 
GOL C1  O1   sing N N 129 
GOL C1  C2   sing N N 130 
GOL C1  H11  sing N N 131 
GOL C1  H12  sing N N 132 
GOL O1  HO1  sing N N 133 
GOL C2  O2   sing N N 134 
GOL C2  C3   sing N N 135 
GOL C2  H2   sing N N 136 
GOL O2  HO2  sing N N 137 
GOL C3  O3   sing N N 138 
GOL C3  H31  sing N N 139 
GOL C3  H32  sing N N 140 
GOL O3  HO3  sing N N 141 
HIS N   CA   sing N N 142 
HIS N   H    sing N N 143 
HIS N   H2   sing N N 144 
HIS CA  C    sing N N 145 
HIS CA  CB   sing N N 146 
HIS CA  HA   sing N N 147 
HIS C   O    doub N N 148 
HIS C   OXT  sing N N 149 
HIS CB  CG   sing N N 150 
HIS CB  HB2  sing N N 151 
HIS CB  HB3  sing N N 152 
HIS CG  ND1  sing Y N 153 
HIS CG  CD2  doub Y N 154 
HIS ND1 CE1  doub Y N 155 
HIS ND1 HD1  sing N N 156 
HIS CD2 NE2  sing Y N 157 
HIS CD2 HD2  sing N N 158 
HIS CE1 NE2  sing Y N 159 
HIS CE1 HE1  sing N N 160 
HIS NE2 HE2  sing N N 161 
HIS OXT HXT  sing N N 162 
HOH O   H1   sing N N 163 
HOH O   H2   sing N N 164 
ILE N   CA   sing N N 165 
ILE N   H    sing N N 166 
ILE N   H2   sing N N 167 
ILE CA  C    sing N N 168 
ILE CA  CB   sing N N 169 
ILE CA  HA   sing N N 170 
ILE C   O    doub N N 171 
ILE C   OXT  sing N N 172 
ILE CB  CG1  sing N N 173 
ILE CB  CG2  sing N N 174 
ILE CB  HB   sing N N 175 
ILE CG1 CD1  sing N N 176 
ILE CG1 HG12 sing N N 177 
ILE CG1 HG13 sing N N 178 
ILE CG2 HG21 sing N N 179 
ILE CG2 HG22 sing N N 180 
ILE CG2 HG23 sing N N 181 
ILE CD1 HD11 sing N N 182 
ILE CD1 HD12 sing N N 183 
ILE CD1 HD13 sing N N 184 
ILE OXT HXT  sing N N 185 
LEU N   CA   sing N N 186 
LEU N   H    sing N N 187 
LEU N   H2   sing N N 188 
LEU CA  C    sing N N 189 
LEU CA  CB   sing N N 190 
LEU CA  HA   sing N N 191 
LEU C   O    doub N N 192 
LEU C   OXT  sing N N 193 
LEU CB  CG   sing N N 194 
LEU CB  HB2  sing N N 195 
LEU CB  HB3  sing N N 196 
LEU CG  CD1  sing N N 197 
LEU CG  CD2  sing N N 198 
LEU CG  HG   sing N N 199 
LEU CD1 HD11 sing N N 200 
LEU CD1 HD12 sing N N 201 
LEU CD1 HD13 sing N N 202 
LEU CD2 HD21 sing N N 203 
LEU CD2 HD22 sing N N 204 
LEU CD2 HD23 sing N N 205 
LEU OXT HXT  sing N N 206 
LYS N   CA   sing N N 207 
LYS N   H    sing N N 208 
LYS N   H2   sing N N 209 
LYS CA  C    sing N N 210 
LYS CA  CB   sing N N 211 
LYS CA  HA   sing N N 212 
LYS C   O    doub N N 213 
LYS C   OXT  sing N N 214 
LYS CB  CG   sing N N 215 
LYS CB  HB2  sing N N 216 
LYS CB  HB3  sing N N 217 
LYS CG  CD   sing N N 218 
LYS CG  HG2  sing N N 219 
LYS CG  HG3  sing N N 220 
LYS CD  CE   sing N N 221 
LYS CD  HD2  sing N N 222 
LYS CD  HD3  sing N N 223 
LYS CE  NZ   sing N N 224 
LYS CE  HE2  sing N N 225 
LYS CE  HE3  sing N N 226 
LYS NZ  HZ1  sing N N 227 
LYS NZ  HZ2  sing N N 228 
LYS NZ  HZ3  sing N N 229 
LYS OXT HXT  sing N N 230 
PHE N   CA   sing N N 231 
PHE N   H    sing N N 232 
PHE N   H2   sing N N 233 
PHE CA  C    sing N N 234 
PHE CA  CB   sing N N 235 
PHE CA  HA   sing N N 236 
PHE C   O    doub N N 237 
PHE C   OXT  sing N N 238 
PHE CB  CG   sing N N 239 
PHE CB  HB2  sing N N 240 
PHE CB  HB3  sing N N 241 
PHE CG  CD1  doub Y N 242 
PHE CG  CD2  sing Y N 243 
PHE CD1 CE1  sing Y N 244 
PHE CD1 HD1  sing N N 245 
PHE CD2 CE2  doub Y N 246 
PHE CD2 HD2  sing N N 247 
PHE CE1 CZ   doub Y N 248 
PHE CE1 HE1  sing N N 249 
PHE CE2 CZ   sing Y N 250 
PHE CE2 HE2  sing N N 251 
PHE CZ  HZ   sing N N 252 
PHE OXT HXT  sing N N 253 
PRO N   CA   sing N N 254 
PRO N   CD   sing N N 255 
PRO N   H    sing N N 256 
PRO CA  C    sing N N 257 
PRO CA  CB   sing N N 258 
PRO CA  HA   sing N N 259 
PRO C   O    doub N N 260 
PRO C   OXT  sing N N 261 
PRO CB  CG   sing N N 262 
PRO CB  HB2  sing N N 263 
PRO CB  HB3  sing N N 264 
PRO CG  CD   sing N N 265 
PRO CG  HG2  sing N N 266 
PRO CG  HG3  sing N N 267 
PRO CD  HD2  sing N N 268 
PRO CD  HD3  sing N N 269 
PRO OXT HXT  sing N N 270 
SER N   CA   sing N N 271 
SER N   H    sing N N 272 
SER N   H2   sing N N 273 
SER CA  C    sing N N 274 
SER CA  CB   sing N N 275 
SER CA  HA   sing N N 276 
SER C   O    doub N N 277 
SER C   OXT  sing N N 278 
SER CB  OG   sing N N 279 
SER CB  HB2  sing N N 280 
SER CB  HB3  sing N N 281 
SER OG  HG   sing N N 282 
SER OXT HXT  sing N N 283 
THR N   CA   sing N N 284 
THR N   H    sing N N 285 
THR N   H2   sing N N 286 
THR CA  C    sing N N 287 
THR CA  CB   sing N N 288 
THR CA  HA   sing N N 289 
THR C   O    doub N N 290 
THR C   OXT  sing N N 291 
THR CB  OG1  sing N N 292 
THR CB  CG2  sing N N 293 
THR CB  HB   sing N N 294 
THR OG1 HG1  sing N N 295 
THR CG2 HG21 sing N N 296 
THR CG2 HG22 sing N N 297 
THR CG2 HG23 sing N N 298 
THR OXT HXT  sing N N 299 
TRP N   CA   sing N N 300 
TRP N   H    sing N N 301 
TRP N   H2   sing N N 302 
TRP CA  C    sing N N 303 
TRP CA  CB   sing N N 304 
TRP CA  HA   sing N N 305 
TRP C   O    doub N N 306 
TRP C   OXT  sing N N 307 
TRP CB  CG   sing N N 308 
TRP CB  HB2  sing N N 309 
TRP CB  HB3  sing N N 310 
TRP CG  CD1  doub Y N 311 
TRP CG  CD2  sing Y N 312 
TRP CD1 NE1  sing Y N 313 
TRP CD1 HD1  sing N N 314 
TRP CD2 CE2  doub Y N 315 
TRP CD2 CE3  sing Y N 316 
TRP NE1 CE2  sing Y N 317 
TRP NE1 HE1  sing N N 318 
TRP CE2 CZ2  sing Y N 319 
TRP CE3 CZ3  doub Y N 320 
TRP CE3 HE3  sing N N 321 
TRP CZ2 CH2  doub Y N 322 
TRP CZ2 HZ2  sing N N 323 
TRP CZ3 CH2  sing Y N 324 
TRP CZ3 HZ3  sing N N 325 
TRP CH2 HH2  sing N N 326 
TRP OXT HXT  sing N N 327 
TYR N   CA   sing N N 328 
TYR N   H    sing N N 329 
TYR N   H2   sing N N 330 
TYR CA  C    sing N N 331 
TYR CA  CB   sing N N 332 
TYR CA  HA   sing N N 333 
TYR C   O    doub N N 334 
TYR C   OXT  sing N N 335 
TYR CB  CG   sing N N 336 
TYR CB  HB2  sing N N 337 
TYR CB  HB3  sing N N 338 
TYR CG  CD1  doub Y N 339 
TYR CG  CD2  sing Y N 340 
TYR CD1 CE1  sing Y N 341 
TYR CD1 HD1  sing N N 342 
TYR CD2 CE2  doub Y N 343 
TYR CD2 HD2  sing N N 344 
TYR CE1 CZ   doub Y N 345 
TYR CE1 HE1  sing N N 346 
TYR CE2 CZ   sing Y N 347 
TYR CE2 HE2  sing N N 348 
TYR CZ  OH   sing N N 349 
TYR OH  HH   sing N N 350 
TYR OXT HXT  sing N N 351 
VAL N   CA   sing N N 352 
VAL N   H    sing N N 353 
VAL N   H2   sing N N 354 
VAL CA  C    sing N N 355 
VAL CA  CB   sing N N 356 
VAL CA  HA   sing N N 357 
VAL C   O    doub N N 358 
VAL C   OXT  sing N N 359 
VAL CB  CG1  sing N N 360 
VAL CB  CG2  sing N N 361 
VAL CB  HB   sing N N 362 
VAL CG1 HG11 sing N N 363 
VAL CG1 HG12 sing N N 364 
VAL CG1 HG13 sing N N 365 
VAL CG2 HG21 sing N N 366 
VAL CG2 HG22 sing N N 367 
VAL CG2 HG23 sing N N 368 
VAL OXT HXT  sing N N 369 
# 
loop_
_pdbx_entity_nonpoly.entity_id 
_pdbx_entity_nonpoly.name 
_pdbx_entity_nonpoly.comp_id 
2 'CALCIUM ION'     CA  
3 'NICKEL (II) ION' NI  
4 GLYCEROL          GOL 
5 water             HOH 
# 
_pdbx_initial_refinement_model.id               1 
_pdbx_initial_refinement_model.entity_id_list   ? 
_pdbx_initial_refinement_model.type             'experimental model' 
_pdbx_initial_refinement_model.source_name      PDB 
_pdbx_initial_refinement_model.accession_code   2J1R 
_pdbx_initial_refinement_model.details          'PDB entry 2J1R' 
# 
